data_8V2K
#
_entry.id   8V2K
#
_cell.length_a   66.889
_cell.length_b   113.073
_cell.length_c   120.332
_cell.angle_alpha   90.000
_cell.angle_beta   98.330
_cell.angle_gamma   90.000
#
_symmetry.space_group_name_H-M   'P 1 21 1'
#
loop_
_entity.id
_entity.type
_entity.pdbx_description
1 polymer Tryptophanase
2 non-polymer 'POTASSIUM ION'
3 non-polymer (E)-N-({3-hydroxy-2-methyl-5-[(phosphonooxy)methyl]pyridin-4-yl}methylidene)-L-alanine
4 non-polymer 'DIMETHYL SULFOXIDE'
5 non-polymer '(2E)-2-{[(Z)-{3-HYDROXY-2-METHYL-5-[(PHOSPHONOOXY)METHYL]PYRIDIN-4(1H)-YLIDENE}METHYL]IMINO}PROPANOIC ACID'
6 water water
#
_entity_poly.entity_id   1
_entity_poly.type   'polypeptide(L)'
_entity_poly.pdbx_seq_one_letter_code
;MAKRIVEPFRIKMVEKIRVPSREEREAALKEAGYNPFLLPSSAVYIDLLTDSGTNAMSDHQWAAMITGDEAYAGSRNYYD
LKDKAKELFNYDYIIPAHQGRGAENILFPVLLKYKQKEGKAKNPVFISNFHFDTTAAHVELNGCKAINIVTEKAFDSETY
DDWKGDFDIKKLKENIAQHGADNIVAIVSTVTCNSAGGQPVSMSNLKEVYEIAKQHGIFVVMDSARFCENAYFIKARDPK
YKNATIKEVIFDMYKYADALTMSAKKDPLLNIGGLVAIRDNEEIFTLARQRCVPMEGFVTYGGLAGRDMAAMVQGLEEGT
EEEYLHYRIGQVKYLGDRLREAGIPIQYPTGGHAVFVDCKKLVPQIPGDQFPAQAVINALYLESGVRAVEIGSFLLGRDP
ATGEQKHADMEFMRLTIARRVYTNDHMDYIADALIGLKEKFATLKGLEFEYEPPVLRHFTARLKPIE
;
_entity_poly.pdbx_strand_id   A,B,C,D
#
loop_
_chem_comp.id
_chem_comp.type
_chem_comp.name
_chem_comp.formula
DMS non-polymer 'DIMETHYL SULFOXIDE' 'C2 H6 O S'
K non-polymer 'POTASSIUM ION' 'K 1'
PLI non-polymer '(2E)-2-{[(Z)-{3-HYDROXY-2-METHYL-5-[(PHOSPHONOOXY)METHYL]PYRIDIN-4(1H)-YLIDENE}METHYL]IMINO}PROPANOIC ACID' 'C11 H15 N2 O7 P'
#
# COMPACT_ATOMS: atom_id res chain seq x y z
N ALA A 2 -22.52 14.66 28.53
CA ALA A 2 -21.48 14.14 27.65
C ALA A 2 -21.94 14.22 26.20
N LYS A 3 -21.16 14.92 25.36
CA LYS A 3 -21.54 15.19 23.98
C LYS A 3 -20.59 14.45 23.04
N ARG A 4 -21.16 13.63 22.17
CA ARG A 4 -20.40 12.92 21.15
CA ARG A 4 -20.40 12.92 21.15
C ARG A 4 -20.21 13.81 19.94
N ILE A 5 -18.97 13.92 19.48
CA ILE A 5 -18.63 14.69 18.28
C ILE A 5 -18.36 13.71 17.15
N VAL A 6 -18.92 13.99 15.98
CA VAL A 6 -18.81 13.06 14.86
C VAL A 6 -17.44 13.17 14.22
N GLU A 7 -16.96 12.06 13.66
CA GLU A 7 -15.66 12.02 13.00
C GLU A 7 -15.66 12.92 11.77
N PRO A 8 -14.64 13.78 11.60
CA PRO A 8 -14.51 14.55 10.36
C PRO A 8 -13.82 13.74 9.27
N PHE A 9 -14.10 12.44 9.26
CA PHE A 9 -13.53 11.51 8.32
C PHE A 9 -14.42 10.27 8.30
N ARG A 10 -14.13 9.36 7.38
CA ARG A 10 -14.74 8.05 7.40
C ARG A 10 -13.63 7.02 7.35
N ILE A 11 -13.98 5.78 7.69
CA ILE A 11 -13.01 4.71 7.79
C ILE A 11 -12.66 4.21 6.40
N LYS A 12 -11.36 4.05 6.15
CA LYS A 12 -10.90 3.46 4.91
C LYS A 12 -10.23 2.11 5.10
N MET A 13 -9.69 1.84 6.29
CA MET A 13 -9.08 0.55 6.56
C MET A 13 -9.28 0.21 8.03
N VAL A 14 -9.67 -1.03 8.30
CA VAL A 14 -9.94 -1.48 9.65
C VAL A 14 -8.87 -2.47 10.08
N GLU A 15 -8.78 -2.68 11.39
CA GLU A 15 -7.84 -3.61 12.00
C GLU A 15 -8.57 -4.39 13.07
N LYS A 16 -8.53 -5.71 12.98
CA LYS A 16 -9.28 -6.56 13.89
C LYS A 16 -8.83 -6.38 15.34
N ILE A 17 -9.79 -6.42 16.27
CA ILE A 17 -9.52 -6.54 17.70
C ILE A 17 -10.57 -7.48 18.28
N ARG A 18 -10.21 -8.08 19.42
CA ARG A 18 -11.10 -9.03 20.07
C ARG A 18 -10.94 -8.94 21.58
N VAL A 19 -12.03 -9.25 22.28
CA VAL A 19 -12.02 -9.32 23.74
C VAL A 19 -11.63 -10.73 24.14
N PRO A 20 -10.46 -10.93 24.73
CA PRO A 20 -10.12 -12.27 25.25
C PRO A 20 -11.02 -12.63 26.41
N SER A 21 -11.32 -13.93 26.52
CA SER A 21 -12.25 -14.41 27.53
C SER A 21 -11.77 -14.06 28.93
N ARG A 22 -12.70 -14.11 29.89
CA ARG A 22 -12.36 -13.86 31.29
C ARG A 22 -11.26 -14.80 31.76
N GLU A 23 -11.32 -16.06 31.32
CA GLU A 23 -10.27 -17.02 31.67
C GLU A 23 -8.93 -16.63 31.05
N GLU A 24 -8.93 -16.31 29.76
CA GLU A 24 -7.70 -15.92 29.09
C GLU A 24 -7.10 -14.65 29.71
N ARG A 25 -7.96 -13.67 30.03
CA ARG A 25 -7.46 -12.45 30.66
C ARG A 25 -6.83 -12.76 32.02
N GLU A 26 -7.46 -13.64 32.79
CA GLU A 26 -6.88 -14.06 34.06
C GLU A 26 -5.52 -14.68 33.85
N ALA A 27 -5.46 -15.75 33.05
CA ALA A 27 -4.19 -16.40 32.75
C ALA A 27 -3.17 -15.42 32.18
N ALA A 28 -3.60 -14.53 31.30
CA ALA A 28 -2.67 -13.60 30.66
C ALA A 28 -2.02 -12.68 31.69
N LEU A 29 -2.82 -12.10 32.59
CA LEU A 29 -2.25 -11.21 33.60
C LEU A 29 -1.38 -11.97 34.59
N LYS A 30 -1.70 -13.25 34.84
CA LYS A 30 -0.81 -14.08 35.66
C LYS A 30 0.58 -14.15 35.04
N GLU A 31 0.66 -14.67 33.81
CA GLU A 31 1.94 -14.79 33.12
C GLU A 31 2.67 -13.46 32.99
N ALA A 32 1.95 -12.34 32.99
CA ALA A 32 2.56 -11.02 32.96
C ALA A 32 2.94 -10.52 34.34
N GLY A 33 2.83 -11.35 35.37
CA GLY A 33 3.17 -10.93 36.72
C GLY A 33 2.36 -9.75 37.21
N TYR A 34 1.10 -9.65 36.79
CA TYR A 34 0.21 -8.55 37.21
C TYR A 34 0.81 -7.19 36.83
N ASN A 35 1.46 -7.14 35.67
CA ASN A 35 1.99 -5.89 35.12
C ASN A 35 1.55 -5.80 33.68
N PRO A 36 0.70 -4.82 33.32
CA PRO A 36 0.24 -4.74 31.92
C PRO A 36 1.33 -4.38 30.94
N PHE A 37 2.38 -3.68 31.36
CA PHE A 37 3.48 -3.38 30.44
C PHE A 37 4.16 -4.65 29.93
N LEU A 38 3.99 -5.78 30.62
CA LEU A 38 4.48 -7.06 30.18
C LEU A 38 3.45 -7.87 29.40
N LEU A 39 2.25 -7.33 29.21
CA LEU A 39 1.24 -8.06 28.46
C LEU A 39 1.58 -8.01 26.97
N PRO A 40 1.34 -9.09 26.23
CA PRO A 40 1.40 -9.01 24.78
C PRO A 40 0.15 -8.33 24.25
N SER A 41 0.29 -7.69 23.09
CA SER A 41 -0.85 -6.99 22.50
C SER A 41 -2.00 -7.95 22.21
N SER A 42 -1.71 -9.22 21.97
CA SER A 42 -2.76 -10.21 21.73
C SER A 42 -3.67 -10.39 22.93
N ALA A 43 -3.23 -9.99 24.13
CA ALA A 43 -4.04 -10.11 25.33
C ALA A 43 -4.83 -8.84 25.64
N VAL A 44 -4.78 -7.83 24.77
CA VAL A 44 -5.42 -6.55 25.00
C VAL A 44 -6.56 -6.37 24.00
N TYR A 45 -7.68 -5.83 24.49
CA TYR A 45 -8.79 -5.50 23.62
C TYR A 45 -8.64 -4.07 23.10
N ILE A 46 -8.90 -3.09 23.95
CA ILE A 46 -8.66 -1.69 23.66
C ILE A 46 -7.43 -1.26 24.43
N ASP A 47 -6.42 -0.77 23.72
CA ASP A 47 -5.13 -0.46 24.31
C ASP A 47 -5.06 1.04 24.58
N LEU A 48 -5.14 1.41 25.86
CA LEU A 48 -5.00 2.79 26.31
C LEU A 48 -3.66 3.05 26.97
N LEU A 49 -2.66 2.20 26.69
CA LEU A 49 -1.36 2.38 27.33
C LEU A 49 -0.74 3.73 26.98
N THR A 50 -0.86 4.14 25.72
CA THR A 50 -0.23 5.37 25.27
C THR A 50 -0.97 5.91 24.05
N ASP A 51 -0.74 7.19 23.77
CA ASP A 51 -1.15 7.81 22.52
C ASP A 51 0.02 8.00 21.57
N SER A 52 1.13 7.31 21.82
CA SER A 52 2.38 7.53 21.08
C SER A 52 2.53 6.42 20.03
N GLY A 53 2.55 6.82 18.76
CA GLY A 53 2.87 5.89 17.68
C GLY A 53 1.78 4.89 17.34
N THR A 54 0.61 5.01 17.95
CA THR A 54 -0.50 4.10 17.70
C THR A 54 -1.60 4.74 16.87
N ASN A 55 -1.35 5.92 16.31
CA ASN A 55 -2.37 6.66 15.59
C ASN A 55 -2.70 6.00 14.26
N ALA A 56 -3.89 6.30 13.75
CA ALA A 56 -4.31 5.87 12.43
C ALA A 56 -3.98 6.97 11.44
N MET A 57 -3.21 6.62 10.41
CA MET A 57 -2.84 7.57 9.38
C MET A 57 -3.94 7.71 8.34
N SER A 58 -3.83 8.73 7.51
CA SER A 58 -4.76 8.97 6.41
C SER A 58 -4.25 8.29 5.15
N ASP A 59 -5.15 8.16 4.16
CA ASP A 59 -4.73 7.68 2.86
C ASP A 59 -3.69 8.60 2.24
N HIS A 60 -3.79 9.92 2.48
CA HIS A 60 -2.78 10.83 1.97
C HIS A 60 -1.42 10.61 2.63
N GLN A 61 -1.40 10.17 3.88
CA GLN A 61 -0.14 9.86 4.53
C GLN A 61 0.49 8.60 3.96
N TRP A 62 -0.33 7.55 3.75
CA TRP A 62 0.19 6.33 3.14
C TRP A 62 0.67 6.58 1.72
N ALA A 63 -0.03 7.42 0.97
CA ALA A 63 0.42 7.72 -0.39
C ALA A 63 1.75 8.45 -0.37
N ALA A 64 1.95 9.34 0.60
CA ALA A 64 3.24 10.02 0.75
C ALA A 64 4.35 9.03 1.06
N MET A 65 4.07 8.02 1.90
CA MET A 65 5.08 7.01 2.18
C MET A 65 5.48 6.26 0.94
N ILE A 66 4.51 5.95 0.07
CA ILE A 66 4.76 5.09 -1.08
C ILE A 66 5.71 5.76 -2.06
N THR A 67 5.62 7.08 -2.20
CA THR A 67 6.56 7.82 -3.03
C THR A 67 7.71 8.42 -2.23
N GLY A 68 7.94 7.95 -1.02
CA GLY A 68 9.02 8.49 -0.20
C GLY A 68 10.38 8.18 -0.80
N ASP A 69 11.28 9.16 -0.70
CA ASP A 69 12.63 9.06 -1.24
C ASP A 69 13.54 8.48 -0.15
N GLU A 70 14.05 7.28 -0.38
CA GLU A 70 14.85 6.56 0.62
C GLU A 70 16.33 6.87 0.55
N ALA A 71 16.72 7.90 -0.19
CA ALA A 71 18.14 8.22 -0.37
C ALA A 71 18.83 8.42 0.96
N TYR A 72 20.09 7.99 1.04
CA TYR A 72 20.87 8.16 2.26
C TYR A 72 21.13 9.63 2.55
N ALA A 73 21.42 10.42 1.51
CA ALA A 73 21.75 11.83 1.67
C ALA A 73 20.90 12.65 0.70
N GLY A 74 20.32 13.74 1.19
CA GLY A 74 19.59 14.65 0.32
C GLY A 74 18.23 14.15 -0.11
N SER A 75 17.57 13.33 0.70
CA SER A 75 16.23 12.85 0.37
C SER A 75 15.30 14.01 0.05
N ARG A 76 14.46 13.81 -0.98
CA ARG A 76 13.49 14.83 -1.35
C ARG A 76 12.62 15.22 -0.16
N ASN A 77 12.25 14.24 0.67
CA ASN A 77 11.35 14.49 1.79
C ASN A 77 12.02 15.27 2.92
N TYR A 78 13.35 15.21 3.02
CA TYR A 78 14.04 16.04 4.01
C TYR A 78 13.81 17.52 3.73
N TYR A 79 13.96 17.92 2.47
CA TYR A 79 13.78 19.33 2.11
C TYR A 79 12.33 19.75 2.30
N ASP A 80 11.37 18.88 1.97
CA ASP A 80 9.96 19.16 2.25
C ASP A 80 9.74 19.38 3.74
N LEU A 81 10.34 18.53 4.58
CA LEU A 81 10.20 18.67 6.02
C LEU A 81 10.86 19.96 6.50
N LYS A 82 11.96 20.37 5.88
CA LYS A 82 12.60 21.63 6.26
C LYS A 82 11.71 22.81 5.93
N ASP A 83 11.10 22.80 4.74
CA ASP A 83 10.16 23.85 4.39
C ASP A 83 8.95 23.85 5.32
N LYS A 84 8.46 22.66 5.69
CA LYS A 84 7.27 22.59 6.53
C LYS A 84 7.54 23.20 7.89
N ALA A 85 8.71 22.94 8.46
CA ALA A 85 9.06 23.52 9.75
C ALA A 85 9.21 25.03 9.65
N LYS A 86 9.78 25.51 8.54
CA LYS A 86 9.83 26.95 8.33
C LYS A 86 8.42 27.54 8.22
N GLU A 87 7.51 26.82 7.57
CA GLU A 87 6.13 27.29 7.46
C GLU A 87 5.46 27.35 8.83
N LEU A 88 5.50 26.24 9.58
CA LEU A 88 4.71 26.15 10.81
C LEU A 88 5.33 26.97 11.93
N PHE A 89 6.65 26.87 12.11
CA PHE A 89 7.30 27.44 13.28
C PHE A 89 8.12 28.67 12.99
N ASN A 90 8.42 28.95 11.72
CA ASN A 90 9.36 30.00 11.32
C ASN A 90 10.79 29.68 11.79
N TYR A 91 11.14 28.40 11.84
CA TYR A 91 12.46 27.96 12.27
C TYR A 91 13.27 27.53 11.06
N ASP A 92 14.54 27.96 11.02
CA ASP A 92 15.34 27.85 9.81
C ASP A 92 16.11 26.55 9.67
N TYR A 93 16.31 25.80 10.76
CA TYR A 93 17.13 24.60 10.71
C TYR A 93 16.36 23.42 11.28
N ILE A 94 16.53 22.25 10.68
CA ILE A 94 15.90 21.03 11.15
C ILE A 94 16.90 19.89 11.18
N ILE A 95 16.69 18.96 12.10
CA ILE A 95 17.38 17.67 12.15
C ILE A 95 16.32 16.63 12.45
N PRO A 96 15.99 15.72 11.53
CA PRO A 96 15.07 14.65 11.86
C PRO A 96 15.67 13.72 12.90
N ALA A 97 14.78 13.03 13.62
CA ALA A 97 15.18 12.05 14.62
C ALA A 97 14.18 10.92 14.57
N HIS A 98 14.58 9.74 15.07
CA HIS A 98 13.71 8.58 14.91
C HIS A 98 12.47 8.68 15.79
N GLN A 99 12.55 9.37 16.92
CA GLN A 99 11.37 9.72 17.71
C GLN A 99 11.76 10.79 18.72
N GLY A 100 10.88 11.04 19.69
CA GLY A 100 11.05 12.18 20.57
C GLY A 100 12.30 12.11 21.42
N ARG A 101 12.51 10.98 22.11
CA ARG A 101 13.68 10.85 22.95
C ARG A 101 14.97 10.80 22.14
N GLY A 102 14.89 10.43 20.87
CA GLY A 102 16.05 10.61 20.00
C GLY A 102 16.37 12.07 19.76
N ALA A 103 15.33 12.89 19.59
CA ALA A 103 15.53 14.32 19.45
C ALA A 103 16.16 14.91 20.70
N GLU A 104 15.71 14.46 21.88
CA GLU A 104 16.29 14.94 23.13
C GLU A 104 17.74 14.50 23.28
N ASN A 105 18.05 13.28 22.85
CA ASN A 105 19.44 12.81 22.91
C ASN A 105 20.34 13.62 21.98
N ILE A 106 19.79 14.17 20.89
CA ILE A 106 20.57 14.98 19.97
C ILE A 106 20.88 16.34 20.59
N LEU A 107 19.85 17.00 21.14
CA LEU A 107 19.93 18.42 21.48
C LEU A 107 20.42 18.68 22.91
N PHE A 108 20.00 17.87 23.88
CA PHE A 108 20.30 18.22 25.27
C PHE A 108 21.79 18.15 25.57
N PRO A 109 22.54 17.12 25.18
CA PRO A 109 23.99 17.17 25.41
C PRO A 109 24.66 18.35 24.74
N VAL A 110 24.16 18.78 23.58
CA VAL A 110 24.75 19.92 22.88
C VAL A 110 24.53 21.20 23.68
N LEU A 111 23.33 21.38 24.23
CA LEU A 111 23.04 22.57 25.02
C LEU A 111 23.89 22.62 26.28
N LEU A 112 24.14 21.46 26.90
CA LEU A 112 25.01 21.42 28.06
C LEU A 112 26.43 21.83 27.70
N LYS A 113 26.98 21.23 26.64
CA LYS A 113 28.34 21.57 26.21
C LYS A 113 28.45 23.03 25.79
N TYR A 114 27.42 23.53 25.10
CA TYR A 114 27.40 24.93 24.68
C TYR A 114 27.37 25.87 25.88
N LYS A 115 26.60 25.51 26.91
CA LYS A 115 26.53 26.36 28.11
C LYS A 115 27.85 26.37 28.87
N GLN A 116 28.59 25.26 28.85
CA GLN A 116 29.87 25.14 29.53
C GLN A 116 31.05 25.71 28.73
N LYS A 117 30.80 26.48 27.67
CA LYS A 117 31.85 26.81 26.72
C LYS A 117 32.97 27.63 27.36
N GLU A 118 32.61 28.60 28.20
CA GLU A 118 33.59 29.48 28.82
C GLU A 118 33.80 29.16 30.31
N GLY A 119 33.43 27.97 30.75
CA GLY A 119 33.70 27.55 32.11
C GLY A 119 32.60 27.82 33.11
N LYS A 120 31.37 28.08 32.67
CA LYS A 120 30.25 28.23 33.56
C LYS A 120 29.45 26.94 33.60
N ALA A 121 28.26 26.99 34.20
CA ALA A 121 27.36 25.83 34.29
C ALA A 121 28.05 24.66 34.99
N LYS A 122 28.76 24.96 36.08
CA LYS A 122 29.39 23.89 36.86
C LYS A 122 28.38 23.09 37.66
N ASN A 123 27.20 23.66 37.91
CA ASN A 123 26.08 22.98 38.58
C ASN A 123 24.87 23.05 37.65
N PRO A 124 24.92 22.35 36.51
CA PRO A 124 23.92 22.58 35.47
C PRO A 124 22.55 22.03 35.85
N VAL A 125 21.50 22.77 35.52
CA VAL A 125 20.13 22.32 35.70
C VAL A 125 19.32 22.65 34.46
N PHE A 126 18.20 21.93 34.31
CA PHE A 126 17.15 22.23 33.36
C PHE A 126 15.88 22.56 34.13
N ILE A 127 15.11 23.53 33.65
CA ILE A 127 13.84 23.93 34.27
C ILE A 127 12.72 23.74 33.27
N SER A 128 11.65 23.09 33.71
CA SER A 128 10.47 22.87 32.89
C SER A 128 9.21 23.02 33.73
N ASN A 129 8.07 23.28 33.07
CA ASN A 129 6.80 23.16 33.76
C ASN A 129 6.59 21.73 34.24
N PHE A 130 6.93 20.74 33.40
CA PHE A 130 7.15 19.38 33.86
C PHE A 130 7.90 18.55 32.82
N HIS A 131 9.15 18.18 33.13
CA HIS A 131 9.89 17.27 32.27
C HIS A 131 9.16 15.95 32.15
N PHE A 132 8.95 15.49 30.91
CA PHE A 132 8.49 14.13 30.71
C PHE A 132 9.58 13.15 31.16
N ASP A 133 9.17 11.89 31.34
CA ASP A 133 10.07 10.88 31.90
C ASP A 133 11.36 10.75 31.09
N THR A 134 11.26 10.57 29.77
CA THR A 134 12.47 10.45 28.96
C THR A 134 13.25 11.76 28.93
N THR A 135 12.53 12.88 28.91
CA THR A 135 13.17 14.19 28.92
C THR A 135 14.01 14.37 30.18
N ALA A 136 13.40 14.11 31.35
CA ALA A 136 14.14 14.19 32.61
C ALA A 136 15.26 13.17 32.67
N ALA A 137 15.10 12.01 32.01
CA ALA A 137 16.17 11.02 32.03
C ALA A 137 17.41 11.52 31.31
N HIS A 138 17.24 12.18 30.16
CA HIS A 138 18.39 12.65 29.41
C HIS A 138 19.11 13.79 30.13
N VAL A 139 18.36 14.67 30.79
CA VAL A 139 18.98 15.73 31.59
CA VAL A 139 19.02 15.73 31.55
C VAL A 139 19.85 15.11 32.69
N GLU A 140 19.34 14.06 33.32
CA GLU A 140 20.06 13.42 34.42
C GLU A 140 21.20 12.54 33.94
N LEU A 141 21.04 11.87 32.80
CA LEU A 141 22.13 11.10 32.23
C LEU A 141 23.30 12.00 31.85
N ASN A 142 23.03 13.26 31.59
CA ASN A 142 24.06 14.23 31.25
C ASN A 142 24.55 15.00 32.47
N GLY A 143 24.17 14.58 33.67
CA GLY A 143 24.72 15.12 34.90
C GLY A 143 23.98 16.29 35.50
N CYS A 144 22.88 16.71 34.90
CA CYS A 144 22.12 17.86 35.40
C CYS A 144 20.94 17.41 36.25
N LYS A 145 20.27 18.39 36.85
CA LYS A 145 19.04 18.14 37.60
C LYS A 145 17.83 18.58 36.79
N ALA A 146 16.73 17.86 36.97
CA ALA A 146 15.47 18.15 36.29
C ALA A 146 14.53 18.81 37.30
N ILE A 147 14.33 20.12 37.14
CA ILE A 147 13.52 20.92 38.04
C ILE A 147 12.16 21.14 37.39
N ASN A 148 11.10 20.70 38.07
CA ASN A 148 9.73 20.82 37.60
C ASN A 148 9.00 21.86 38.43
N ILE A 149 8.34 22.82 37.76
CA ILE A 149 7.67 23.91 38.46
C ILE A 149 6.30 24.18 37.86
N VAL A 150 5.47 23.14 37.74
CA VAL A 150 4.13 23.36 37.21
C VAL A 150 3.28 24.16 38.20
N THR A 151 2.28 24.84 37.67
CA THR A 151 1.39 25.66 38.48
C THR A 151 0.71 24.81 39.56
N GLU A 152 0.43 25.45 40.70
CA GLU A 152 -0.20 24.75 41.81
C GLU A 152 -1.63 24.31 41.45
N LYS A 153 -2.26 24.99 40.51
CA LYS A 153 -3.61 24.63 40.11
C LYS A 153 -3.68 23.23 39.53
N ALA A 154 -2.56 22.74 38.96
CA ALA A 154 -2.53 21.39 38.44
C ALA A 154 -2.73 20.32 39.52
N PHE A 155 -2.63 20.69 40.80
CA PHE A 155 -2.70 19.74 41.90
C PHE A 155 -4.09 19.65 42.53
N ASP A 156 -5.03 20.47 42.10
CA ASP A 156 -6.42 20.41 42.56
C ASP A 156 -7.25 19.85 41.41
N SER A 157 -7.37 18.52 41.40
CA SER A 157 -7.87 17.80 40.22
C SER A 157 -9.28 18.26 39.84
N GLU A 158 -10.23 18.14 40.78
CA GLU A 158 -11.61 18.39 40.44
C GLU A 158 -11.93 19.87 40.22
N THR A 159 -11.01 20.77 40.54
CA THR A 159 -11.25 22.20 40.41
C THR A 159 -10.78 22.69 39.04
N TYR A 160 -11.71 23.22 38.25
CA TYR A 160 -11.40 23.67 36.91
C TYR A 160 -10.42 24.83 36.92
N ASP A 161 -9.47 24.81 35.97
CA ASP A 161 -8.66 25.96 35.62
C ASP A 161 -8.41 25.92 34.12
N ASP A 162 -8.24 27.10 33.53
CA ASP A 162 -8.03 27.18 32.08
C ASP A 162 -6.65 26.68 31.67
N TRP A 163 -5.64 26.81 32.52
CA TRP A 163 -4.27 26.56 32.10
C TRP A 163 -3.48 25.80 33.17
N LYS A 164 -3.90 24.56 33.44
CA LYS A 164 -3.21 23.73 34.43
C LYS A 164 -1.82 23.27 34.00
N GLY A 165 -1.36 23.62 32.80
CA GLY A 165 -0.01 23.32 32.40
C GLY A 165 0.98 24.47 32.55
N ASP A 166 0.54 25.63 33.03
CA ASP A 166 1.38 26.82 33.09
C ASP A 166 2.61 26.60 33.96
N PHE A 167 3.64 27.40 33.71
CA PHE A 167 4.75 27.55 34.63
C PHE A 167 4.29 28.32 35.88
N ASP A 168 4.83 27.93 37.03
CA ASP A 168 4.76 28.76 38.22
C ASP A 168 5.83 29.84 38.05
N ILE A 169 5.41 31.05 37.67
CA ILE A 169 6.37 32.10 37.33
C ILE A 169 7.21 32.49 38.54
N LYS A 170 6.60 32.48 39.75
CA LYS A 170 7.37 32.79 40.95
C LYS A 170 8.47 31.77 41.18
N LYS A 171 8.16 30.47 41.05
CA LYS A 171 9.17 29.44 41.17
C LYS A 171 10.22 29.53 40.06
N LEU A 172 9.82 29.99 38.86
CA LEU A 172 10.80 30.17 37.81
C LEU A 172 11.81 31.23 38.18
N LYS A 173 11.36 32.36 38.74
CA LYS A 173 12.27 33.40 39.16
C LYS A 173 13.09 32.99 40.37
N GLU A 174 12.52 32.18 41.26
CA GLU A 174 13.25 31.73 42.44
C GLU A 174 14.36 30.76 42.05
N ASN A 175 14.10 29.86 41.10
CA ASN A 175 15.14 28.91 40.71
C ASN A 175 16.25 29.60 39.92
N ILE A 176 15.92 30.62 39.14
CA ILE A 176 16.95 31.39 38.46
C ILE A 176 17.87 32.05 39.49
N ALA A 177 17.30 32.56 40.59
CA ALA A 177 18.12 33.22 41.59
C ALA A 177 18.92 32.22 42.40
N GLN A 178 18.35 31.05 42.69
CA GLN A 178 19.00 30.09 43.57
C GLN A 178 20.15 29.38 42.86
N HIS A 179 19.93 28.93 41.64
CA HIS A 179 20.97 28.22 40.91
C HIS A 179 21.85 29.16 40.09
N GLY A 180 21.32 30.31 39.68
CA GLY A 180 22.06 31.22 38.83
C GLY A 180 21.79 30.95 37.36
N ALA A 181 21.55 32.02 36.60
CA ALA A 181 21.26 31.88 35.17
C ALA A 181 22.37 31.11 34.45
N ASP A 182 23.63 31.28 34.86
CA ASP A 182 24.74 30.60 34.22
C ASP A 182 24.72 29.09 34.44
N ASN A 183 23.91 28.60 35.38
CA ASN A 183 23.75 27.16 35.59
C ASN A 183 22.51 26.60 34.91
N ILE A 184 21.62 27.44 34.41
CA ILE A 184 20.42 26.98 33.74
CA ILE A 184 20.40 27.00 33.73
C ILE A 184 20.78 26.69 32.28
N VAL A 185 20.97 25.41 31.97
CA VAL A 185 21.31 25.02 30.61
C VAL A 185 20.20 25.41 29.65
N ALA A 186 18.96 25.13 30.04
CA ALA A 186 17.81 25.47 29.20
C ALA A 186 16.54 25.44 30.03
N ILE A 187 15.54 26.16 29.55
CA ILE A 187 14.16 26.03 30.02
C ILE A 187 13.39 25.22 28.99
N VAL A 188 12.64 24.24 29.45
CA VAL A 188 11.89 23.35 28.58
C VAL A 188 10.40 23.61 28.76
N SER A 189 9.78 24.25 27.77
CA SER A 189 8.35 24.50 27.76
C SER A 189 7.66 23.30 27.12
N THR A 190 6.96 22.51 27.92
CA THR A 190 6.31 21.29 27.45
C THR A 190 4.85 21.60 27.14
N VAL A 191 4.44 21.44 25.88
CA VAL A 191 3.09 21.79 25.42
C VAL A 191 2.52 20.62 24.64
N THR A 192 1.36 20.11 25.06
CA THR A 192 0.71 20.34 26.33
C THR A 192 1.60 19.80 27.44
N CYS A 193 1.31 20.14 28.69
CA CYS A 193 2.09 19.62 29.80
C CYS A 193 1.58 18.21 30.10
N ASN A 194 2.29 17.20 29.57
CA ASN A 194 1.81 15.83 29.63
C ASN A 194 1.62 15.36 31.07
N SER A 195 2.63 15.57 31.92
CA SER A 195 2.59 15.00 33.26
C SER A 195 1.57 15.68 34.16
N ALA A 196 1.10 16.88 33.80
CA ALA A 196 0.03 17.54 34.55
C ALA A 196 -1.35 17.13 34.08
N GLY A 197 -1.45 16.23 33.10
CA GLY A 197 -2.72 15.76 32.61
C GLY A 197 -3.01 16.18 31.19
N GLY A 198 -1.96 16.36 30.39
CA GLY A 198 -2.12 16.92 29.07
C GLY A 198 -2.71 18.31 29.07
N GLN A 199 -2.44 19.07 30.12
CA GLN A 199 -3.06 20.37 30.36
C GLN A 199 -2.31 21.47 29.62
N PRO A 200 -3.04 22.42 29.05
CA PRO A 200 -2.41 23.41 28.17
C PRO A 200 -1.65 24.49 28.92
N VAL A 201 -0.72 25.10 28.20
CA VAL A 201 0.00 26.28 28.64
C VAL A 201 -0.51 27.48 27.84
N SER A 202 -0.86 28.55 28.53
CA SER A 202 -1.41 29.72 27.85
C SER A 202 -0.32 30.45 27.07
N MET A 203 -0.75 31.19 26.04
CA MET A 203 0.19 31.96 25.23
C MET A 203 0.91 33.00 26.08
N SER A 204 0.21 33.64 27.02
CA SER A 204 0.85 34.65 27.84
C SER A 204 1.83 34.02 28.83
N ASN A 205 1.56 32.79 29.27
CA ASN A 205 2.54 32.08 30.11
C ASN A 205 3.81 31.77 29.33
N LEU A 206 3.66 31.19 28.13
CA LEU A 206 4.80 30.98 27.25
C LEU A 206 5.54 32.29 27.00
N LYS A 207 4.81 33.37 26.75
CA LYS A 207 5.44 34.65 26.44
C LYS A 207 6.25 35.17 27.62
N GLU A 208 5.71 35.06 28.83
CA GLU A 208 6.41 35.57 30.00
C GLU A 208 7.63 34.72 30.33
N VAL A 209 7.54 33.40 30.15
CA VAL A 209 8.69 32.54 30.41
C VAL A 209 9.83 32.87 29.47
N TYR A 210 9.51 33.04 28.18
CA TYR A 210 10.54 33.37 27.20
C TYR A 210 11.21 34.70 27.52
N GLU A 211 10.42 35.71 27.89
CA GLU A 211 11.00 37.02 28.15
C GLU A 211 11.86 37.02 29.39
N ILE A 212 11.43 36.30 30.45
CA ILE A 212 12.29 36.11 31.61
C ILE A 212 13.57 35.40 31.21
N ALA A 213 13.46 34.43 30.30
CA ALA A 213 14.63 33.67 29.89
C ALA A 213 15.58 34.52 29.06
N LYS A 214 15.03 35.36 28.17
CA LYS A 214 15.89 36.14 27.28
C LYS A 214 16.66 37.20 28.05
N GLN A 215 16.03 37.85 29.03
CA GLN A 215 16.73 38.84 29.83
C GLN A 215 17.85 38.20 30.65
N HIS A 216 17.76 36.91 30.94
CA HIS A 216 18.82 36.20 31.64
C HIS A 216 19.72 35.40 30.70
N GLY A 217 19.48 35.46 29.39
CA GLY A 217 20.30 34.71 28.45
C GLY A 217 20.16 33.21 28.56
N ILE A 218 18.95 32.71 28.79
CA ILE A 218 18.69 31.29 28.92
C ILE A 218 18.03 30.78 27.64
N PHE A 219 18.54 29.66 27.13
CA PHE A 219 17.98 29.04 25.94
C PHE A 219 16.67 28.35 26.29
N VAL A 220 15.66 28.52 25.43
CA VAL A 220 14.33 27.94 25.64
C VAL A 220 14.10 26.87 24.59
N VAL A 221 13.66 25.69 25.03
CA VAL A 221 13.32 24.58 24.14
C VAL A 221 11.86 24.24 24.34
N MET A 222 11.11 24.14 23.25
CA MET A 222 9.70 23.78 23.29
C MET A 222 9.57 22.29 23.03
N ASP A 223 9.27 21.52 24.07
CA ASP A 223 8.87 20.13 23.91
C ASP A 223 7.50 20.11 23.24
N SER A 224 7.43 19.62 22.01
CA SER A 224 6.33 19.90 21.10
C SER A 224 5.48 18.68 20.76
N ALA A 225 5.60 17.58 21.50
CA ALA A 225 4.87 16.36 21.15
C ALA A 225 3.39 16.64 20.89
N ARG A 226 2.76 17.42 21.76
CA ARG A 226 1.33 17.69 21.66
C ARG A 226 1.06 19.19 21.47
N PHE A 227 1.84 19.82 20.59
CA PHE A 227 1.73 21.26 20.38
C PHE A 227 0.44 21.66 19.69
N CYS A 228 -0.16 20.75 18.90
CA CYS A 228 -1.41 21.09 18.22
C CYS A 228 -2.57 21.08 19.20
N GLU A 229 -2.59 20.10 20.12
CA GLU A 229 -3.60 20.11 21.16
C GLU A 229 -3.46 21.32 22.07
N ASN A 230 -2.22 21.76 22.33
CA ASN A 230 -2.04 22.99 23.10
C ASN A 230 -2.54 24.20 22.32
N ALA A 231 -2.29 24.25 21.01
CA ALA A 231 -2.76 25.37 20.20
C ALA A 231 -4.28 25.41 20.16
N TYR A 232 -4.94 24.25 20.13
CA TYR A 232 -6.40 24.23 20.15
C TYR A 232 -6.93 24.82 21.44
N PHE A 233 -6.32 24.47 22.58
CA PHE A 233 -6.80 24.98 23.86
C PHE A 233 -6.60 26.49 23.97
N ILE A 234 -5.51 27.00 23.41
CA ILE A 234 -5.30 28.44 23.40
C ILE A 234 -6.42 29.12 22.61
N LYS A 235 -6.73 28.59 21.42
CA LYS A 235 -7.82 29.18 20.63
C LYS A 235 -9.16 29.06 21.35
N ALA A 236 -9.37 27.97 22.09
CA ALA A 236 -10.65 27.76 22.74
C ALA A 236 -10.83 28.60 23.99
N ARG A 237 -9.74 28.90 24.72
CA ARG A 237 -9.85 29.52 26.03
C ARG A 237 -9.23 30.90 26.15
N ASP A 238 -8.46 31.36 25.15
CA ASP A 238 -7.84 32.68 25.22
C ASP A 238 -8.58 33.63 24.30
N PRO A 239 -9.22 34.69 24.83
CA PRO A 239 -10.02 35.56 23.95
C PRO A 239 -9.19 36.21 22.85
N LYS A 240 -7.90 36.43 23.08
CA LYS A 240 -7.06 37.04 22.07
C LYS A 240 -6.96 36.17 20.83
N TYR A 241 -7.09 34.86 20.97
CA TYR A 241 -6.93 33.93 19.87
C TYR A 241 -8.22 33.25 19.45
N LYS A 242 -9.36 33.64 20.05
CA LYS A 242 -10.63 32.97 19.77
C LYS A 242 -10.95 32.97 18.28
N ASN A 243 -10.51 33.99 17.54
CA ASN A 243 -10.83 34.11 16.12
C ASN A 243 -9.61 33.92 15.23
N ALA A 244 -8.54 33.34 15.76
CA ALA A 244 -7.35 33.03 14.97
C ALA A 244 -7.41 31.59 14.47
N THR A 245 -6.61 31.30 13.45
CA THR A 245 -6.50 29.93 12.98
C THR A 245 -5.56 29.15 13.89
N ILE A 246 -5.62 27.82 13.78
CA ILE A 246 -4.70 27.00 14.57
C ILE A 246 -3.26 27.26 14.17
N LYS A 247 -3.00 27.44 12.87
CA LYS A 247 -1.63 27.71 12.43
C LYS A 247 -1.13 29.05 12.95
N GLU A 248 -2.01 30.05 13.02
CA GLU A 248 -1.61 31.34 13.57
C GLU A 248 -1.28 31.24 15.05
N VAL A 249 -1.99 30.38 15.78
CA VAL A 249 -1.66 30.17 17.19
C VAL A 249 -0.32 29.45 17.31
N ILE A 250 -0.07 28.47 16.46
CA ILE A 250 1.21 27.76 16.48
C ILE A 250 2.34 28.73 16.19
N PHE A 251 2.19 29.53 15.13
CA PHE A 251 3.22 30.51 14.78
C PHE A 251 3.58 31.39 15.97
N ASP A 252 2.56 31.88 16.69
CA ASP A 252 2.81 32.73 17.84
C ASP A 252 3.46 31.96 18.99
N MET A 253 3.04 30.71 19.20
CA MET A 253 3.64 29.90 20.26
C MET A 253 5.16 29.82 20.12
N TYR A 254 5.65 29.67 18.90
CA TYR A 254 7.06 29.40 18.67
C TYR A 254 7.88 30.66 18.48
N LYS A 255 7.27 31.85 18.63
CA LYS A 255 8.04 33.05 18.90
C LYS A 255 8.64 33.04 20.30
N TYR A 256 8.18 32.12 21.17
CA TYR A 256 8.60 32.07 22.56
C TYR A 256 9.44 30.83 22.85
N ALA A 257 10.20 30.38 21.85
CA ALA A 257 11.23 29.38 22.05
C ALA A 257 12.33 29.63 21.04
N ASP A 258 13.52 29.08 21.32
CA ASP A 258 14.65 29.15 20.43
C ASP A 258 14.86 27.85 19.64
N ALA A 259 14.20 26.78 20.04
CA ALA A 259 14.30 25.49 19.38
C ALA A 259 13.15 24.63 19.89
N LEU A 260 12.96 23.48 19.24
CA LEU A 260 11.97 22.51 19.69
C LEU A 260 12.51 21.10 19.54
N THR A 261 12.05 20.22 20.43
CA THR A 261 12.15 18.79 20.27
C THR A 261 10.75 18.23 20.17
N MET A 262 10.54 17.32 19.22
CA MET A 262 9.19 16.86 18.92
C MET A 262 9.16 15.35 18.74
N SER A 263 8.22 14.71 19.41
CA SER A 263 7.83 13.34 19.08
C SER A 263 6.71 13.42 18.05
N ALA A 264 7.04 13.10 16.80
CA ALA A 264 6.02 13.10 15.76
C ALA A 264 5.05 11.94 15.90
N LYS A 265 5.26 11.06 16.87
CA LYS A 265 4.36 9.94 17.15
C LYS A 265 3.08 10.38 17.84
N LYS A 266 2.94 11.68 18.11
CA LYS A 266 1.75 12.22 18.76
C LYS A 266 0.94 13.04 17.77
N ASP A 267 0.95 14.37 17.95
CA ASP A 267 0.08 15.22 17.17
C ASP A 267 0.31 15.15 15.65
N PRO A 268 1.51 14.88 15.13
CA PRO A 268 1.64 14.66 13.67
C PRO A 268 1.04 13.36 13.17
N LEU A 269 0.44 12.53 14.02
CA LEU A 269 -0.37 11.39 13.59
C LEU A 269 0.46 10.29 12.95
N LEU A 270 1.66 10.04 13.48
CA LEU A 270 2.56 9.05 12.90
C LEU A 270 2.69 7.86 13.83
N ASN A 271 3.25 6.77 13.29
CA ASN A 271 3.61 5.62 14.10
C ASN A 271 5.06 5.65 14.55
N ILE A 272 5.88 6.50 13.93
CA ILE A 272 7.28 6.66 14.29
C ILE A 272 7.70 8.02 13.78
N GLY A 273 8.75 8.58 14.35
CA GLY A 273 9.27 9.85 13.88
C GLY A 273 9.47 10.87 14.97
N GLY A 274 10.48 11.71 14.78
CA GLY A 274 10.80 12.79 15.70
C GLY A 274 11.49 13.90 14.94
N LEU A 275 11.66 15.03 15.61
CA LEU A 275 12.14 16.23 14.92
C LEU A 275 12.86 17.13 15.91
N VAL A 276 13.99 17.67 15.47
CA VAL A 276 14.65 18.79 16.13
C VAL A 276 14.57 19.98 15.17
N ALA A 277 14.13 21.12 15.68
CA ALA A 277 14.09 22.34 14.88
C ALA A 277 14.69 23.47 15.68
N ILE A 278 15.53 24.27 15.03
CA ILE A 278 16.24 25.36 15.67
C ILE A 278 15.89 26.65 14.95
N ARG A 279 15.56 27.69 15.73
CA ARG A 279 15.04 28.93 15.16
C ARG A 279 16.08 29.62 14.29
N ASP A 280 17.23 29.96 14.86
CA ASP A 280 18.25 30.67 14.08
C ASP A 280 19.66 30.53 14.63
N ASN A 281 19.86 29.72 15.67
CA ASN A 281 21.19 29.56 16.26
C ASN A 281 21.96 28.53 15.44
N GLU A 282 22.79 28.99 14.51
CA GLU A 282 23.45 28.06 13.60
C GLU A 282 24.56 27.28 14.28
N GLU A 283 25.21 27.86 15.29
CA GLU A 283 26.26 27.13 15.99
C GLU A 283 25.70 25.90 16.69
N ILE A 284 24.58 26.07 17.40
CA ILE A 284 23.92 24.94 18.04
C ILE A 284 23.43 23.94 17.00
N PHE A 285 22.97 24.44 15.85
CA PHE A 285 22.54 23.55 14.78
C PHE A 285 23.69 22.69 14.28
N THR A 286 24.88 23.27 14.14
CA THR A 286 26.04 22.49 13.69
C THR A 286 26.44 21.48 14.75
N LEU A 287 26.41 21.86 16.03
CA LEU A 287 26.79 20.91 17.08
C LEU A 287 25.79 19.78 17.20
N ALA A 288 24.50 20.10 17.10
CA ALA A 288 23.48 19.05 17.13
C ALA A 288 23.61 18.12 15.93
N ARG A 289 24.00 18.65 14.76
CA ARG A 289 24.23 17.79 13.61
C ARG A 289 25.39 16.84 13.85
N GLN A 290 26.45 17.32 14.50
CA GLN A 290 27.59 16.47 14.79
C GLN A 290 27.21 15.33 15.74
N ARG A 291 26.24 15.54 16.62
CA ARG A 291 25.80 14.45 17.49
C ARG A 291 24.79 13.54 16.81
N CYS A 292 23.98 14.11 15.90
CA CYS A 292 23.02 13.31 15.17
C CYS A 292 23.69 12.19 14.38
N VAL A 293 24.89 12.43 13.87
CA VAL A 293 25.55 11.44 13.01
C VAL A 293 25.81 10.12 13.73
N PRO A 294 26.49 10.09 14.88
CA PRO A 294 26.71 8.79 15.54
C PRO A 294 25.47 8.23 16.22
N MET A 295 24.55 9.07 16.68
CA MET A 295 23.44 8.64 17.52
C MET A 295 22.22 8.19 16.73
N GLU A 296 21.93 8.84 15.62
CA GLU A 296 20.68 8.63 14.90
C GLU A 296 20.89 8.20 13.47
N GLY A 297 21.73 8.91 12.72
CA GLY A 297 21.93 8.65 11.32
C GLY A 297 22.48 9.91 10.66
N PHE A 298 22.58 9.86 9.34
CA PHE A 298 23.01 11.04 8.61
C PHE A 298 21.97 12.15 8.74
N VAL A 299 22.42 13.39 8.60
CA VAL A 299 21.63 14.54 9.04
C VAL A 299 20.42 14.82 8.17
N THR A 300 20.27 14.15 7.02
CA THR A 300 19.12 14.34 6.15
C THR A 300 18.12 13.19 6.23
N TYR A 301 18.28 12.26 7.18
CA TYR A 301 17.18 11.34 7.51
C TYR A 301 17.08 11.04 8.99
N GLY A 302 18.15 11.18 9.77
CA GLY A 302 18.06 11.17 11.22
C GLY A 302 17.48 9.91 11.84
N GLY A 303 17.78 8.75 11.27
CA GLY A 303 17.23 7.51 11.77
C GLY A 303 15.82 7.19 11.32
N LEU A 304 15.31 7.89 10.32
CA LEU A 304 14.00 7.62 9.75
C LEU A 304 14.13 7.12 8.32
N ALA A 305 13.29 6.16 7.94
CA ALA A 305 13.07 5.90 6.53
C ALA A 305 12.57 7.16 5.84
N GLY A 306 12.91 7.30 4.56
CA GLY A 306 12.42 8.45 3.81
C GLY A 306 10.91 8.52 3.79
N ARG A 307 10.24 7.36 3.74
CA ARG A 307 8.79 7.32 3.75
C ARG A 307 8.21 7.87 5.04
N ASP A 308 8.95 7.74 6.15
CA ASP A 308 8.45 8.28 7.41
C ASP A 308 8.64 9.79 7.49
N MET A 309 9.65 10.34 6.82
CA MET A 309 9.73 11.78 6.67
C MET A 309 8.59 12.30 5.79
N ALA A 310 8.30 11.58 4.70
CA ALA A 310 7.17 11.96 3.86
C ALA A 310 5.86 11.91 4.64
N ALA A 311 5.68 10.86 5.46
CA ALA A 311 4.47 10.80 6.29
C ALA A 311 4.42 11.96 7.28
N MET A 312 5.59 12.41 7.75
CA MET A 312 5.64 13.50 8.72
C MET A 312 5.26 14.83 8.08
N VAL A 313 5.68 15.06 6.84
CA VAL A 313 5.31 16.30 6.17
C VAL A 313 3.79 16.39 6.03
N GLN A 314 3.15 15.28 5.65
CA GLN A 314 1.71 15.27 5.52
C GLN A 314 1.02 15.32 6.88
N GLY A 315 1.53 14.54 7.85
CA GLY A 315 0.91 14.51 9.16
C GLY A 315 1.02 15.83 9.92
N LEU A 316 2.12 16.55 9.74
CA LEU A 316 2.24 17.86 10.36
C LEU A 316 1.13 18.80 9.89
N GLU A 317 0.66 18.62 8.66
CA GLU A 317 -0.46 19.43 8.17
C GLU A 317 -1.79 18.95 8.73
N GLU A 318 -2.02 17.64 8.70
CA GLU A 318 -3.30 17.11 9.17
C GLU A 318 -3.51 17.37 10.65
N GLY A 319 -2.43 17.41 11.44
CA GLY A 319 -2.54 17.60 12.87
C GLY A 319 -2.95 18.99 13.30
N THR A 320 -2.80 19.99 12.43
CA THR A 320 -3.21 21.35 12.73
C THR A 320 -4.65 21.65 12.34
N GLU A 321 -5.35 20.73 11.69
CA GLU A 321 -6.68 21.02 11.19
C GLU A 321 -7.68 21.10 12.35
N GLU A 322 -8.39 22.23 12.43
CA GLU A 322 -9.23 22.50 13.60
C GLU A 322 -10.39 21.51 13.70
N GLU A 323 -10.97 21.10 12.57
CA GLU A 323 -12.08 20.16 12.63
CA GLU A 323 -12.08 20.15 12.62
C GLU A 323 -11.65 18.83 13.23
N TYR A 324 -10.44 18.37 12.90
CA TYR A 324 -9.93 17.14 13.50
C TYR A 324 -9.66 17.34 15.00
N LEU A 325 -8.97 18.43 15.35
CA LEU A 325 -8.65 18.70 16.75
C LEU A 325 -9.92 18.80 17.58
N HIS A 326 -10.95 19.48 17.07
CA HIS A 326 -12.22 19.56 17.77
C HIS A 326 -12.79 18.18 18.08
N TYR A 327 -12.73 17.26 17.10
CA TYR A 327 -13.24 15.91 17.34
CA TYR A 327 -13.24 15.91 17.33
C TYR A 327 -12.32 15.13 18.27
N ARG A 328 -11.01 15.25 18.08
CA ARG A 328 -10.06 14.49 18.90
C ARG A 328 -10.19 14.88 20.36
N ILE A 329 -10.12 16.17 20.65
CA ILE A 329 -10.16 16.62 22.03
C ILE A 329 -11.56 16.47 22.60
N GLY A 330 -12.59 16.57 21.73
CA GLY A 330 -13.94 16.34 22.19
C GLY A 330 -14.22 14.90 22.56
N GLN A 331 -13.53 13.95 21.90
CA GLN A 331 -13.69 12.54 22.26
C GLN A 331 -13.08 12.24 23.62
N VAL A 332 -11.93 12.85 23.91
CA VAL A 332 -11.33 12.70 25.24
C VAL A 332 -12.22 13.34 26.29
N LYS A 333 -12.81 14.49 25.98
CA LYS A 333 -13.74 15.13 26.89
C LYS A 333 -14.99 14.28 27.08
N TYR A 334 -15.44 13.58 26.03
CA TYR A 334 -16.61 12.73 26.15
C TYR A 334 -16.38 11.60 27.15
N LEU A 335 -15.23 10.91 27.02
CA LEU A 335 -14.89 9.88 27.99
C LEU A 335 -14.83 10.45 29.41
N GLY A 336 -14.19 11.61 29.57
CA GLY A 336 -14.11 12.22 30.88
C GLY A 336 -15.47 12.58 31.44
N ASP A 337 -16.32 13.19 30.61
CA ASP A 337 -17.66 13.56 31.08
C ASP A 337 -18.49 12.34 31.44
N ARG A 338 -18.28 11.21 30.75
CA ARG A 338 -18.99 9.99 31.13
C ARG A 338 -18.58 9.54 32.52
N LEU A 339 -17.27 9.55 32.81
CA LEU A 339 -16.81 9.12 34.12
C LEU A 339 -17.12 10.16 35.20
N ARG A 340 -17.08 11.45 34.84
CA ARG A 340 -17.35 12.48 35.83
C ARG A 340 -18.82 12.54 36.19
N GLU A 341 -19.71 12.27 35.23
CA GLU A 341 -21.14 12.22 35.51
C GLU A 341 -21.52 11.01 36.35
N ALA A 342 -20.71 9.96 36.35
CA ALA A 342 -20.93 8.80 37.18
C ALA A 342 -20.20 8.87 38.52
N GLY A 343 -19.62 10.02 38.85
CA GLY A 343 -18.94 10.19 40.12
C GLY A 343 -17.53 9.65 40.19
N ILE A 344 -16.88 9.43 39.04
CA ILE A 344 -15.51 8.96 39.00
C ILE A 344 -14.60 10.20 38.93
N PRO A 345 -13.75 10.44 39.93
CA PRO A 345 -12.91 11.66 39.91
C PRO A 345 -11.85 11.60 38.83
N ILE A 346 -11.70 12.71 38.11
CA ILE A 346 -10.73 12.85 37.03
C ILE A 346 -10.08 14.21 37.13
N GLN A 347 -8.91 14.34 36.51
CA GLN A 347 -8.28 15.64 36.32
C GLN A 347 -9.18 16.51 35.46
N TYR A 348 -9.75 17.57 36.04
CA TYR A 348 -10.76 18.35 35.36
C TYR A 348 -10.27 19.76 35.14
N PRO A 349 -10.33 20.29 33.91
CA PRO A 349 -10.91 19.69 32.69
C PRO A 349 -10.01 18.63 32.07
N THR A 350 -10.54 17.76 31.23
CA THR A 350 -9.69 16.79 30.54
C THR A 350 -8.68 17.51 29.66
N GLY A 351 -7.50 16.90 29.53
CA GLY A 351 -6.48 17.40 28.63
C GLY A 351 -6.77 17.03 27.18
N GLY A 352 -5.72 17.03 26.37
CA GLY A 352 -5.90 16.85 24.94
C GLY A 352 -5.85 15.42 24.46
N HIS A 353 -5.21 14.53 25.24
CA HIS A 353 -4.88 13.20 24.76
C HIS A 353 -5.24 12.08 25.72
N ALA A 354 -5.72 12.39 26.93
CA ALA A 354 -5.94 11.32 27.89
C ALA A 354 -6.89 11.80 28.97
N VAL A 355 -7.58 10.83 29.58
CA VAL A 355 -8.34 11.05 30.81
C VAL A 355 -7.50 10.50 31.95
N PHE A 356 -7.23 11.35 32.95
CA PHE A 356 -6.45 10.98 34.12
C PHE A 356 -7.40 10.78 35.29
N VAL A 357 -7.59 9.52 35.69
CA VAL A 357 -8.49 9.18 36.78
C VAL A 357 -7.72 9.28 38.10
N ASP A 358 -8.22 10.13 39.01
CA ASP A 358 -7.58 10.37 40.30
C ASP A 358 -7.88 9.19 41.21
N CYS A 359 -6.89 8.31 41.38
CA CYS A 359 -7.09 7.09 42.15
C CYS A 359 -6.88 7.29 43.64
N LYS A 360 -6.29 8.40 44.07
CA LYS A 360 -6.10 8.64 45.50
C LYS A 360 -7.45 8.71 46.21
N LYS A 361 -8.40 9.47 45.65
CA LYS A 361 -9.75 9.48 46.17
C LYS A 361 -10.57 8.25 45.77
N LEU A 362 -10.10 7.49 44.77
CA LEU A 362 -10.88 6.37 44.26
C LEU A 362 -10.69 5.09 45.06
N VAL A 363 -9.47 4.85 45.56
CA VAL A 363 -9.19 3.68 46.39
C VAL A 363 -8.37 4.12 47.60
N PRO A 364 -8.97 4.81 48.57
CA PRO A 364 -8.19 5.33 49.70
C PRO A 364 -7.70 4.26 50.65
N GLN A 365 -8.35 3.10 50.72
CA GLN A 365 -7.95 2.05 51.64
C GLN A 365 -6.65 1.36 51.24
N ILE A 366 -6.07 1.72 50.10
CA ILE A 366 -4.79 1.18 49.65
C ILE A 366 -3.76 2.30 49.72
N PRO A 367 -2.68 2.14 50.47
CA PRO A 367 -1.65 3.20 50.52
C PRO A 367 -0.91 3.33 49.20
N GLY A 368 -0.19 4.43 49.07
CA GLY A 368 0.57 4.68 47.85
C GLY A 368 1.62 3.64 47.58
N ASP A 369 2.25 3.11 48.64
CA ASP A 369 3.29 2.12 48.47
C ASP A 369 2.76 0.74 48.09
N GLN A 370 1.45 0.52 48.19
CA GLN A 370 0.83 -0.70 47.70
C GLN A 370 0.21 -0.52 46.32
N PHE A 371 0.48 0.62 45.67
CA PHE A 371 0.12 0.90 44.28
C PHE A 371 -1.39 0.83 44.07
N PRO A 372 -2.12 1.87 44.49
CA PRO A 372 -3.58 1.84 44.31
C PRO A 372 -4.01 2.00 42.87
N ALA A 373 -3.41 2.93 42.13
CA ALA A 373 -3.79 3.13 40.74
C ALA A 373 -3.55 1.87 39.92
N GLN A 374 -2.41 1.19 40.15
CA GLN A 374 -2.15 -0.06 39.46
C GLN A 374 -3.20 -1.12 39.81
N ALA A 375 -3.70 -1.11 41.04
CA ALA A 375 -4.75 -2.03 41.42
C ALA A 375 -6.02 -1.76 40.62
N VAL A 376 -6.33 -0.48 40.40
CA VAL A 376 -7.49 -0.12 39.59
C VAL A 376 -7.28 -0.58 38.14
N ILE A 377 -6.06 -0.42 37.63
CA ILE A 377 -5.78 -0.77 36.24
C ILE A 377 -5.93 -2.27 36.02
N ASN A 378 -5.32 -3.08 36.89
CA ASN A 378 -5.43 -4.52 36.74
C ASN A 378 -6.86 -4.99 36.89
N ALA A 379 -7.63 -4.34 37.79
CA ALA A 379 -9.05 -4.64 37.91
C ALA A 379 -9.80 -4.26 36.66
N LEU A 380 -9.46 -3.11 36.06
CA LEU A 380 -10.07 -2.71 34.80
C LEU A 380 -9.75 -3.72 33.70
N TYR A 381 -8.48 -4.12 33.59
CA TYR A 381 -8.10 -5.07 32.55
C TYR A 381 -8.86 -6.38 32.70
N LEU A 382 -8.80 -6.99 33.88
CA LEU A 382 -9.47 -8.27 34.09
C LEU A 382 -10.97 -8.16 33.85
N GLU A 383 -11.54 -6.98 34.07
CA GLU A 383 -12.97 -6.78 33.86
C GLU A 383 -13.33 -6.62 32.39
N SER A 384 -12.45 -6.02 31.59
CA SER A 384 -12.84 -5.57 30.25
C SER A 384 -11.83 -5.89 29.16
N GLY A 385 -10.56 -6.09 29.49
CA GLY A 385 -9.52 -6.19 28.48
C GLY A 385 -8.89 -4.88 28.10
N VAL A 386 -9.29 -3.78 28.71
CA VAL A 386 -8.69 -2.47 28.45
C VAL A 386 -7.41 -2.34 29.26
N ARG A 387 -6.34 -1.89 28.62
CA ARG A 387 -5.04 -1.71 29.26
C ARG A 387 -4.74 -0.23 29.42
N ALA A 388 -4.47 0.19 30.65
CA ALA A 388 -4.10 1.57 30.96
C ALA A 388 -2.75 1.59 31.68
N VAL A 389 -2.27 2.79 32.01
CA VAL A 389 -0.90 2.99 32.48
C VAL A 389 -0.85 4.04 33.59
N GLU A 390 0.35 4.17 34.16
CA GLU A 390 0.75 5.12 35.22
C GLU A 390 0.11 4.79 36.55
N ILE A 391 0.88 4.99 37.62
CA ILE A 391 0.46 4.62 38.97
C ILE A 391 0.95 5.71 39.91
N GLY A 392 1.66 6.69 39.36
CA GLY A 392 2.29 7.71 40.18
C GLY A 392 3.40 7.13 41.04
N SER A 393 3.02 6.30 42.02
CA SER A 393 3.96 5.64 42.91
C SER A 393 4.88 4.68 42.16
N PHE A 394 4.29 3.64 41.58
CA PHE A 394 5.02 2.68 40.74
C PHE A 394 5.91 3.39 39.74
N LEU A 395 5.44 4.50 39.16
CA LEU A 395 6.23 5.24 38.20
C LEU A 395 7.33 6.06 38.87
N LEU A 396 7.01 6.72 40.00
CA LEU A 396 8.01 7.56 40.67
C LEU A 396 9.17 6.71 41.19
N GLY A 397 8.88 5.51 41.69
CA GLY A 397 9.95 4.59 42.06
C GLY A 397 10.47 4.87 43.46
N ARG A 398 11.79 4.93 43.59
CA ARG A 398 12.44 5.12 44.88
C ARG A 398 13.57 6.12 44.73
N ASP A 399 14.11 6.54 45.88
CA ASP A 399 15.27 7.43 45.92
C ASP A 399 16.36 6.78 46.77
N GLN A 405 10.68 4.83 48.57
CA GLN A 405 9.66 5.20 47.59
C GLN A 405 9.16 6.62 47.81
N LYS A 406 9.69 7.54 47.00
CA LYS A 406 9.29 8.94 47.07
C LYS A 406 7.78 9.07 46.96
N HIS A 407 7.20 9.92 47.81
CA HIS A 407 5.76 10.08 47.81
C HIS A 407 5.31 10.83 46.56
N ALA A 408 4.12 10.48 46.08
CA ALA A 408 3.57 11.03 44.84
C ALA A 408 2.57 12.13 45.16
N ASP A 409 2.75 13.29 44.52
CA ASP A 409 1.76 14.35 44.60
C ASP A 409 0.41 13.88 44.07
N MET A 410 0.42 13.03 43.05
CA MET A 410 -0.78 12.46 42.45
C MET A 410 -0.52 11.01 42.12
N GLU A 411 -1.60 10.21 42.03
CA GLU A 411 -1.51 8.83 41.57
C GLU A 411 -2.66 8.59 40.60
N PHE A 412 -2.46 9.07 39.37
CA PHE A 412 -3.44 8.98 38.31
C PHE A 412 -3.39 7.62 37.62
N MET A 413 -4.53 7.20 37.09
CA MET A 413 -4.60 6.17 36.05
C MET A 413 -4.86 6.89 34.73
N ARG A 414 -3.99 6.66 33.75
CA ARG A 414 -4.06 7.39 32.48
C ARG A 414 -4.76 6.53 31.44
N LEU A 415 -5.90 7.02 30.95
CA LEU A 415 -6.61 6.38 29.83
C LEU A 415 -6.19 7.16 28.59
N THR A 416 -5.14 6.69 27.92
CA THR A 416 -4.53 7.40 26.81
C THR A 416 -5.19 6.99 25.51
N ILE A 417 -5.58 7.98 24.70
CA ILE A 417 -6.41 7.75 23.53
C ILE A 417 -5.59 8.02 22.29
N ALA A 418 -5.37 6.99 21.47
CA ALA A 418 -4.75 7.17 20.17
C ALA A 418 -5.67 7.97 19.26
N ARG A 419 -5.06 8.60 18.25
CA ARG A 419 -5.76 9.54 17.37
C ARG A 419 -6.39 8.80 16.19
N ARG A 420 -7.71 8.98 16.03
CA ARG A 420 -8.49 8.47 14.90
C ARG A 420 -8.54 6.94 14.87
N VAL A 421 -8.45 6.30 16.03
CA VAL A 421 -8.39 4.85 16.13
C VAL A 421 -9.69 4.27 16.69
N TYR A 422 -10.20 4.83 17.77
CA TYR A 422 -11.34 4.29 18.48
C TYR A 422 -12.54 5.22 18.34
N THR A 423 -13.73 4.62 18.27
CA THR A 423 -14.96 5.38 18.17
C THR A 423 -15.50 5.70 19.55
N ASN A 424 -16.54 6.54 19.60
CA ASN A 424 -17.16 6.87 20.86
C ASN A 424 -17.88 5.68 21.48
N ASP A 425 -18.21 4.66 20.67
CA ASP A 425 -18.72 3.42 21.25
C ASP A 425 -17.63 2.64 21.95
N HIS A 426 -16.38 2.73 21.47
CA HIS A 426 -15.26 2.24 22.26
C HIS A 426 -15.14 3.02 23.57
N MET A 427 -15.38 4.33 23.52
CA MET A 427 -15.32 5.14 24.75
C MET A 427 -16.41 4.76 25.73
N ASP A 428 -17.61 4.44 25.23
CA ASP A 428 -18.66 3.95 26.10
C ASP A 428 -18.27 2.65 26.78
N TYR A 429 -17.61 1.76 26.03
CA TYR A 429 -17.13 0.50 26.59
C TYR A 429 -16.13 0.75 27.72
N ILE A 430 -15.21 1.70 27.52
CA ILE A 430 -14.24 2.01 28.56
C ILE A 430 -14.93 2.58 29.78
N ALA A 431 -15.80 3.58 29.59
CA ALA A 431 -16.46 4.22 30.73
C ALA A 431 -17.36 3.22 31.46
N ASP A 432 -18.13 2.43 30.74
CA ASP A 432 -19.02 1.49 31.39
C ASP A 432 -18.25 0.43 32.16
N ALA A 433 -17.10 0.00 31.65
CA ALA A 433 -16.29 -0.97 32.36
C ALA A 433 -15.79 -0.42 33.69
N LEU A 434 -15.30 0.83 33.68
CA LEU A 434 -14.78 1.42 34.90
C LEU A 434 -15.91 1.74 35.88
N ILE A 435 -17.03 2.27 35.39
CA ILE A 435 -18.18 2.54 36.25
C ILE A 435 -18.70 1.25 36.88
N GLY A 436 -18.72 0.16 36.11
CA GLY A 436 -19.18 -1.10 36.64
C GLY A 436 -18.33 -1.67 37.75
N LEU A 437 -17.19 -1.04 38.05
CA LEU A 437 -16.30 -1.47 39.11
C LEU A 437 -16.46 -0.66 40.39
N LYS A 438 -17.44 0.25 40.44
CA LYS A 438 -17.52 1.20 41.55
C LYS A 438 -17.58 0.49 42.90
N GLU A 439 -18.43 -0.53 43.01
CA GLU A 439 -18.55 -1.24 44.29
C GLU A 439 -17.33 -2.11 44.58
N LYS A 440 -16.61 -2.54 43.55
CA LYS A 440 -15.45 -3.41 43.74
C LYS A 440 -14.21 -2.65 44.20
N PHE A 441 -14.21 -1.31 44.11
CA PHE A 441 -13.05 -0.55 44.56
C PHE A 441 -12.85 -0.66 46.08
N ALA A 442 -13.94 -0.84 46.82
CA ALA A 442 -13.83 -0.95 48.28
C ALA A 442 -13.11 -2.23 48.67
N THR A 443 -13.50 -3.36 48.06
CA THR A 443 -12.86 -4.64 48.33
C THR A 443 -11.55 -4.82 47.56
N LEU A 444 -11.06 -3.77 46.90
CA LEU A 444 -9.88 -3.91 46.05
C LEU A 444 -8.63 -4.09 46.89
N LYS A 445 -7.77 -5.00 46.44
CA LYS A 445 -6.56 -5.37 47.16
C LYS A 445 -5.37 -4.52 46.70
N GLY A 446 -4.37 -4.41 47.57
CA GLY A 446 -3.11 -3.83 47.21
C GLY A 446 -2.26 -4.82 46.42
N LEU A 447 -1.06 -4.38 46.06
CA LEU A 447 -0.15 -5.20 45.27
C LEU A 447 1.25 -5.13 45.86
N GLU A 448 1.93 -6.28 45.83
CA GLU A 448 3.29 -6.40 46.34
C GLU A 448 4.17 -7.02 45.26
N PHE A 449 5.46 -6.75 45.35
CA PHE A 449 6.42 -7.31 44.41
C PHE A 449 6.63 -8.81 44.66
N GLU A 450 6.64 -9.59 43.58
CA GLU A 450 7.22 -10.93 43.58
C GLU A 450 8.63 -10.91 43.02
N TYR A 451 8.81 -10.30 41.85
CA TYR A 451 10.12 -9.91 41.34
C TYR A 451 10.14 -8.39 41.24
N GLU A 452 11.22 -7.78 41.73
CA GLU A 452 11.39 -6.33 41.63
C GLU A 452 12.72 -6.02 40.97
N PRO A 453 12.73 -5.31 39.85
CA PRO A 453 13.98 -4.74 39.35
C PRO A 453 14.29 -3.44 40.08
N PRO A 454 15.56 -3.04 40.12
CA PRO A 454 15.89 -1.76 40.76
C PRO A 454 15.31 -0.57 40.01
N VAL A 455 16.04 -0.07 39.03
CA VAL A 455 15.59 1.05 38.23
C VAL A 455 14.58 0.57 37.19
N LEU A 456 13.62 1.45 36.88
CA LEU A 456 12.59 1.20 35.85
C LEU A 456 11.76 -0.03 36.20
N ARG A 457 11.08 0.05 37.35
CA ARG A 457 10.32 -1.10 37.83
C ARG A 457 8.95 -1.20 37.18
N HIS A 458 8.37 -0.07 36.76
CA HIS A 458 7.04 -0.10 36.16
C HIS A 458 7.01 -0.94 34.89
N PHE A 459 8.16 -1.10 34.23
CA PHE A 459 8.19 -1.83 32.97
C PHE A 459 8.16 -3.33 33.17
N THR A 460 9.00 -3.85 34.08
CA THR A 460 9.26 -5.29 34.12
C THR A 460 9.02 -5.95 35.46
N ALA A 461 8.52 -5.24 36.48
CA ALA A 461 8.27 -5.87 37.77
C ALA A 461 7.12 -6.87 37.68
N ARG A 462 7.30 -8.02 38.33
CA ARG A 462 6.29 -9.07 38.37
C ARG A 462 5.62 -9.03 39.73
N LEU A 463 4.49 -8.34 39.81
CA LEU A 463 3.78 -8.17 41.05
C LEU A 463 2.88 -9.36 41.34
N LYS A 464 2.19 -9.32 42.48
CA LYS A 464 1.28 -10.37 42.90
C LYS A 464 0.29 -9.76 43.89
N PRO A 465 -0.97 -10.20 43.89
CA PRO A 465 -1.97 -9.56 44.76
C PRO A 465 -1.72 -9.84 46.23
N ILE A 466 -1.89 -8.80 47.04
CA ILE A 466 -1.75 -8.91 48.49
C ILE A 466 -2.99 -9.56 49.10
N ALA B 2 33.62 -10.53 -17.94
CA ALA B 2 32.57 -10.21 -16.98
C ALA B 2 31.28 -10.99 -17.31
N LYS B 3 30.70 -11.65 -16.31
CA LYS B 3 29.56 -12.52 -16.50
C LYS B 3 28.33 -11.91 -15.83
N ARG B 4 27.29 -11.66 -16.63
CA ARG B 4 26.03 -11.18 -16.09
C ARG B 4 25.20 -12.33 -15.53
N ILE B 5 24.65 -12.13 -14.33
CA ILE B 5 23.78 -13.10 -13.68
C ILE B 5 22.37 -12.53 -13.65
N VAL B 6 21.39 -13.35 -14.04
CA VAL B 6 20.00 -12.91 -14.16
C VAL B 6 19.36 -12.80 -12.78
N GLU B 7 18.36 -11.91 -12.68
CA GLU B 7 17.68 -11.69 -11.40
C GLU B 7 16.82 -12.89 -11.03
N PRO B 8 16.89 -13.39 -9.79
CA PRO B 8 15.96 -14.44 -9.37
C PRO B 8 14.62 -13.87 -8.94
N PHE B 9 14.19 -12.81 -9.62
CA PHE B 9 12.91 -12.15 -9.36
C PHE B 9 12.53 -11.35 -10.60
N ARG B 10 11.34 -10.76 -10.57
CA ARG B 10 10.96 -9.79 -11.58
C ARG B 10 10.51 -8.52 -10.88
N ILE B 11 10.36 -7.46 -11.66
CA ILE B 11 10.07 -6.14 -11.12
C ILE B 11 8.56 -6.02 -10.90
N LYS B 12 8.18 -5.51 -9.73
CA LYS B 12 6.77 -5.26 -9.45
C LYS B 12 6.45 -3.79 -9.31
N MET B 13 7.41 -2.96 -8.91
CA MET B 13 7.19 -1.52 -8.83
C MET B 13 8.49 -0.80 -9.19
N VAL B 14 8.36 0.28 -9.94
CA VAL B 14 9.51 1.05 -10.40
C VAL B 14 9.50 2.43 -9.76
N GLU B 15 10.66 3.07 -9.80
CA GLU B 15 10.84 4.44 -9.34
C GLU B 15 11.67 5.16 -10.40
N LYS B 16 11.16 6.28 -10.91
CA LYS B 16 11.82 6.98 -12.01
C LYS B 16 13.14 7.59 -11.55
N ILE B 17 14.13 7.58 -12.44
CA ILE B 17 15.38 8.30 -12.24
C ILE B 17 15.67 9.10 -13.50
N ARG B 18 16.54 10.10 -13.36
CA ARG B 18 16.86 10.97 -14.48
C ARG B 18 18.33 11.36 -14.45
N VAL B 19 18.88 11.60 -15.64
CA VAL B 19 20.25 12.07 -15.79
C VAL B 19 20.20 13.60 -15.87
N PRO B 20 20.70 14.32 -14.87
CA PRO B 20 20.82 15.77 -15.01
C PRO B 20 21.84 16.13 -16.09
N SER B 21 21.60 17.26 -16.73
CA SER B 21 22.53 17.72 -17.77
C SER B 21 23.88 18.04 -17.16
N ARG B 22 24.92 17.97 -18.00
CA ARG B 22 26.28 18.25 -17.56
C ARG B 22 26.35 19.59 -16.82
N GLU B 23 25.59 20.57 -17.27
CA GLU B 23 25.59 21.88 -16.61
C GLU B 23 24.84 21.86 -15.29
N GLU B 24 23.77 21.06 -15.19
CA GLU B 24 23.11 20.89 -13.90
C GLU B 24 24.07 20.33 -12.86
N ARG B 25 24.81 19.29 -13.23
CA ARG B 25 25.71 18.64 -12.29
C ARG B 25 26.86 19.55 -11.90
N GLU B 26 27.36 20.36 -12.84
CA GLU B 26 28.40 21.32 -12.49
C GLU B 26 27.86 22.37 -11.51
N ALA B 27 26.65 22.86 -11.75
CA ALA B 27 26.03 23.77 -10.80
C ALA B 27 25.76 23.08 -9.47
N ALA B 28 25.24 21.85 -9.52
CA ALA B 28 24.90 21.13 -8.30
C ALA B 28 26.15 20.82 -7.48
N LEU B 29 27.24 20.42 -8.14
CA LEU B 29 28.44 20.07 -7.40
C LEU B 29 29.09 21.31 -6.78
N LYS B 30 29.05 22.45 -7.48
CA LYS B 30 29.56 23.68 -6.90
C LYS B 30 28.71 24.12 -5.71
N GLU B 31 27.39 24.06 -5.86
CA GLU B 31 26.49 24.44 -4.76
C GLU B 31 26.74 23.58 -3.53
N ALA B 32 27.08 22.30 -3.73
CA ALA B 32 27.39 21.40 -2.64
C ALA B 32 28.83 21.53 -2.15
N GLY B 33 29.59 22.49 -2.67
CA GLY B 33 30.97 22.64 -2.24
C GLY B 33 31.84 21.47 -2.61
N TYR B 34 31.62 20.90 -3.79
CA TYR B 34 32.41 19.77 -4.29
C TYR B 34 32.44 18.62 -3.28
N ASN B 35 31.34 18.44 -2.57
CA ASN B 35 31.15 17.34 -1.64
C ASN B 35 29.83 16.66 -1.97
N PRO B 36 29.86 15.51 -2.65
CA PRO B 36 28.59 14.84 -3.03
C PRO B 36 27.68 14.52 -1.86
N PHE B 37 28.21 14.49 -0.62
CA PHE B 37 27.34 14.24 0.53
C PHE B 37 26.31 15.34 0.69
N LEU B 38 26.58 16.54 0.17
CA LEU B 38 25.68 17.67 0.26
C LEU B 38 24.81 17.82 -0.98
N LEU B 39 24.93 16.92 -1.96
CA LEU B 39 24.06 16.96 -3.12
C LEU B 39 22.67 16.48 -2.73
N PRO B 40 21.62 17.15 -3.20
CA PRO B 40 20.28 16.58 -3.07
C PRO B 40 20.14 15.40 -4.03
N SER B 41 19.27 14.46 -3.65
CA SER B 41 19.07 13.28 -4.49
C SER B 41 18.53 13.64 -5.87
N SER B 42 17.91 14.81 -6.02
CA SER B 42 17.41 15.23 -7.33
C SER B 42 18.54 15.50 -8.32
N ALA B 43 19.75 15.78 -7.83
CA ALA B 43 20.89 16.02 -8.70
C ALA B 43 21.68 14.77 -9.04
N VAL B 44 21.22 13.59 -8.60
CA VAL B 44 21.94 12.34 -8.76
C VAL B 44 21.15 11.43 -9.69
N TYR B 45 21.86 10.72 -10.56
CA TYR B 45 21.23 9.75 -11.47
C TYR B 45 21.22 8.36 -10.83
N ILE B 46 22.40 7.75 -10.72
CA ILE B 46 22.58 6.47 -10.04
C ILE B 46 23.32 6.75 -8.73
N ASP B 47 22.70 6.38 -7.61
CA ASP B 47 23.23 6.72 -6.29
C ASP B 47 23.96 5.52 -5.71
N LEU B 48 25.30 5.60 -5.68
CA LEU B 48 26.14 4.56 -5.11
C LEU B 48 26.81 5.01 -3.81
N LEU B 49 26.20 5.96 -3.12
CA LEU B 49 26.76 6.46 -1.88
C LEU B 49 26.85 5.37 -0.83
N THR B 50 25.79 4.60 -0.66
CA THR B 50 25.79 3.51 0.29
CA THR B 50 25.72 3.54 0.34
C THR B 50 24.86 2.41 -0.19
N ASP B 51 24.95 1.27 0.49
CA ASP B 51 24.01 0.17 0.35
C ASP B 51 23.08 0.10 1.56
N SER B 52 23.01 1.18 2.34
CA SER B 52 22.32 1.20 3.61
C SER B 52 20.98 1.90 3.44
N GLY B 53 19.89 1.15 3.64
CA GLY B 53 18.55 1.72 3.65
C GLY B 53 17.97 2.06 2.30
N THR B 54 18.65 1.72 1.22
CA THR B 54 18.21 2.05 -0.14
C THR B 54 17.73 0.82 -0.91
N ASN B 55 17.59 -0.31 -0.24
CA ASN B 55 17.26 -1.57 -0.91
C ASN B 55 15.80 -1.58 -1.37
N ALA B 56 15.54 -2.39 -2.39
CA ALA B 56 14.18 -2.65 -2.85
C ALA B 56 13.61 -3.83 -2.09
N MET B 57 12.49 -3.62 -1.40
CA MET B 57 11.81 -4.69 -0.69
C MET B 57 10.96 -5.52 -1.64
N SER B 58 10.52 -6.68 -1.16
CA SER B 58 9.64 -7.55 -1.92
C SER B 58 8.18 -7.25 -1.60
N ASP B 59 7.28 -7.84 -2.37
CA ASP B 59 5.86 -7.71 -2.07
C ASP B 59 5.51 -8.33 -0.72
N HIS B 60 6.17 -9.43 -0.35
CA HIS B 60 5.91 -10.03 0.96
C HIS B 60 6.34 -9.11 2.09
N GLN B 61 7.40 -8.34 1.90
CA GLN B 61 7.81 -7.39 2.92
C GLN B 61 6.81 -6.25 3.05
N TRP B 62 6.37 -5.68 1.92
CA TRP B 62 5.35 -4.64 1.99
C TRP B 62 4.06 -5.19 2.56
N ALA B 63 3.68 -6.42 2.21
CA ALA B 63 2.50 -7.03 2.81
C ALA B 63 2.65 -7.14 4.32
N ALA B 64 3.82 -7.57 4.79
CA ALA B 64 4.05 -7.71 6.22
C ALA B 64 3.93 -6.37 6.94
N MET B 65 4.40 -5.29 6.28
CA MET B 65 4.27 -3.96 6.87
C MET B 65 2.81 -3.56 7.00
N ILE B 66 1.97 -3.92 6.03
CA ILE B 66 0.57 -3.50 6.06
C ILE B 66 -0.15 -4.06 7.28
N THR B 67 0.16 -5.31 7.64
CA THR B 67 -0.46 -5.94 8.80
C THR B 67 0.37 -5.78 10.07
N GLY B 68 1.32 -4.86 10.09
CA GLY B 68 2.17 -4.68 11.26
C GLY B 68 1.37 -4.22 12.46
N ASP B 69 1.80 -4.68 13.63
CA ASP B 69 1.16 -4.36 14.91
C ASP B 69 1.92 -3.19 15.52
N GLU B 70 1.27 -2.02 15.60
CA GLU B 70 1.93 -0.79 16.03
C GLU B 70 1.91 -0.60 17.55
N ALA B 71 1.56 -1.62 18.31
CA ALA B 71 1.43 -1.50 19.76
C ALA B 71 2.73 -1.01 20.40
N TYR B 72 2.58 -0.16 21.41
CA TYR B 72 3.73 0.36 22.14
C TYR B 72 4.41 -0.74 22.95
N ALA B 73 3.63 -1.70 23.45
CA ALA B 73 4.16 -2.79 24.26
C ALA B 73 3.51 -4.09 23.81
N GLY B 74 4.32 -5.12 23.60
CA GLY B 74 3.80 -6.43 23.28
C GLY B 74 3.45 -6.64 21.82
N SER B 75 4.06 -5.89 20.91
CA SER B 75 3.72 -6.02 19.51
C SER B 75 3.89 -7.46 19.02
N ARG B 76 2.92 -7.90 18.23
CA ARG B 76 2.99 -9.22 17.63
CA ARG B 76 2.98 -9.22 17.62
C ARG B 76 4.30 -9.41 16.86
N ASN B 77 4.81 -8.33 16.26
CA ASN B 77 6.03 -8.43 15.46
C ASN B 77 7.29 -8.47 16.31
N TYR B 78 7.25 -8.01 17.56
CA TYR B 78 8.41 -8.17 18.43
C TYR B 78 8.66 -9.64 18.72
N TYR B 79 7.60 -10.41 18.97
CA TYR B 79 7.78 -11.83 19.25
C TYR B 79 8.18 -12.61 18.01
N ASP B 80 7.67 -12.23 16.84
CA ASP B 80 8.11 -12.85 15.59
C ASP B 80 9.60 -12.62 15.37
N LEU B 81 10.06 -11.41 15.66
CA LEU B 81 11.48 -11.08 15.52
C LEU B 81 12.33 -11.85 16.53
N LYS B 82 11.83 -11.99 17.76
CA LYS B 82 12.55 -12.77 18.76
C LYS B 82 12.65 -14.24 18.34
N ASP B 83 11.58 -14.77 17.76
CA ASP B 83 11.63 -16.15 17.27
C ASP B 83 12.57 -16.28 16.08
N LYS B 84 12.63 -15.27 15.23
CA LYS B 84 13.51 -15.33 14.07
C LYS B 84 14.98 -15.33 14.49
N ALA B 85 15.33 -14.50 15.48
CA ALA B 85 16.73 -14.45 15.92
C ALA B 85 17.15 -15.72 16.63
N LYS B 86 16.21 -16.38 17.32
CA LYS B 86 16.49 -17.70 17.86
C LYS B 86 16.71 -18.72 16.76
N GLU B 87 15.91 -18.65 15.69
CA GLU B 87 16.06 -19.60 14.59
C GLU B 87 17.38 -19.38 13.85
N LEU B 88 17.70 -18.13 13.54
CA LEU B 88 18.86 -17.83 12.71
C LEU B 88 20.17 -17.95 13.47
N PHE B 89 20.23 -17.41 14.69
CA PHE B 89 21.48 -17.30 15.43
C PHE B 89 21.56 -18.19 16.66
N ASN B 90 20.44 -18.78 17.08
CA ASN B 90 20.36 -19.51 18.35
C ASN B 90 20.58 -18.59 19.54
N TYR B 91 20.27 -17.31 19.37
CA TYR B 91 20.39 -16.33 20.45
C TYR B 91 19.03 -16.16 21.13
N ASP B 92 19.05 -15.99 22.45
CA ASP B 92 17.83 -16.09 23.25
C ASP B 92 17.17 -14.75 23.55
N TYR B 93 17.88 -13.64 23.39
CA TYR B 93 17.35 -12.33 23.76
C TYR B 93 17.54 -11.36 22.60
N ILE B 94 16.53 -10.51 22.37
CA ILE B 94 16.64 -9.49 21.34
C ILE B 94 16.24 -8.13 21.92
N ILE B 95 16.83 -7.09 21.37
CA ILE B 95 16.39 -5.71 21.57
C ILE B 95 16.41 -5.02 20.22
N PRO B 96 15.26 -4.70 19.63
CA PRO B 96 15.28 -3.94 18.38
C PRO B 96 15.87 -2.56 18.59
N ALA B 97 16.42 -2.00 17.51
CA ALA B 97 16.93 -0.64 17.51
C ALA B 97 16.51 0.01 16.19
N HIS B 98 16.60 1.33 16.13
CA HIS B 98 16.13 2.00 14.92
C HIS B 98 17.10 1.79 13.76
N GLN B 99 18.39 1.63 14.03
CA GLN B 99 19.35 1.17 13.03
C GLN B 99 20.64 0.76 13.75
N GLY B 100 21.68 0.47 12.97
CA GLY B 100 22.86 -0.18 13.51
C GLY B 100 23.59 0.64 14.56
N ARG B 101 23.76 1.94 14.31
CA ARG B 101 24.47 2.76 15.28
C ARG B 101 23.63 3.02 16.52
N GLY B 102 22.31 2.86 16.44
CA GLY B 102 21.51 2.83 17.65
C GLY B 102 21.71 1.55 18.43
N ALA B 103 21.88 0.43 17.71
CA ALA B 103 22.21 -0.83 18.37
C ALA B 103 23.57 -0.73 19.05
N GLU B 104 24.55 -0.10 18.40
CA GLU B 104 25.85 0.14 19.04
C GLU B 104 25.71 1.04 20.26
N ASN B 105 24.85 2.06 20.17
CA ASN B 105 24.67 2.97 21.30
C ASN B 105 24.03 2.26 22.48
N ILE B 106 23.23 1.22 22.22
CA ILE B 106 22.61 0.45 23.30
C ILE B 106 23.65 -0.42 23.99
N LEU B 107 24.42 -1.18 23.22
CA LEU B 107 25.21 -2.28 23.76
C LEU B 107 26.59 -1.84 24.25
N PHE B 108 27.31 -1.01 23.49
CA PHE B 108 28.69 -0.72 23.84
C PHE B 108 28.85 -0.06 25.20
N PRO B 109 28.08 0.97 25.57
CA PRO B 109 28.22 1.54 26.93
C PRO B 109 27.93 0.52 28.01
N VAL B 110 27.01 -0.40 27.76
CA VAL B 110 26.70 -1.44 28.74
C VAL B 110 27.90 -2.38 28.89
N LEU B 111 28.56 -2.72 27.78
CA LEU B 111 29.73 -3.59 27.86
C LEU B 111 30.85 -2.94 28.65
N LEU B 112 31.07 -1.64 28.46
CA LEU B 112 32.10 -0.94 29.22
C LEU B 112 31.76 -0.91 30.70
N LYS B 113 30.53 -0.53 31.04
CA LYS B 113 30.07 -0.58 32.43
C LYS B 113 30.25 -1.99 33.01
N TYR B 114 29.87 -3.01 32.24
CA TYR B 114 30.00 -4.39 32.70
C TYR B 114 31.47 -4.74 32.94
N LYS B 115 32.35 -4.31 32.04
CA LYS B 115 33.77 -4.59 32.21
C LYS B 115 34.36 -3.80 33.37
N GLN B 116 33.88 -2.58 33.59
CA GLN B 116 34.43 -1.68 34.61
C GLN B 116 34.19 -2.16 36.03
N LYS B 117 33.40 -3.22 36.22
CA LYS B 117 33.25 -3.82 37.54
C LYS B 117 34.60 -4.23 38.09
N GLU B 118 34.71 -4.24 39.42
CA GLU B 118 35.89 -4.69 40.15
C GLU B 118 37.14 -3.94 39.73
N GLY B 119 37.00 -2.70 39.26
CA GLY B 119 38.16 -1.90 38.92
C GLY B 119 38.89 -2.29 37.65
N LYS B 120 38.24 -3.02 36.75
CA LYS B 120 38.85 -3.39 35.49
C LYS B 120 38.63 -2.30 34.44
N ALA B 121 39.21 -2.49 33.26
CA ALA B 121 39.07 -1.57 32.14
C ALA B 121 39.57 -0.17 32.49
N LYS B 122 40.72 -0.11 33.16
CA LYS B 122 41.30 1.19 33.55
C LYS B 122 41.79 1.97 32.34
N ASN B 123 42.27 1.26 31.32
CA ASN B 123 42.61 1.86 30.02
C ASN B 123 41.89 1.05 28.96
N PRO B 124 40.58 1.23 28.84
CA PRO B 124 39.76 0.28 28.07
C PRO B 124 39.91 0.46 26.57
N VAL B 125 39.80 -0.67 25.86
CA VAL B 125 39.91 -0.70 24.41
C VAL B 125 38.90 -1.69 23.84
N PHE B 126 38.55 -1.46 22.57
CA PHE B 126 37.81 -2.41 21.75
C PHE B 126 38.72 -2.88 20.63
N ILE B 127 38.66 -4.17 20.31
CA ILE B 127 39.48 -4.76 19.26
C ILE B 127 38.56 -5.36 18.19
N SER B 128 38.79 -4.95 16.95
CA SER B 128 38.03 -5.48 15.81
C SER B 128 38.99 -5.80 14.69
N ASN B 129 38.55 -6.64 13.75
CA ASN B 129 39.23 -6.73 12.47
C ASN B 129 39.22 -5.36 11.80
N PHE B 130 38.09 -4.67 11.83
CA PHE B 130 38.04 -3.25 11.51
C PHE B 130 36.75 -2.62 12.00
N HIS B 131 36.85 -1.60 12.86
CA HIS B 131 35.67 -0.87 13.31
C HIS B 131 35.14 -0.02 12.18
N PHE B 132 33.84 -0.15 11.90
CA PHE B 132 33.21 0.82 11.03
C PHE B 132 33.18 2.18 11.71
N ASP B 133 33.00 3.24 10.91
CA ASP B 133 33.09 4.61 11.40
C ASP B 133 32.18 4.85 12.60
N THR B 134 30.90 4.53 12.50
CA THR B 134 30.00 4.72 13.62
C THR B 134 30.39 3.84 14.80
N THR B 135 30.86 2.63 14.52
CA THR B 135 31.28 1.72 15.57
C THR B 135 32.46 2.28 16.34
N ALA B 136 33.48 2.74 15.62
CA ALA B 136 34.63 3.36 16.27
C ALA B 136 34.25 4.65 16.99
N ALA B 137 33.28 5.40 16.43
CA ALA B 137 32.85 6.62 17.09
C ALA B 137 32.23 6.35 18.44
N HIS B 138 31.42 5.28 18.54
CA HIS B 138 30.85 4.92 19.83
C HIS B 138 31.91 4.40 20.79
N VAL B 139 32.89 3.66 20.27
CA VAL B 139 34.02 3.25 21.10
C VAL B 139 34.72 4.48 21.67
N GLU B 140 34.99 5.47 20.82
CA GLU B 140 35.73 6.65 21.26
C GLU B 140 34.86 7.56 22.13
N LEU B 141 33.56 7.64 21.86
CA LEU B 141 32.68 8.47 22.67
C LEU B 141 32.63 8.02 24.11
N ASN B 142 32.78 6.71 24.35
CA ASN B 142 32.74 6.15 25.69
C ASN B 142 34.12 6.11 26.35
N GLY B 143 35.08 6.86 25.83
CA GLY B 143 36.39 6.95 26.45
C GLY B 143 37.32 5.79 26.19
N CYS B 144 37.02 4.97 25.18
CA CYS B 144 37.84 3.82 24.82
C CYS B 144 38.59 4.12 23.53
N LYS B 145 39.55 3.26 23.22
CA LYS B 145 40.28 3.31 21.96
C LYS B 145 39.83 2.14 21.10
N ALA B 146 39.67 2.40 19.80
CA ALA B 146 39.22 1.39 18.85
C ALA B 146 40.44 0.89 18.08
N ILE B 147 40.78 -0.39 18.24
CA ILE B 147 41.95 -0.99 17.61
C ILE B 147 41.48 -1.91 16.50
N ASN B 148 42.06 -1.73 15.31
CA ASN B 148 41.75 -2.55 14.14
C ASN B 148 42.98 -3.39 13.79
N ILE B 149 42.77 -4.69 13.61
CA ILE B 149 43.87 -5.62 13.36
C ILE B 149 43.55 -6.51 12.18
N VAL B 150 43.01 -5.94 11.11
CA VAL B 150 42.71 -6.73 9.92
C VAL B 150 44.01 -7.32 9.36
N THR B 151 43.87 -8.46 8.68
CA THR B 151 45.02 -9.10 8.05
C THR B 151 45.69 -8.15 7.07
N GLU B 152 47.02 -8.20 7.02
CA GLU B 152 47.79 -7.34 6.13
C GLU B 152 47.42 -7.55 4.66
N LYS B 153 46.83 -8.70 4.32
CA LYS B 153 46.45 -8.97 2.94
C LYS B 153 45.39 -8.02 2.42
N ALA B 154 44.62 -7.39 3.32
CA ALA B 154 43.59 -6.45 2.88
C ALA B 154 44.18 -5.17 2.29
N PHE B 155 45.43 -4.86 2.60
CA PHE B 155 46.10 -3.67 2.09
C PHE B 155 46.89 -3.94 0.82
N ASP B 156 46.87 -5.16 0.31
CA ASP B 156 47.47 -5.49 -0.98
C ASP B 156 46.31 -5.61 -1.97
N SER B 157 45.97 -4.48 -2.60
CA SER B 157 44.69 -4.38 -3.29
C SER B 157 44.56 -5.41 -4.42
N GLU B 158 45.55 -5.50 -5.29
CA GLU B 158 45.38 -6.36 -6.46
C GLU B 158 45.76 -7.82 -6.21
N THR B 159 46.23 -8.15 -5.00
CA THR B 159 46.66 -9.51 -4.69
C THR B 159 45.48 -10.26 -4.10
N TYR B 160 44.97 -11.24 -4.84
CA TYR B 160 43.82 -12.03 -4.39
C TYR B 160 44.10 -12.72 -3.07
N ASP B 161 43.10 -12.75 -2.20
CA ASP B 161 43.11 -13.64 -1.05
C ASP B 161 41.67 -14.00 -0.69
N ASP B 162 41.49 -15.23 -0.21
CA ASP B 162 40.15 -15.73 0.08
C ASP B 162 39.46 -14.95 1.19
N TRP B 163 40.22 -14.47 2.18
CA TRP B 163 39.62 -13.90 3.39
C TRP B 163 40.34 -12.59 3.77
N LYS B 164 40.14 -11.55 2.96
CA LYS B 164 40.77 -10.27 3.27
C LYS B 164 40.14 -9.57 4.46
N GLY B 165 39.05 -10.09 5.01
CA GLY B 165 38.48 -9.57 6.23
C GLY B 165 38.95 -10.23 7.50
N ASP B 166 39.90 -11.16 7.42
CA ASP B 166 40.32 -11.93 8.59
C ASP B 166 40.96 -11.04 9.65
N PHE B 167 40.79 -11.44 10.90
CA PHE B 167 41.64 -10.93 11.97
C PHE B 167 43.08 -11.36 11.74
N ASP B 168 44.02 -10.50 12.10
CA ASP B 168 45.40 -10.92 12.28
C ASP B 168 45.50 -11.58 13.65
N ILE B 169 45.65 -12.89 13.68
CA ILE B 169 45.65 -13.61 14.95
C ILE B 169 46.87 -13.23 15.78
N LYS B 170 48.03 -13.06 15.13
CA LYS B 170 49.23 -12.66 15.85
C LYS B 170 49.04 -11.30 16.52
N LYS B 171 48.41 -10.35 15.82
CA LYS B 171 48.15 -9.04 16.43
C LYS B 171 47.13 -9.14 17.55
N LEU B 172 46.10 -9.98 17.39
CA LEU B 172 45.12 -10.16 18.46
C LEU B 172 45.81 -10.60 19.75
N LYS B 173 46.65 -11.63 19.66
CA LYS B 173 47.35 -12.11 20.85
C LYS B 173 48.30 -11.04 21.38
N GLU B 174 49.02 -10.36 20.48
CA GLU B 174 49.92 -9.29 20.91
C GLU B 174 49.17 -8.19 21.66
N ASN B 175 47.99 -7.82 21.16
CA ASN B 175 47.21 -6.78 21.82
C ASN B 175 46.64 -7.25 23.15
N ILE B 176 46.29 -8.53 23.25
CA ILE B 176 45.80 -9.05 24.53
C ILE B 176 46.92 -9.04 25.56
N ALA B 177 48.16 -9.31 25.13
CA ALA B 177 49.29 -9.30 26.04
C ALA B 177 49.73 -7.89 26.41
N GLN B 178 49.61 -6.93 25.49
CA GLN B 178 50.07 -5.56 25.76
C GLN B 178 49.06 -4.79 26.59
N HIS B 179 47.78 -4.87 26.24
CA HIS B 179 46.75 -4.15 26.99
C HIS B 179 46.24 -4.94 28.19
N GLY B 180 46.26 -6.26 28.14
CA GLY B 180 45.70 -7.06 29.21
C GLY B 180 44.23 -7.36 28.97
N ALA B 181 43.81 -8.58 29.31
CA ALA B 181 42.42 -8.96 29.08
C ALA B 181 41.46 -8.11 29.88
N ASP B 182 41.92 -7.53 31.01
CA ASP B 182 41.06 -6.69 31.83
C ASP B 182 40.76 -5.35 31.16
N ASN B 183 41.56 -4.93 30.19
CA ASN B 183 41.29 -3.70 29.46
C ASN B 183 40.52 -3.91 28.16
N ILE B 184 40.37 -5.16 27.71
CA ILE B 184 39.65 -5.46 26.47
C ILE B 184 38.16 -5.51 26.81
N VAL B 185 37.43 -4.44 26.50
CA VAL B 185 36.00 -4.42 26.80
C VAL B 185 35.27 -5.45 25.93
N ALA B 186 35.62 -5.52 24.65
CA ALA B 186 34.98 -6.45 23.73
C ALA B 186 35.84 -6.61 22.49
N ILE B 187 35.70 -7.76 21.85
CA ILE B 187 36.18 -7.98 20.49
C ILE B 187 34.98 -7.87 19.56
N VAL B 188 35.13 -7.09 18.49
CA VAL B 188 34.05 -6.85 17.54
C VAL B 188 34.44 -7.52 16.23
N SER B 189 33.72 -8.58 15.88
CA SER B 189 33.92 -9.26 14.60
C SER B 189 32.98 -8.64 13.57
N THR B 190 33.55 -8.00 12.55
CA THR B 190 32.77 -7.31 11.52
C THR B 190 32.66 -8.23 10.30
N VAL B 191 31.44 -8.70 10.02
CA VAL B 191 31.21 -9.65 8.93
C VAL B 191 30.14 -9.08 8.00
N THR B 192 30.49 -8.90 6.72
CA THR B 192 31.84 -8.91 6.17
C THR B 192 32.59 -7.71 6.76
N CYS B 193 33.90 -7.66 6.57
CA CYS B 193 34.67 -6.51 7.05
C CYS B 193 34.44 -5.36 6.08
N ASN B 194 33.61 -4.40 6.46
CA ASN B 194 33.17 -3.37 5.52
C ASN B 194 34.35 -2.53 5.05
N SER B 195 35.14 -2.00 5.99
CA SER B 195 36.18 -1.04 5.65
C SER B 195 37.32 -1.65 4.84
N ALA B 196 37.51 -2.96 4.92
CA ALA B 196 38.51 -3.62 4.09
C ALA B 196 37.99 -3.93 2.68
N GLY B 197 36.74 -3.58 2.37
CA GLY B 197 36.19 -3.81 1.05
C GLY B 197 35.05 -4.81 1.01
N GLY B 198 34.24 -4.87 2.08
CA GLY B 198 33.22 -5.89 2.15
C GLY B 198 33.78 -7.29 2.06
N GLN B 199 35.00 -7.49 2.53
CA GLN B 199 35.79 -8.71 2.41
C GLN B 199 35.43 -9.68 3.52
N PRO B 200 35.27 -10.96 3.18
CA PRO B 200 34.74 -11.92 4.16
C PRO B 200 35.77 -12.37 5.18
N VAL B 201 35.26 -12.79 6.33
CA VAL B 201 36.04 -13.40 7.39
C VAL B 201 35.72 -14.89 7.38
N SER B 202 36.76 -15.73 7.46
CA SER B 202 36.54 -17.16 7.36
C SER B 202 35.91 -17.70 8.65
N MET B 203 35.23 -18.85 8.51
CA MET B 203 34.68 -19.51 9.68
C MET B 203 35.76 -19.89 10.68
N SER B 204 36.89 -20.39 10.19
CA SER B 204 37.96 -20.80 11.08
C SER B 204 38.63 -19.59 11.73
N ASN B 205 38.62 -18.43 11.06
CA ASN B 205 39.14 -17.23 11.69
C ASN B 205 38.19 -16.74 12.79
N LEU B 206 36.88 -16.76 12.53
CA LEU B 206 35.92 -16.43 13.57
C LEU B 206 36.05 -17.37 14.76
N LYS B 207 36.26 -18.66 14.48
CA LYS B 207 36.36 -19.66 15.54
C LYS B 207 37.60 -19.44 16.40
N GLU B 208 38.75 -19.17 15.78
CA GLU B 208 39.97 -18.99 16.55
C GLU B 208 39.90 -17.72 17.40
N VAL B 209 39.29 -16.66 16.88
CA VAL B 209 39.14 -15.43 17.64
C VAL B 209 38.25 -15.64 18.86
N TYR B 210 37.14 -16.36 18.68
CA TYR B 210 36.26 -16.63 19.81
C TYR B 210 36.94 -17.52 20.85
N GLU B 211 37.67 -18.54 20.39
CA GLU B 211 38.41 -19.38 21.32
C GLU B 211 39.43 -18.58 22.11
N ILE B 212 40.17 -17.69 21.44
CA ILE B 212 41.15 -16.87 22.13
C ILE B 212 40.46 -15.95 23.13
N ALA B 213 39.35 -15.33 22.72
CA ALA B 213 38.64 -14.42 23.62
C ALA B 213 38.08 -15.16 24.83
N LYS B 214 37.52 -16.35 24.61
CA LYS B 214 36.89 -17.08 25.71
C LYS B 214 37.89 -17.55 26.76
N GLN B 215 39.12 -17.89 26.35
CA GLN B 215 40.12 -18.27 27.35
C GLN B 215 40.64 -17.06 28.12
N HIS B 216 40.46 -15.86 27.60
CA HIS B 216 40.78 -14.63 28.33
C HIS B 216 39.54 -13.96 28.90
N GLY B 217 38.37 -14.60 28.80
CA GLY B 217 37.16 -14.04 29.35
C GLY B 217 36.68 -12.78 28.68
N ILE B 218 36.91 -12.63 27.38
CA ILE B 218 36.58 -11.42 26.64
C ILE B 218 35.27 -11.63 25.91
N PHE B 219 34.39 -10.63 26.01
CA PHE B 219 33.11 -10.65 25.32
C PHE B 219 33.31 -10.37 23.83
N VAL B 220 32.59 -11.12 23.00
CA VAL B 220 32.70 -11.01 21.54
C VAL B 220 31.36 -10.54 20.99
N VAL B 221 31.38 -9.44 20.25
CA VAL B 221 30.19 -8.91 19.57
C VAL B 221 30.40 -9.06 18.07
N MET B 222 29.40 -9.63 17.40
CA MET B 222 29.42 -9.79 15.95
C MET B 222 28.70 -8.61 15.32
N ASP B 223 29.45 -7.74 14.62
CA ASP B 223 28.84 -6.68 13.83
C ASP B 223 28.28 -7.33 12.57
N SER B 224 26.96 -7.41 12.47
CA SER B 224 26.28 -8.34 11.58
C SER B 224 25.53 -7.66 10.43
N ALA B 225 25.95 -6.45 10.05
CA ALA B 225 25.23 -5.73 9.00
C ALA B 225 25.19 -6.52 7.70
N ARG B 226 26.31 -7.15 7.32
CA ARG B 226 26.36 -7.90 6.08
C ARG B 226 26.72 -9.35 6.33
N PHE B 227 26.04 -9.97 7.29
CA PHE B 227 26.37 -11.34 7.70
C PHE B 227 25.94 -12.36 6.65
N CYS B 228 24.91 -12.08 5.87
CA CYS B 228 24.49 -13.01 4.83
C CYS B 228 25.51 -13.04 3.70
N GLU B 229 26.06 -11.87 3.35
CA GLU B 229 27.12 -11.83 2.35
C GLU B 229 28.38 -12.54 2.85
N ASN B 230 28.65 -12.51 4.17
CA ASN B 230 29.78 -13.26 4.69
C ASN B 230 29.52 -14.76 4.63
N ALA B 231 28.30 -15.18 4.96
CA ALA B 231 27.95 -16.59 4.92
C ALA B 231 28.08 -17.14 3.51
N TYR B 232 27.67 -16.36 2.50
CA TYR B 232 27.81 -16.82 1.12
C TYR B 232 29.27 -17.07 0.76
N PHE B 233 30.16 -16.16 1.17
CA PHE B 233 31.56 -16.32 0.84
C PHE B 233 32.16 -17.54 1.53
N ILE B 234 31.72 -17.84 2.75
CA ILE B 234 32.20 -19.04 3.43
C ILE B 234 31.81 -20.29 2.65
N LYS B 235 30.53 -20.36 2.25
CA LYS B 235 30.08 -21.51 1.46
C LYS B 235 30.79 -21.60 0.13
N ALA B 236 31.16 -20.45 -0.46
CA ALA B 236 31.83 -20.46 -1.75
C ALA B 236 33.29 -20.88 -1.65
N ARG B 237 33.99 -20.46 -0.59
CA ARG B 237 35.44 -20.58 -0.53
C ARG B 237 35.96 -21.54 0.52
N ASP B 238 35.13 -21.98 1.48
CA ASP B 238 35.56 -22.95 2.47
C ASP B 238 35.00 -24.31 2.10
N PRO B 239 35.84 -25.29 1.75
CA PRO B 239 35.33 -26.60 1.31
C PRO B 239 34.49 -27.30 2.37
N LYS B 240 34.74 -27.04 3.65
CA LYS B 240 33.96 -27.66 4.70
C LYS B 240 32.48 -27.32 4.59
N TYR B 241 32.15 -26.15 4.01
CA TYR B 241 30.76 -25.70 3.88
C TYR B 241 30.29 -25.72 2.44
N LYS B 242 30.92 -26.53 1.58
CA LYS B 242 30.55 -26.55 0.17
C LYS B 242 29.11 -27.03 -0.04
N ASN B 243 28.67 -27.98 0.77
CA ASN B 243 27.33 -28.54 0.64
C ASN B 243 26.41 -28.11 1.79
N ALA B 244 26.78 -27.06 2.52
CA ALA B 244 25.93 -26.54 3.59
C ALA B 244 24.98 -25.50 3.02
N THR B 245 23.84 -25.34 3.69
CA THR B 245 22.95 -24.25 3.34
C THR B 245 23.46 -22.94 3.95
N ILE B 246 22.97 -21.82 3.42
CA ILE B 246 23.35 -20.52 3.97
C ILE B 246 22.96 -20.42 5.44
N LYS B 247 21.77 -20.91 5.78
CA LYS B 247 21.32 -20.87 7.17
C LYS B 247 22.20 -21.73 8.08
N GLU B 248 22.73 -22.84 7.55
CA GLU B 248 23.66 -23.64 8.34
C GLU B 248 24.98 -22.91 8.54
N VAL B 249 25.46 -22.19 7.53
CA VAL B 249 26.66 -21.38 7.68
C VAL B 249 26.43 -20.32 8.75
N ILE B 250 25.32 -19.58 8.64
CA ILE B 250 25.00 -18.53 9.61
C ILE B 250 24.95 -19.11 11.02
N PHE B 251 24.23 -20.23 11.18
CA PHE B 251 24.10 -20.85 12.49
C PHE B 251 25.47 -21.18 13.08
N ASP B 252 26.42 -21.60 12.26
CA ASP B 252 27.76 -21.90 12.75
C ASP B 252 28.53 -20.62 13.07
N MET B 253 28.41 -19.60 12.22
CA MET B 253 29.09 -18.33 12.46
C MET B 253 28.82 -17.81 13.87
N TYR B 254 27.56 -17.84 14.30
CA TYR B 254 27.17 -17.21 15.55
C TYR B 254 27.39 -18.09 16.77
N LYS B 255 27.94 -19.30 16.59
CA LYS B 255 28.55 -19.97 17.72
C LYS B 255 29.80 -19.26 18.20
N TYR B 256 30.35 -18.35 17.40
CA TYR B 256 31.62 -17.70 17.69
C TYR B 256 31.42 -16.22 18.04
N ALA B 257 30.31 -15.90 18.69
CA ALA B 257 30.13 -14.60 19.31
C ALA B 257 29.19 -14.78 20.49
N ASP B 258 29.17 -13.78 21.38
CA ASP B 258 28.28 -13.76 22.52
C ASP B 258 27.08 -12.84 22.30
N ALA B 259 27.12 -12.00 21.28
CA ALA B 259 26.08 -11.03 21.00
C ALA B 259 26.30 -10.50 19.60
N LEU B 260 25.29 -9.82 19.08
CA LEU B 260 25.41 -9.19 17.77
C LEU B 260 24.79 -7.80 17.82
N THR B 261 25.38 -6.90 17.05
CA THR B 261 24.78 -5.62 16.69
C THR B 261 24.55 -5.64 15.20
N MET B 262 23.36 -5.24 14.75
CA MET B 262 23.04 -5.39 13.35
C MET B 262 22.35 -4.16 12.81
N SER B 263 22.85 -3.65 11.70
CA SER B 263 22.09 -2.74 10.85
C SER B 263 21.23 -3.59 9.92
N ALA B 264 19.93 -3.63 10.17
CA ALA B 264 19.05 -4.37 9.28
C ALA B 264 18.85 -3.66 7.95
N LYS B 265 19.43 -2.47 7.79
CA LYS B 265 19.35 -1.71 6.54
C LYS B 265 20.27 -2.27 5.46
N LYS B 266 20.97 -3.37 5.74
CA LYS B 266 21.82 -3.99 4.73
C LYS B 266 21.23 -5.33 4.30
N ASP B 267 21.87 -6.42 4.74
CA ASP B 267 21.47 -7.75 4.27
C ASP B 267 20.01 -8.11 4.54
N PRO B 268 19.36 -7.68 5.64
CA PRO B 268 17.91 -7.94 5.76
C PRO B 268 17.04 -7.13 4.81
N LEU B 269 17.62 -6.36 3.88
CA LEU B 269 16.87 -5.76 2.78
C LEU B 269 15.83 -4.75 3.25
N LEU B 270 16.19 -3.89 4.20
CA LEU B 270 15.28 -2.91 4.75
C LEU B 270 15.69 -1.49 4.37
N ASN B 271 14.77 -0.56 4.58
CA ASN B 271 15.04 0.86 4.46
C ASN B 271 15.36 1.53 5.80
N ILE B 272 15.09 0.83 6.90
CA ILE B 272 15.38 1.31 8.24
C ILE B 272 15.31 0.09 9.15
N GLY B 273 16.03 0.16 10.27
CA GLY B 273 15.93 -0.92 11.24
C GLY B 273 17.25 -1.45 11.73
N GLY B 274 17.30 -1.79 13.02
CA GLY B 274 18.47 -2.42 13.60
C GLY B 274 18.06 -3.42 14.65
N LEU B 275 19.06 -4.13 15.19
CA LEU B 275 18.80 -5.19 16.14
C LEU B 275 20.00 -5.40 17.05
N VAL B 276 19.72 -5.62 18.32
CA VAL B 276 20.66 -6.19 19.28
C VAL B 276 20.17 -7.58 19.65
N ALA B 277 21.05 -8.57 19.57
CA ALA B 277 20.70 -9.92 20.00
C ALA B 277 21.82 -10.46 20.87
N ILE B 278 21.44 -11.11 21.96
CA ILE B 278 22.37 -11.61 22.95
C ILE B 278 22.16 -13.11 23.08
N ARG B 279 23.27 -13.85 23.14
CA ARG B 279 23.21 -15.31 23.11
C ARG B 279 22.55 -15.87 24.37
N ASP B 280 23.09 -15.53 25.54
CA ASP B 280 22.54 -16.09 26.77
C ASP B 280 22.89 -15.29 28.02
N ASN B 281 23.62 -14.19 27.89
CA ASN B 281 24.02 -13.41 29.06
C ASN B 281 22.85 -12.52 29.45
N GLU B 282 21.98 -13.04 30.32
CA GLU B 282 20.77 -12.32 30.71
C GLU B 282 21.08 -11.02 31.42
N GLU B 283 22.21 -10.94 32.12
CA GLU B 283 22.56 -9.72 32.83
C GLU B 283 22.86 -8.58 31.86
N ILE B 284 23.67 -8.85 30.83
CA ILE B 284 23.97 -7.83 29.83
C ILE B 284 22.71 -7.46 29.06
N PHE B 285 21.79 -8.41 28.90
CA PHE B 285 20.51 -8.11 28.27
C PHE B 285 19.70 -7.13 29.12
N THR B 286 19.63 -7.37 30.43
CA THR B 286 18.88 -6.47 31.30
C THR B 286 19.46 -5.06 31.27
N LEU B 287 20.79 -4.96 31.34
CA LEU B 287 21.43 -3.64 31.31
C LEU B 287 21.20 -2.93 29.98
N ALA B 288 21.20 -3.69 28.87
CA ALA B 288 20.97 -3.08 27.57
C ALA B 288 19.52 -2.61 27.43
N ARG B 289 18.57 -3.33 28.02
CA ARG B 289 17.18 -2.88 28.02
C ARG B 289 17.02 -1.57 28.76
N GLN B 290 17.75 -1.40 29.88
CA GLN B 290 17.64 -0.18 30.66
C GLN B 290 18.23 1.02 29.91
N ARG B 291 19.18 0.78 29.01
CA ARG B 291 19.68 1.86 28.17
C ARG B 291 18.80 2.05 26.93
N CYS B 292 18.15 0.98 26.47
CA CYS B 292 17.26 1.11 25.30
C CYS B 292 16.12 2.08 25.57
N VAL B 293 15.60 2.09 26.80
CA VAL B 293 14.39 2.87 27.08
C VAL B 293 14.58 4.36 26.84
N PRO B 294 15.60 5.02 27.42
CA PRO B 294 15.73 6.46 27.17
C PRO B 294 16.34 6.81 25.82
N MET B 295 17.09 5.91 25.20
CA MET B 295 17.82 6.21 23.97
C MET B 295 17.04 5.87 22.71
N GLU B 296 16.34 4.74 22.70
CA GLU B 296 15.66 4.27 21.50
C GLU B 296 14.14 4.25 21.65
N GLY B 297 13.64 3.68 22.72
CA GLY B 297 12.21 3.51 22.91
C GLY B 297 11.97 2.33 23.83
N PHE B 298 10.69 1.99 24.01
CA PHE B 298 10.38 0.84 24.84
C PHE B 298 10.97 -0.43 24.21
N VAL B 299 11.15 -1.45 25.05
CA VAL B 299 12.02 -2.56 24.71
C VAL B 299 11.45 -3.47 23.64
N THR B 300 10.14 -3.39 23.35
CA THR B 300 9.54 -4.24 22.33
C THR B 300 9.27 -3.50 21.03
N TYR B 301 9.82 -2.29 20.85
CA TYR B 301 9.91 -1.72 19.50
C TYR B 301 11.21 -0.98 19.24
N GLY B 302 11.91 -0.49 20.27
CA GLY B 302 13.27 0.04 20.13
C GLY B 302 13.45 1.11 19.07
N GLY B 303 12.53 2.04 18.96
CA GLY B 303 12.64 3.10 17.97
C GLY B 303 12.17 2.74 16.59
N LEU B 304 11.46 1.62 16.43
CA LEU B 304 10.95 1.17 15.14
C LEU B 304 9.43 1.16 15.15
N ALA B 305 8.84 1.57 14.03
CA ALA B 305 7.43 1.30 13.83
C ALA B 305 7.20 -0.21 13.80
N GLY B 306 6.01 -0.63 14.24
CA GLY B 306 5.70 -2.05 14.20
C GLY B 306 5.83 -2.63 12.81
N ARG B 307 5.45 -1.85 11.79
CA ARG B 307 5.53 -2.34 10.41
C ARG B 307 6.97 -2.64 10.01
N ASP B 308 7.95 -1.94 10.59
CA ASP B 308 9.34 -2.19 10.20
C ASP B 308 9.93 -3.41 10.88
N MET B 309 9.50 -3.71 12.12
CA MET B 309 9.83 -5.00 12.69
C MET B 309 9.22 -6.13 11.86
N ALA B 310 8.01 -5.93 11.36
CA ALA B 310 7.38 -6.92 10.49
C ALA B 310 8.19 -7.11 9.22
N ALA B 311 8.60 -6.01 8.59
CA ALA B 311 9.44 -6.11 7.39
C ALA B 311 10.78 -6.78 7.71
N MET B 312 11.29 -6.58 8.92
CA MET B 312 12.59 -7.16 9.28
C MET B 312 12.50 -8.68 9.38
N VAL B 313 11.41 -9.20 9.94
CA VAL B 313 11.24 -10.64 10.05
C VAL B 313 11.23 -11.28 8.68
N GLN B 314 10.52 -10.69 7.73
CA GLN B 314 10.47 -11.24 6.38
C GLN B 314 11.79 -11.03 5.65
N GLY B 315 12.42 -9.87 5.82
CA GLY B 315 13.69 -9.60 5.16
C GLY B 315 14.85 -10.41 5.71
N LEU B 316 14.81 -10.75 7.00
CA LEU B 316 15.82 -11.64 7.55
C LEU B 316 15.81 -12.98 6.82
N GLU B 317 14.63 -13.45 6.42
CA GLU B 317 14.54 -14.67 5.64
C GLU B 317 15.06 -14.46 4.22
N GLU B 318 14.53 -13.44 3.53
CA GLU B 318 14.88 -13.21 2.13
C GLU B 318 16.37 -12.96 1.94
N GLY B 319 17.04 -12.41 2.95
CA GLY B 319 18.45 -12.11 2.83
C GLY B 319 19.35 -13.33 2.90
N THR B 320 18.83 -14.46 3.38
CA THR B 320 19.61 -15.68 3.46
C THR B 320 19.42 -16.58 2.25
N GLU B 321 18.58 -16.20 1.30
CA GLU B 321 18.30 -17.05 0.14
C GLU B 321 19.49 -17.04 -0.81
N GLU B 322 20.06 -18.22 -1.05
CA GLU B 322 21.31 -18.32 -1.79
C GLU B 322 21.18 -17.84 -3.23
N GLU B 323 20.03 -18.11 -3.86
CA GLU B 323 19.84 -17.69 -5.24
C GLU B 323 19.92 -16.17 -5.36
N TYR B 324 19.38 -15.46 -4.37
CA TYR B 324 19.50 -14.01 -4.36
C TYR B 324 20.93 -13.57 -4.07
N LEU B 325 21.57 -14.16 -3.05
CA LEU B 325 22.94 -13.79 -2.71
C LEU B 325 23.87 -14.00 -3.90
N HIS B 326 23.66 -15.09 -4.65
CA HIS B 326 24.48 -15.37 -5.83
C HIS B 326 24.34 -14.28 -6.89
N TYR B 327 23.10 -13.83 -7.15
CA TYR B 327 22.89 -12.74 -8.10
C TYR B 327 23.42 -11.42 -7.54
N ARG B 328 23.11 -11.13 -6.28
CA ARG B 328 23.54 -9.87 -5.67
C ARG B 328 25.05 -9.74 -5.68
N ILE B 329 25.75 -10.74 -5.14
CA ILE B 329 27.20 -10.67 -5.09
C ILE B 329 27.80 -10.81 -6.48
N GLY B 330 27.15 -11.57 -7.36
CA GLY B 330 27.62 -11.67 -8.73
C GLY B 330 27.50 -10.36 -9.50
N GLN B 331 26.51 -9.55 -9.16
CA GLN B 331 26.40 -8.24 -9.79
C GLN B 331 27.54 -7.33 -9.38
N VAL B 332 27.90 -7.33 -8.09
CA VAL B 332 29.08 -6.59 -7.64
C VAL B 332 30.31 -7.09 -8.37
N LYS B 333 30.44 -8.41 -8.53
CA LYS B 333 31.58 -8.99 -9.21
C LYS B 333 31.60 -8.60 -10.69
N TYR B 334 30.42 -8.40 -11.28
CA TYR B 334 30.34 -8.03 -12.69
C TYR B 334 30.88 -6.63 -12.93
N LEU B 335 30.45 -5.66 -12.12
CA LEU B 335 31.00 -4.31 -12.23
C LEU B 335 32.50 -4.31 -11.97
N GLY B 336 32.95 -5.13 -11.01
CA GLY B 336 34.38 -5.20 -10.75
C GLY B 336 35.15 -5.80 -11.90
N ASP B 337 34.61 -6.85 -12.52
CA ASP B 337 35.27 -7.44 -13.68
C ASP B 337 35.31 -6.48 -14.86
N ARG B 338 34.22 -5.74 -15.09
CA ARG B 338 34.22 -4.74 -16.15
C ARG B 338 35.35 -3.74 -15.95
N LEU B 339 35.57 -3.31 -14.71
CA LEU B 339 36.62 -2.35 -14.43
C LEU B 339 38.00 -2.98 -14.58
N ARG B 340 38.20 -4.19 -14.02
CA ARG B 340 39.49 -4.85 -14.12
C ARG B 340 39.86 -5.14 -15.56
N GLU B 341 38.89 -5.55 -16.38
CA GLU B 341 39.17 -5.81 -17.79
C GLU B 341 39.65 -4.56 -18.51
N ALA B 342 39.23 -3.38 -18.06
CA ALA B 342 39.65 -2.12 -18.64
C ALA B 342 40.86 -1.51 -17.93
N GLY B 343 41.54 -2.28 -17.08
CA GLY B 343 42.74 -1.81 -16.44
C GLY B 343 42.54 -0.90 -15.24
N ILE B 344 41.31 -0.79 -14.73
CA ILE B 344 41.04 0.02 -13.55
C ILE B 344 41.37 -0.81 -12.31
N PRO B 345 42.25 -0.33 -11.43
CA PRO B 345 42.61 -1.12 -10.24
C PRO B 345 41.54 -1.07 -9.16
N ILE B 346 41.23 -2.25 -8.60
CA ILE B 346 40.20 -2.39 -7.58
C ILE B 346 40.70 -3.32 -6.49
N GLN B 347 40.06 -3.25 -5.33
CA GLN B 347 40.24 -4.25 -4.29
C GLN B 347 39.81 -5.61 -4.84
N TYR B 348 40.74 -6.54 -4.98
CA TYR B 348 40.51 -7.81 -5.65
C TYR B 348 40.75 -8.96 -4.68
N PRO B 349 39.80 -9.89 -4.52
CA PRO B 349 38.50 -10.01 -5.20
C PRO B 349 37.44 -9.02 -4.69
N THR B 350 36.36 -8.81 -5.44
CA THR B 350 35.29 -7.93 -4.99
C THR B 350 34.59 -8.51 -3.78
N GLY B 351 34.17 -7.62 -2.88
CA GLY B 351 33.40 -8.00 -1.72
C GLY B 351 31.93 -8.13 -2.03
N GLY B 352 31.14 -8.21 -0.96
CA GLY B 352 29.74 -8.58 -1.12
C GLY B 352 28.82 -7.46 -1.55
N HIS B 353 29.19 -6.19 -1.33
CA HIS B 353 28.25 -5.10 -1.47
C HIS B 353 28.74 -3.90 -2.26
N ALA B 354 30.00 -3.91 -2.72
CA ALA B 354 30.56 -2.72 -3.33
C ALA B 354 31.83 -3.09 -4.08
N VAL B 355 32.20 -2.23 -5.02
CA VAL B 355 33.50 -2.29 -5.68
C VAL B 355 34.33 -1.13 -5.16
N PHE B 356 35.52 -1.43 -4.67
CA PHE B 356 36.42 -0.44 -4.09
C PHE B 356 37.52 -0.17 -5.11
N VAL B 357 37.46 0.99 -5.74
CA VAL B 357 38.44 1.37 -6.77
C VAL B 357 39.65 1.97 -6.08
N ASP B 358 40.82 1.36 -6.27
CA ASP B 358 42.06 1.84 -5.67
C ASP B 358 42.49 3.11 -6.39
N CYS B 359 42.22 4.27 -5.78
CA CYS B 359 42.59 5.54 -6.38
C CYS B 359 44.00 5.97 -6.03
N LYS B 360 44.67 5.28 -5.10
CA LYS B 360 46.05 5.61 -4.79
C LYS B 360 46.95 5.40 -6.00
N LYS B 361 46.69 4.35 -6.78
CA LYS B 361 47.42 4.13 -8.02
C LYS B 361 46.67 4.62 -9.25
N LEU B 362 45.38 4.94 -9.12
CA LEU B 362 44.66 5.50 -10.26
C LEU B 362 45.02 6.96 -10.52
N VAL B 363 45.29 7.72 -9.47
CA VAL B 363 45.73 9.11 -9.61
C VAL B 363 46.93 9.33 -8.70
N PRO B 364 48.13 8.85 -9.10
CA PRO B 364 49.29 9.01 -8.22
C PRO B 364 49.75 10.45 -8.06
N GLN B 365 49.50 11.30 -9.06
CA GLN B 365 49.96 12.69 -8.98
C GLN B 365 49.29 13.47 -7.86
N ILE B 366 48.16 12.99 -7.36
CA ILE B 366 47.41 13.67 -6.30
C ILE B 366 47.83 13.07 -4.96
N PRO B 367 48.45 13.85 -4.07
CA PRO B 367 48.83 13.31 -2.77
C PRO B 367 47.61 13.02 -1.90
N GLY B 368 47.86 12.33 -0.79
CA GLY B 368 46.75 11.94 0.08
C GLY B 368 46.02 13.12 0.69
N ASP B 369 46.77 14.12 1.17
CA ASP B 369 46.16 15.27 1.81
C ASP B 369 45.31 16.10 0.85
N GLN B 370 45.50 15.94 -0.46
CA GLN B 370 44.67 16.61 -1.45
C GLN B 370 43.53 15.75 -1.95
N PHE B 371 43.30 14.58 -1.32
CA PHE B 371 42.13 13.74 -1.51
C PHE B 371 42.03 13.19 -2.92
N PRO B 372 42.83 12.17 -3.27
CA PRO B 372 42.76 11.64 -4.63
C PRO B 372 41.45 10.94 -4.94
N ALA B 373 40.94 10.14 -4.00
CA ALA B 373 39.70 9.40 -4.26
C ALA B 373 38.52 10.34 -4.41
N GLN B 374 38.51 11.44 -3.66
CA GLN B 374 37.43 12.41 -3.81
C GLN B 374 37.51 13.12 -5.16
N ALA B 375 38.73 13.37 -5.64
CA ALA B 375 38.88 13.97 -6.97
C ALA B 375 38.34 13.05 -8.05
N VAL B 376 38.55 11.74 -7.91
CA VAL B 376 37.98 10.79 -8.86
C VAL B 376 36.47 10.75 -8.74
N ILE B 377 35.95 10.83 -7.51
CA ILE B 377 34.50 10.78 -7.28
C ILE B 377 33.82 11.98 -7.92
N ASN B 378 34.36 13.17 -7.67
CA ASN B 378 33.78 14.38 -8.26
C ASN B 378 33.83 14.32 -9.78
N ALA B 379 34.92 13.79 -10.34
CA ALA B 379 35.01 13.66 -11.79
C ALA B 379 34.02 12.64 -12.32
N LEU B 380 33.83 11.52 -11.61
CA LEU B 380 32.83 10.54 -12.04
C LEU B 380 31.43 11.12 -11.99
N TYR B 381 31.15 11.97 -11.00
CA TYR B 381 29.83 12.57 -10.91
C TYR B 381 29.60 13.58 -12.04
N LEU B 382 30.58 14.45 -12.27
CA LEU B 382 30.44 15.45 -13.33
C LEU B 382 30.26 14.79 -14.68
N GLU B 383 30.97 13.69 -14.93
CA GLU B 383 30.89 13.05 -16.23
C GLU B 383 29.60 12.26 -16.42
N SER B 384 28.99 11.79 -15.33
CA SER B 384 27.95 10.76 -15.45
C SER B 384 26.71 10.98 -14.59
N GLY B 385 26.78 11.78 -13.52
CA GLY B 385 25.68 11.82 -12.57
C GLY B 385 25.68 10.70 -11.56
N VAL B 386 26.68 9.83 -11.59
CA VAL B 386 26.83 8.78 -10.59
C VAL B 386 27.47 9.37 -9.34
N ARG B 387 26.91 9.05 -8.17
CA ARG B 387 27.46 9.51 -6.90
C ARG B 387 28.09 8.33 -6.17
N ALA B 388 29.38 8.44 -5.87
CA ALA B 388 30.12 7.46 -5.09
C ALA B 388 30.60 8.11 -3.80
N VAL B 389 31.17 7.29 -2.92
CA VAL B 389 31.61 7.75 -1.60
C VAL B 389 33.09 7.46 -1.43
N GLU B 390 33.76 8.33 -0.67
CA GLU B 390 35.19 8.23 -0.46
C GLU B 390 35.50 7.44 0.79
N ILE B 391 36.52 6.60 0.70
CA ILE B 391 37.04 5.87 1.85
C ILE B 391 38.55 6.02 1.86
N GLY B 392 39.02 7.20 2.25
CA GLY B 392 40.43 7.53 2.24
C GLY B 392 40.81 8.67 3.16
N SER B 393 41.57 9.65 2.65
CA SER B 393 42.06 10.74 3.48
C SER B 393 40.99 11.78 3.78
N PHE B 394 40.08 12.03 2.83
CA PHE B 394 38.97 12.93 3.09
C PHE B 394 38.12 12.43 4.25
N LEU B 395 37.92 11.11 4.32
CA LEU B 395 37.25 10.50 5.45
C LEU B 395 38.21 10.45 6.64
N LEU B 396 37.76 10.96 7.78
CA LEU B 396 38.52 10.90 9.03
C LEU B 396 39.88 11.59 8.87
N GLY B 397 39.89 12.93 8.92
CA GLY B 397 41.12 13.67 8.73
C GLY B 397 41.50 14.55 9.90
N ARG B 398 42.52 15.39 9.69
CA ARG B 398 43.08 16.31 10.69
C ARG B 398 42.97 15.83 12.15
N LYS B 406 45.80 14.05 8.50
CA LYS B 406 45.97 12.63 8.73
C LYS B 406 46.25 11.89 7.43
N HIS B 407 46.91 10.74 7.53
CA HIS B 407 47.25 9.93 6.38
C HIS B 407 46.58 8.57 6.46
N ALA B 408 46.22 8.04 5.30
CA ALA B 408 45.47 6.79 5.19
C ALA B 408 46.28 5.75 4.42
N ASP B 409 46.20 4.50 4.86
CA ASP B 409 46.89 3.43 4.16
C ASP B 409 46.25 3.15 2.80
N MET B 410 44.93 3.28 2.71
CA MET B 410 44.19 3.02 1.48
C MET B 410 43.42 4.26 1.07
N GLU B 411 43.19 4.39 -0.25
CA GLU B 411 42.45 5.50 -0.84
C GLU B 411 41.45 4.92 -1.84
N PHE B 412 40.31 4.46 -1.34
CA PHE B 412 39.31 3.79 -2.15
C PHE B 412 38.14 4.72 -2.47
N MET B 413 37.67 4.67 -3.72
CA MET B 413 36.34 5.15 -4.07
C MET B 413 35.39 3.97 -4.04
N ARG B 414 34.36 4.04 -3.21
CA ARG B 414 33.45 2.91 -3.00
C ARG B 414 32.23 3.08 -3.90
N LEU B 415 32.08 2.18 -4.85
CA LEU B 415 30.85 2.08 -5.65
C LEU B 415 29.93 1.10 -4.91
N THR B 416 29.09 1.65 -4.05
CA THR B 416 28.24 0.86 -3.17
C THR B 416 26.91 0.57 -3.84
N ILE B 417 26.53 -0.70 -3.89
CA ILE B 417 25.41 -1.17 -4.71
C ILE B 417 24.25 -1.54 -3.80
N ALA B 418 23.14 -0.81 -3.92
CA ALA B 418 21.93 -1.18 -3.21
C ALA B 418 21.42 -2.53 -3.70
N ARG B 419 20.64 -3.19 -2.85
CA ARG B 419 20.19 -4.56 -3.11
C ARG B 419 18.89 -4.56 -3.90
N ARG B 420 18.92 -5.23 -5.06
CA ARG B 420 17.77 -5.43 -5.93
C ARG B 420 17.22 -4.13 -6.50
N VAL B 421 18.08 -3.14 -6.68
CA VAL B 421 17.67 -1.81 -7.11
C VAL B 421 18.07 -1.56 -8.56
N TYR B 422 19.33 -1.82 -8.91
CA TYR B 422 19.88 -1.52 -10.23
C TYR B 422 20.14 -2.80 -11.01
N THR B 423 20.03 -2.69 -12.33
CA THR B 423 20.27 -3.81 -13.24
C THR B 423 21.72 -3.82 -13.69
N ASN B 424 22.11 -4.90 -14.37
CA ASN B 424 23.44 -4.97 -14.93
C ASN B 424 23.66 -3.94 -16.03
N ASP B 425 22.58 -3.44 -16.63
CA ASP B 425 22.73 -2.32 -17.55
C ASP B 425 23.05 -1.03 -16.81
N HIS B 426 22.53 -0.85 -15.60
CA HIS B 426 23.00 0.24 -14.76
C HIS B 426 24.47 0.06 -14.41
N MET B 427 24.89 -1.18 -14.13
CA MET B 427 26.30 -1.45 -13.87
C MET B 427 27.17 -1.07 -15.07
N ASP B 428 26.71 -1.42 -16.27
CA ASP B 428 27.45 -1.04 -17.48
C ASP B 428 27.58 0.48 -17.60
N TYR B 429 26.52 1.21 -17.28
CA TYR B 429 26.60 2.66 -17.31
C TYR B 429 27.64 3.17 -16.33
N ILE B 430 27.69 2.57 -15.14
CA ILE B 430 28.67 2.99 -14.14
C ILE B 430 30.07 2.69 -14.63
N ALA B 431 30.30 1.46 -15.11
CA ALA B 431 31.64 1.06 -15.55
C ALA B 431 32.10 1.90 -16.73
N ASP B 432 31.25 2.04 -17.75
CA ASP B 432 31.63 2.81 -18.93
C ASP B 432 31.94 4.25 -18.58
N ALA B 433 31.24 4.81 -17.60
CA ALA B 433 31.50 6.18 -17.18
C ALA B 433 32.90 6.32 -16.59
N LEU B 434 33.29 5.38 -15.73
CA LEU B 434 34.63 5.44 -15.15
C LEU B 434 35.71 5.10 -16.16
N ILE B 435 35.41 4.19 -17.11
CA ILE B 435 36.38 3.83 -18.13
C ILE B 435 36.66 5.01 -19.05
N GLY B 436 35.63 5.79 -19.38
CA GLY B 436 35.79 6.93 -20.26
C GLY B 436 36.60 8.08 -19.67
N LEU B 437 36.94 8.01 -18.38
CA LEU B 437 37.75 9.03 -17.73
C LEU B 437 39.23 8.65 -17.65
N LYS B 438 39.62 7.53 -18.27
CA LYS B 438 40.99 7.04 -18.11
C LYS B 438 42.02 8.05 -18.58
N GLU B 439 41.71 8.79 -19.66
CA GLU B 439 42.63 9.80 -20.14
C GLU B 439 42.67 11.04 -19.26
N LYS B 440 41.60 11.31 -18.50
CA LYS B 440 41.56 12.47 -17.62
C LYS B 440 42.14 12.22 -16.24
N PHE B 441 42.43 10.95 -15.88
CA PHE B 441 42.94 10.66 -14.56
C PHE B 441 44.33 11.28 -14.35
N ALA B 442 45.16 11.28 -15.39
CA ALA B 442 46.50 11.83 -15.26
C ALA B 442 46.46 13.34 -15.02
N THR B 443 45.67 14.06 -15.81
CA THR B 443 45.56 15.51 -15.72
C THR B 443 44.70 15.96 -14.54
N LEU B 444 44.29 15.04 -13.68
CA LEU B 444 43.35 15.36 -12.61
C LEU B 444 44.04 16.09 -11.48
N LYS B 445 43.43 17.16 -11.00
CA LYS B 445 43.96 17.95 -9.89
C LYS B 445 43.32 17.50 -8.58
N GLY B 446 43.91 17.96 -7.47
CA GLY B 446 43.44 17.64 -6.15
C GLY B 446 42.40 18.62 -5.66
N LEU B 447 42.13 18.56 -4.36
CA LEU B 447 41.11 19.39 -3.73
C LEU B 447 41.65 20.01 -2.46
N GLU B 448 41.26 21.26 -2.21
CA GLU B 448 41.58 21.95 -0.98
C GLU B 448 40.29 22.49 -0.36
N PHE B 449 40.32 22.72 0.94
CA PHE B 449 39.12 23.14 1.65
C PHE B 449 38.76 24.59 1.32
N GLU B 450 37.46 24.84 1.21
CA GLU B 450 36.91 26.18 1.30
C GLU B 450 36.37 26.46 2.69
N TYR B 451 35.51 25.57 3.19
CA TYR B 451 35.10 25.55 4.59
C TYR B 451 35.36 24.15 5.13
N GLU B 452 35.99 24.07 6.30
CA GLU B 452 36.25 22.78 6.93
C GLU B 452 35.68 22.80 8.34
N PRO B 453 34.70 21.95 8.66
CA PRO B 453 34.23 21.88 10.04
C PRO B 453 35.26 21.20 10.93
N PRO B 454 35.26 21.49 12.24
CA PRO B 454 36.29 20.91 13.11
C PRO B 454 36.28 19.39 13.15
N VAL B 455 35.10 18.76 13.15
CA VAL B 455 34.98 17.31 13.15
C VAL B 455 33.96 16.91 12.09
N LEU B 456 34.10 15.67 11.61
CA LEU B 456 33.17 15.07 10.65
C LEU B 456 33.08 15.92 9.38
N ARG B 457 34.23 16.14 8.76
CA ARG B 457 34.26 17.02 7.58
C ARG B 457 33.62 16.35 6.37
N HIS B 458 33.95 15.07 6.13
CA HIS B 458 33.47 14.36 4.94
C HIS B 458 31.97 14.45 4.76
N PHE B 459 31.22 14.57 5.86
CA PHE B 459 29.77 14.68 5.77
C PHE B 459 29.35 16.08 5.34
N THR B 460 29.93 17.12 5.96
CA THR B 460 29.51 18.49 5.68
C THR B 460 30.72 19.43 5.63
N ALA B 461 31.65 19.16 4.73
CA ALA B 461 32.73 20.09 4.42
C ALA B 461 32.56 20.58 2.98
N ARG B 462 33.14 21.74 2.70
CA ARG B 462 33.15 22.32 1.37
C ARG B 462 34.57 22.36 0.84
N LEU B 463 34.75 21.95 -0.41
CA LEU B 463 36.05 21.88 -1.05
C LEU B 463 36.06 22.77 -2.29
N LYS B 464 37.22 22.82 -2.94
CA LYS B 464 37.34 23.47 -4.24
C LYS B 464 38.55 22.89 -4.95
N PRO B 465 38.52 22.80 -6.28
CA PRO B 465 39.67 22.24 -7.00
C PRO B 465 40.86 23.18 -6.95
N ILE B 466 42.04 22.61 -6.72
CA ILE B 466 43.27 23.40 -6.65
C ILE B 466 43.73 23.76 -8.06
N ALA C 2 -33.07 2.88 20.79
CA ALA C 2 -32.02 2.60 19.81
C ALA C 2 -30.73 2.20 20.54
N LYS C 3 -30.13 1.08 20.13
CA LYS C 3 -28.99 0.51 20.82
C LYS C 3 -27.75 0.59 19.93
N ARG C 4 -26.73 1.31 20.41
CA ARG C 4 -25.46 1.38 19.71
CA ARG C 4 -25.46 1.38 19.72
C ARG C 4 -24.64 0.12 20.01
N ILE C 5 -24.09 -0.48 18.96
CA ILE C 5 -23.24 -1.65 19.06
C ILE C 5 -21.83 -1.25 18.67
N VAL C 6 -20.86 -1.61 19.49
CA VAL C 6 -19.48 -1.15 19.32
C VAL C 6 -18.80 -1.92 18.19
N GLU C 7 -17.85 -1.25 17.52
CA GLU C 7 -17.14 -1.86 16.40
C GLU C 7 -16.25 -3.01 16.88
N PRO C 8 -16.31 -4.18 16.22
CA PRO C 8 -15.38 -5.26 16.56
C PRO C 8 -14.04 -5.11 15.82
N PHE C 9 -13.61 -3.86 15.69
CA PHE C 9 -12.35 -3.53 15.04
C PHE C 9 -11.95 -2.13 15.51
N ARG C 10 -10.76 -1.71 15.11
CA ARG C 10 -10.38 -0.32 15.27
C ARG C 10 -9.94 0.23 13.92
N ILE C 11 -9.80 1.53 13.86
CA ILE C 11 -9.51 2.20 12.59
C ILE C 11 -8.01 2.16 12.35
N LYS C 12 -7.62 1.81 11.12
CA LYS C 12 -6.22 1.83 10.74
C LYS C 12 -5.89 2.91 9.73
N MET C 13 -6.86 3.32 8.92
CA MET C 13 -6.63 4.39 7.96
C MET C 13 -7.94 5.15 7.75
N VAL C 14 -7.82 6.46 7.62
CA VAL C 14 -8.98 7.34 7.50
C VAL C 14 -8.96 7.99 6.12
N GLU C 15 -10.15 8.42 5.71
CA GLU C 15 -10.34 9.22 4.50
C GLU C 15 -11.09 10.47 4.93
N LYS C 16 -10.52 11.63 4.66
CA LYS C 16 -11.15 12.88 5.06
C LYS C 16 -12.46 13.08 4.32
N ILE C 17 -13.48 13.55 5.05
CA ILE C 17 -14.72 14.00 4.45
C ILE C 17 -15.05 15.37 5.02
N ARG C 18 -15.79 16.16 4.26
CA ARG C 18 -16.14 17.52 4.66
C ARG C 18 -17.61 17.77 4.35
N VAL C 19 -18.21 18.64 5.16
CA VAL C 19 -19.57 19.12 4.90
C VAL C 19 -19.45 20.34 4.00
N PRO C 20 -19.88 20.27 2.74
CA PRO C 20 -19.89 21.48 1.91
C PRO C 20 -20.85 22.51 2.50
N SER C 21 -20.50 23.78 2.34
CA SER C 21 -21.33 24.84 2.86
C SER C 21 -22.72 24.78 2.25
N ARG C 22 -23.69 25.36 2.95
CA ARG C 22 -25.04 25.47 2.41
C ARG C 22 -25.02 26.10 1.03
N GLU C 23 -24.24 27.16 0.85
CA GLU C 23 -24.12 27.79 -0.47
C GLU C 23 -23.63 26.80 -1.51
N GLU C 24 -22.56 26.06 -1.20
CA GLU C 24 -22.04 25.08 -2.14
C GLU C 24 -23.05 23.99 -2.45
N ARG C 25 -23.78 23.52 -1.42
CA ARG C 25 -24.74 22.44 -1.64
C ARG C 25 -25.88 22.89 -2.53
N GLU C 26 -26.37 24.12 -2.34
CA GLU C 26 -27.40 24.66 -3.22
C GLU C 26 -26.88 24.77 -4.65
N ALA C 27 -25.68 25.34 -4.81
CA ALA C 27 -25.09 25.47 -6.14
C ALA C 27 -24.89 24.10 -6.78
N ALA C 28 -24.38 23.13 -6.02
CA ALA C 28 -24.10 21.82 -6.60
C ALA C 28 -25.37 21.11 -7.01
N LEU C 29 -26.41 21.17 -6.18
CA LEU C 29 -27.67 20.52 -6.53
C LEU C 29 -28.29 21.14 -7.77
N LYS C 30 -28.21 22.48 -7.89
CA LYS C 30 -28.74 23.13 -9.08
C LYS C 30 -27.92 22.76 -10.32
N GLU C 31 -26.59 22.74 -10.19
CA GLU C 31 -25.76 22.28 -11.28
C GLU C 31 -26.07 20.84 -11.67
N ALA C 32 -26.39 20.00 -10.68
CA ALA C 32 -26.72 18.60 -10.91
C ALA C 32 -28.15 18.39 -11.39
N GLY C 33 -28.85 19.47 -11.75
CA GLY C 33 -30.24 19.34 -12.17
C GLY C 33 -31.15 18.73 -11.13
N TYR C 34 -30.90 19.00 -9.85
CA TYR C 34 -31.70 18.46 -8.75
C TYR C 34 -31.79 16.95 -8.79
N ASN C 35 -30.71 16.31 -9.23
CA ASN C 35 -30.60 14.85 -9.27
C ASN C 35 -29.28 14.46 -8.62
N PRO C 36 -29.30 14.01 -7.36
CA PRO C 36 -28.04 13.68 -6.68
C PRO C 36 -27.18 12.67 -7.39
N PHE C 37 -27.74 11.86 -8.30
CA PHE C 37 -26.93 10.94 -9.08
C PHE C 37 -25.94 11.67 -9.99
N LEU C 38 -26.18 12.94 -10.29
CA LEU C 38 -25.27 13.74 -11.09
C LEU C 38 -24.32 14.58 -10.24
N LEU C 39 -24.43 14.52 -8.92
CA LEU C 39 -23.51 15.24 -8.05
C LEU C 39 -22.14 14.58 -8.08
N PRO C 40 -21.07 15.37 -8.10
CA PRO C 40 -19.74 14.78 -7.85
C PRO C 40 -19.61 14.41 -6.38
N SER C 41 -18.74 13.43 -6.11
CA SER C 41 -18.51 13.05 -4.72
C SER C 41 -17.96 14.22 -3.90
N SER C 42 -17.32 15.19 -4.55
CA SER C 42 -16.80 16.35 -3.84
C SER C 42 -17.89 17.20 -3.19
N ALA C 43 -19.14 17.06 -3.63
CA ALA C 43 -20.25 17.80 -3.05
C ALA C 43 -21.02 17.01 -2.01
N VAL C 44 -20.56 15.81 -1.68
CA VAL C 44 -21.27 14.90 -0.78
C VAL C 44 -20.50 14.79 0.53
N TYR C 45 -21.21 14.87 1.65
CA TYR C 45 -20.61 14.63 2.95
C TYR C 45 -20.62 13.14 3.25
N ILE C 46 -21.76 12.63 3.71
CA ILE C 46 -21.97 11.20 3.92
C ILE C 46 -22.74 10.66 2.72
N ASP C 47 -22.17 9.66 2.04
CA ASP C 47 -22.74 9.14 0.80
C ASP C 47 -23.50 7.86 1.10
N LEU C 48 -24.82 7.91 0.99
CA LEU C 48 -25.68 6.76 1.24
C LEU C 48 -26.36 6.28 -0.05
N LEU C 49 -25.70 6.52 -1.20
CA LEU C 49 -26.29 6.15 -2.47
C LEU C 49 -26.37 4.64 -2.63
N THR C 50 -25.29 3.93 -2.34
N THR C 50 -25.31 3.93 -2.27
CA THR C 50 -25.26 2.48 -2.41
CA THR C 50 -25.31 2.49 -2.36
C THR C 50 -24.39 1.94 -1.27
C THR C 50 -24.37 1.93 -1.30
N ASP C 51 -24.53 0.64 -1.02
CA ASP C 51 -23.58 -0.11 -0.23
C ASP C 51 -22.64 -0.92 -1.12
N SER C 52 -22.55 -0.55 -2.39
CA SER C 52 -21.82 -1.33 -3.39
C SER C 52 -20.45 -0.73 -3.66
N GLY C 53 -19.39 -1.47 -3.33
CA GLY C 53 -18.04 -1.06 -3.68
C GLY C 53 -17.47 0.10 -2.90
N THR C 54 -18.13 0.53 -1.84
CA THR C 54 -17.63 1.63 -1.01
C THR C 54 -17.13 1.17 0.34
N ASN C 55 -17.04 -0.14 0.55
CA ASN C 55 -16.70 -0.70 1.85
C ASN C 55 -15.25 -0.43 2.20
N ALA C 56 -14.98 -0.39 3.51
CA ALA C 56 -13.63 -0.31 4.04
C ALA C 56 -13.05 -1.72 4.17
N MET C 57 -11.94 -1.98 3.49
CA MET C 57 -11.26 -3.25 3.62
C MET C 57 -10.38 -3.25 4.88
N SER C 58 -9.88 -4.42 5.25
CA SER C 58 -9.00 -4.58 6.40
C SER C 58 -7.53 -4.56 5.96
N ASP C 59 -6.64 -4.55 6.96
CA ASP C 59 -5.22 -4.65 6.64
C ASP C 59 -4.89 -5.99 5.98
N HIS C 60 -5.57 -7.07 6.37
CA HIS C 60 -5.32 -8.36 5.75
C HIS C 60 -5.74 -8.37 4.28
N GLN C 61 -6.83 -7.66 3.96
CA GLN C 61 -7.24 -7.57 2.56
C GLN C 61 -6.25 -6.79 1.73
N TRP C 62 -5.75 -5.67 2.26
CA TRP C 62 -4.75 -4.89 1.56
C TRP C 62 -3.44 -5.65 1.42
N ALA C 63 -3.02 -6.36 2.47
CA ALA C 63 -1.83 -7.20 2.35
C ALA C 63 -2.02 -8.25 1.26
N ALA C 64 -3.21 -8.85 1.18
CA ALA C 64 -3.47 -9.84 0.16
C ALA C 64 -3.34 -9.24 -1.24
N MET C 65 -3.76 -7.99 -1.42
CA MET C 65 -3.64 -7.35 -2.72
C MET C 65 -2.19 -7.13 -3.10
N ILE C 66 -1.35 -6.73 -2.14
CA ILE C 66 0.05 -6.41 -2.44
C ILE C 66 0.77 -7.62 -3.02
N THR C 67 0.50 -8.81 -2.49
CA THR C 67 1.12 -10.02 -3.00
C THR C 67 0.28 -10.71 -4.07
N GLY C 68 -0.69 -10.01 -4.64
CA GLY C 68 -1.54 -10.62 -5.65
C GLY C 68 -0.77 -10.99 -6.89
N ASP C 69 -1.16 -12.13 -7.49
CA ASP C 69 -0.51 -12.67 -8.69
C ASP C 69 -1.28 -12.17 -9.91
N GLU C 70 -0.65 -11.30 -10.71
CA GLU C 70 -1.31 -10.62 -11.81
C GLU C 70 -1.28 -11.40 -13.12
N ALA C 71 -0.91 -12.68 -13.08
CA ALA C 71 -0.77 -13.46 -14.30
C ALA C 71 -2.06 -13.48 -15.10
N TYR C 72 -1.90 -13.55 -16.43
CA TYR C 72 -3.07 -13.58 -17.31
C TYR C 72 -3.77 -14.93 -17.24
N ALA C 73 -3.01 -16.01 -17.12
CA ALA C 73 -3.55 -17.36 -17.06
C ALA C 73 -2.97 -18.07 -15.86
N GLY C 74 -3.83 -18.64 -15.03
CA GLY C 74 -3.36 -19.46 -13.92
C GLY C 74 -2.88 -18.70 -12.71
N SER C 75 -3.46 -17.52 -12.45
CA SER C 75 -3.10 -16.76 -11.26
C SER C 75 -3.26 -17.62 -10.01
N ARG C 76 -2.28 -17.50 -9.12
CA ARG C 76 -2.35 -18.19 -7.82
CA ARG C 76 -2.35 -18.20 -7.83
C ARG C 76 -3.64 -17.88 -7.10
N ASN C 77 -4.12 -16.64 -7.21
CA ASN C 77 -5.32 -16.23 -6.50
C ASN C 77 -6.59 -16.82 -7.10
N TYR C 78 -6.59 -17.18 -8.39
CA TYR C 78 -7.74 -17.87 -8.95
C TYR C 78 -7.97 -19.21 -8.26
N TYR C 79 -6.89 -19.95 -7.97
CA TYR C 79 -7.04 -21.24 -7.34
C TYR C 79 -7.47 -21.12 -5.88
N ASP C 80 -7.00 -20.07 -5.19
CA ASP C 80 -7.47 -19.82 -3.83
C ASP C 80 -8.95 -19.47 -3.83
N LEU C 81 -9.39 -18.68 -4.80
CA LEU C 81 -10.81 -18.34 -4.91
C LEU C 81 -11.65 -19.58 -5.18
N LYS C 82 -11.14 -20.49 -6.02
CA LYS C 82 -11.84 -21.74 -6.28
C LYS C 82 -11.98 -22.56 -5.01
N ASP C 83 -10.89 -22.73 -4.25
CA ASP C 83 -10.95 -23.46 -3.00
C ASP C 83 -11.89 -22.78 -2.01
N LYS C 84 -11.92 -21.45 -2.00
CA LYS C 84 -12.77 -20.74 -1.04
C LYS C 84 -14.24 -20.98 -1.35
N ALA C 85 -14.62 -20.96 -2.62
CA ALA C 85 -16.02 -21.22 -2.98
C ALA C 85 -16.41 -22.66 -2.70
N LYS C 86 -15.48 -23.60 -2.86
CA LYS C 86 -15.77 -24.98 -2.48
C LYS C 86 -15.95 -25.11 -0.98
N GLU C 87 -15.14 -24.39 -0.19
CA GLU C 87 -15.30 -24.40 1.26
C GLU C 87 -16.63 -23.77 1.67
N LEU C 88 -16.92 -22.58 1.15
CA LEU C 88 -18.09 -21.84 1.64
C LEU C 88 -19.38 -22.47 1.14
N PHE C 89 -19.44 -22.82 -0.15
CA PHE C 89 -20.70 -23.22 -0.77
C PHE C 89 -20.74 -24.68 -1.19
N ASN C 90 -19.62 -25.40 -1.14
CA ASN C 90 -19.53 -26.76 -1.66
C ASN C 90 -19.78 -26.80 -3.16
N TYR C 91 -19.44 -25.71 -3.85
CA TYR C 91 -19.59 -25.62 -5.30
C TYR C 91 -18.24 -25.91 -5.95
N ASP C 92 -18.27 -26.68 -7.05
CA ASP C 92 -17.06 -27.26 -7.61
C ASP C 92 -16.41 -26.40 -8.70
N TYR C 93 -17.12 -25.46 -9.31
CA TYR C 93 -16.59 -24.67 -10.40
C TYR C 93 -16.79 -23.19 -10.12
N ILE C 94 -15.82 -22.37 -10.53
CA ILE C 94 -15.93 -20.92 -10.35
C ILE C 94 -15.54 -20.20 -11.63
N ILE C 95 -16.20 -19.09 -11.89
CA ILE C 95 -15.81 -18.15 -12.93
C ILE C 95 -15.81 -16.76 -12.30
N PRO C 96 -14.64 -16.15 -12.08
CA PRO C 96 -14.62 -14.76 -11.59
C PRO C 96 -15.25 -13.83 -12.62
N ALA C 97 -15.76 -12.71 -12.11
CA ALA C 97 -16.35 -11.67 -12.95
C ALA C 97 -15.97 -10.33 -12.35
N HIS C 98 -16.01 -9.28 -13.17
CA HIS C 98 -15.51 -8.00 -12.68
C HIS C 98 -16.46 -7.39 -11.64
N GLN C 99 -17.76 -7.67 -11.75
CA GLN C 99 -18.69 -7.43 -10.65
C GLN C 99 -19.95 -8.24 -10.90
N GLY C 100 -21.01 -7.95 -10.13
CA GLY C 100 -22.19 -8.80 -10.12
C GLY C 100 -22.93 -8.85 -11.44
N ARG C 101 -23.11 -7.69 -12.09
CA ARG C 101 -23.82 -7.69 -13.37
C ARG C 101 -23.00 -8.33 -14.48
N GLY C 102 -21.67 -8.36 -14.35
CA GLY C 102 -20.88 -9.16 -15.27
C GLY C 102 -21.04 -10.65 -15.02
N ALA C 103 -21.24 -11.04 -13.75
CA ALA C 103 -21.56 -12.43 -13.45
C ALA C 103 -22.93 -12.81 -14.02
N GLU C 104 -23.89 -11.88 -14.01
CA GLU C 104 -25.18 -12.14 -14.62
C GLU C 104 -25.05 -12.22 -16.14
N ASN C 105 -24.21 -11.37 -16.72
CA ASN C 105 -24.02 -11.40 -18.16
C ASN C 105 -23.33 -12.68 -18.60
N ILE C 106 -22.46 -13.24 -17.75
CA ILE C 106 -21.85 -14.54 -18.03
C ILE C 106 -22.90 -15.65 -18.04
N LEU C 107 -23.71 -15.72 -16.99
CA LEU C 107 -24.51 -16.91 -16.72
C LEU C 107 -25.88 -16.87 -17.39
N PHE C 108 -26.61 -15.77 -17.29
CA PHE C 108 -28.00 -15.76 -17.74
C PHE C 108 -28.17 -16.13 -19.21
N PRO C 109 -27.42 -15.54 -20.16
CA PRO C 109 -27.59 -15.99 -21.56
C PRO C 109 -27.25 -17.45 -21.76
N VAL C 110 -26.33 -17.99 -20.96
CA VAL C 110 -25.99 -19.40 -21.09
C VAL C 110 -27.15 -20.28 -20.63
N LEU C 111 -27.79 -19.93 -19.52
CA LEU C 111 -28.95 -20.69 -19.06
C LEU C 111 -30.07 -20.68 -20.11
N LEU C 112 -30.31 -19.54 -20.75
CA LEU C 112 -31.33 -19.49 -21.78
C LEU C 112 -30.99 -20.43 -22.94
N LYS C 113 -29.76 -20.34 -23.46
CA LYS C 113 -29.32 -21.21 -24.54
C LYS C 113 -29.39 -22.68 -24.13
N TYR C 114 -29.04 -22.97 -22.87
CA TYR C 114 -29.17 -24.33 -22.35
C TYR C 114 -30.61 -24.80 -22.38
N LYS C 115 -31.53 -23.97 -21.86
CA LYS C 115 -32.95 -24.36 -21.84
C LYS C 115 -33.50 -24.54 -23.25
N GLN C 116 -32.95 -23.83 -24.23
CA GLN C 116 -33.42 -23.90 -25.61
C GLN C 116 -32.90 -25.12 -26.37
N LYS C 117 -32.15 -26.01 -25.71
CA LYS C 117 -31.43 -27.06 -26.44
C LYS C 117 -32.37 -28.04 -27.11
N GLU C 118 -33.46 -28.41 -26.44
CA GLU C 118 -34.43 -29.35 -26.98
C GLU C 118 -35.63 -28.66 -27.59
N GLY C 119 -35.49 -27.40 -28.00
CA GLY C 119 -36.64 -26.68 -28.52
C GLY C 119 -37.59 -26.21 -27.45
N LYS C 120 -37.12 -26.09 -26.21
CA LYS C 120 -37.95 -25.57 -25.13
C LYS C 120 -37.76 -24.06 -25.03
N ALA C 121 -38.42 -23.46 -24.04
CA ALA C 121 -38.31 -22.02 -23.75
C ALA C 121 -38.76 -21.18 -24.96
N LYS C 122 -39.93 -21.52 -25.49
CA LYS C 122 -40.49 -20.76 -26.60
C LYS C 122 -40.97 -19.38 -26.16
N ASN C 123 -41.49 -19.28 -24.94
CA ASN C 123 -41.83 -18.01 -24.30
C ASN C 123 -41.10 -17.97 -22.98
N PRO C 124 -39.78 -17.77 -23.00
CA PRO C 124 -38.97 -17.98 -21.79
C PRO C 124 -39.19 -16.89 -20.76
N VAL C 125 -39.12 -17.30 -19.48
CA VAL C 125 -39.23 -16.37 -18.36
C VAL C 125 -38.22 -16.75 -17.29
N PHE C 126 -37.88 -15.77 -16.45
CA PHE C 126 -37.16 -15.99 -15.19
C PHE C 126 -38.09 -15.67 -14.03
N ILE C 127 -37.98 -16.43 -12.94
CA ILE C 127 -38.80 -16.24 -11.76
C ILE C 127 -37.89 -15.99 -10.56
N SER C 128 -38.13 -14.90 -9.85
CA SER C 128 -37.38 -14.59 -8.65
C SER C 128 -38.34 -14.15 -7.56
N ASN C 129 -37.89 -14.25 -6.30
CA ASN C 129 -38.58 -13.51 -5.25
C ASN C 129 -38.58 -12.02 -5.58
N PHE C 130 -37.45 -11.51 -6.08
CA PHE C 130 -37.41 -10.19 -6.69
C PHE C 130 -36.09 -9.96 -7.41
N HIS C 131 -36.14 -9.85 -8.72
CA HIS C 131 -34.96 -9.49 -9.51
C HIS C 131 -34.48 -8.09 -9.14
N PHE C 132 -33.18 -7.96 -8.90
CA PHE C 132 -32.59 -6.63 -8.85
C PHE C 132 -32.60 -6.00 -10.25
N ASP C 133 -32.42 -4.69 -10.29
CA ASP C 133 -32.49 -3.93 -11.54
C ASP C 133 -31.61 -4.54 -12.62
N THR C 134 -30.32 -4.71 -12.35
CA THR C 134 -29.42 -5.27 -13.35
C THR C 134 -29.81 -6.70 -13.70
N THR C 135 -30.24 -7.47 -12.69
CA THR C 135 -30.67 -8.83 -12.92
C THR C 135 -31.86 -8.86 -13.88
N ALA C 136 -32.85 -8.01 -13.63
CA ALA C 136 -34.00 -7.91 -14.52
C ALA C 136 -33.60 -7.45 -15.91
N ALA C 137 -32.62 -6.54 -16.00
CA ALA C 137 -32.19 -6.03 -17.30
C ALA C 137 -31.60 -7.13 -18.16
N HIS C 138 -30.74 -7.98 -17.56
CA HIS C 138 -30.14 -9.06 -18.34
C HIS C 138 -31.19 -10.09 -18.75
N VAL C 139 -32.17 -10.34 -17.89
CA VAL C 139 -33.28 -11.21 -18.28
C VAL C 139 -33.99 -10.63 -19.51
N GLU C 140 -34.32 -9.35 -19.45
CA GLU C 140 -35.06 -8.73 -20.55
C GLU C 140 -34.19 -8.56 -21.79
N LEU C 141 -32.89 -8.26 -21.60
CA LEU C 141 -32.00 -8.12 -22.76
C LEU C 141 -31.90 -9.41 -23.54
N ASN C 142 -32.06 -10.56 -22.88
CA ASN C 142 -32.01 -11.85 -23.54
C ASN C 142 -33.39 -12.33 -23.99
N GLY C 143 -34.35 -11.42 -24.14
CA GLY C 143 -35.66 -11.76 -24.66
C GLY C 143 -36.60 -12.48 -23.71
N CYS C 144 -36.29 -12.49 -22.42
CA CYS C 144 -37.11 -13.17 -21.43
C CYS C 144 -37.86 -12.15 -20.58
N LYS C 145 -38.88 -12.64 -19.87
CA LYS C 145 -39.64 -11.83 -18.93
C LYS C 145 -39.19 -12.14 -17.51
N ALA C 146 -39.03 -11.08 -16.71
CA ALA C 146 -38.61 -11.21 -15.32
C ALA C 146 -39.83 -11.13 -14.42
N ILE C 147 -40.12 -12.22 -13.71
CA ILE C 147 -41.30 -12.34 -12.87
C ILE C 147 -40.87 -12.29 -11.41
N ASN C 148 -41.47 -11.39 -10.64
CA ASN C 148 -41.20 -11.24 -9.22
C ASN C 148 -42.42 -11.69 -8.42
N ILE C 149 -42.19 -12.57 -7.44
CA ILE C 149 -43.27 -13.13 -6.64
C ILE C 149 -42.93 -13.10 -5.15
N VAL C 150 -42.38 -11.98 -4.67
CA VAL C 150 -42.10 -11.86 -3.24
C VAL C 150 -43.42 -11.92 -2.45
N THR C 151 -43.32 -12.34 -1.19
CA THR C 151 -44.49 -12.44 -0.33
C THR C 151 -45.20 -11.10 -0.22
N GLU C 152 -46.52 -11.17 -0.06
CA GLU C 152 -47.33 -9.96 0.11
C GLU C 152 -46.90 -9.17 1.35
N LYS C 153 -46.32 -9.87 2.34
CA LYS C 153 -45.90 -9.20 3.58
C LYS C 153 -44.87 -8.11 3.33
N ALA C 154 -44.10 -8.21 2.24
CA ALA C 154 -43.08 -7.20 1.97
C ALA C 154 -43.68 -5.85 1.65
N PHE C 155 -44.95 -5.80 1.21
CA PHE C 155 -45.58 -4.55 0.84
C PHE C 155 -46.29 -3.87 2.00
N ASP C 156 -46.40 -4.53 3.15
CA ASP C 156 -46.96 -3.94 4.36
C ASP C 156 -45.80 -3.31 5.12
N SER C 157 -45.57 -2.03 4.86
CA SER C 157 -44.32 -1.39 5.25
C SER C 157 -44.13 -1.44 6.77
N GLU C 158 -45.15 -1.07 7.53
CA GLU C 158 -44.99 -0.94 8.98
C GLU C 158 -45.35 -2.21 9.75
N THR C 159 -45.79 -3.27 9.08
CA THR C 159 -46.17 -4.51 9.75
C THR C 159 -44.96 -5.44 9.81
N TYR C 160 -44.49 -5.73 11.02
CA TYR C 160 -43.34 -6.60 11.19
C TYR C 160 -43.61 -7.98 10.60
N ASP C 161 -42.57 -8.58 10.02
CA ASP C 161 -42.57 -9.99 9.66
C ASP C 161 -41.13 -10.48 9.62
N ASP C 162 -40.96 -11.77 9.93
CA ASP C 162 -39.62 -12.34 10.03
C ASP C 162 -38.92 -12.43 8.68
N TRP C 163 -39.66 -12.69 7.59
CA TRP C 163 -39.05 -13.04 6.30
C TRP C 163 -39.74 -12.28 5.17
N LYS C 164 -39.59 -10.96 5.15
CA LYS C 164 -40.24 -10.18 4.09
C LYS C 164 -39.59 -10.38 2.74
N GLY C 165 -38.54 -11.19 2.63
CA GLY C 165 -37.93 -11.53 1.36
C GLY C 165 -38.37 -12.87 0.78
N ASP C 166 -39.34 -13.53 1.40
CA ASP C 166 -39.74 -14.88 1.00
C ASP C 166 -40.40 -14.89 -0.38
N PHE C 167 -40.15 -15.97 -1.13
CA PHE C 167 -41.00 -16.30 -2.26
C PHE C 167 -42.43 -16.49 -1.79
N ASP C 168 -43.38 -16.07 -2.60
CA ASP C 168 -44.78 -16.50 -2.43
C ASP C 168 -44.90 -17.87 -3.06
N ILE C 169 -45.01 -18.92 -2.24
CA ILE C 169 -44.98 -20.28 -2.76
C ILE C 169 -46.20 -20.55 -3.64
N LYS C 170 -47.36 -20.01 -3.25
CA LYS C 170 -48.55 -20.17 -4.09
C LYS C 170 -48.32 -19.58 -5.48
N LYS C 171 -47.70 -18.40 -5.56
CA LYS C 171 -47.44 -17.80 -6.86
C LYS C 171 -46.40 -18.58 -7.64
N LEU C 172 -45.42 -19.19 -6.96
CA LEU C 172 -44.44 -20.01 -7.66
C LEU C 172 -45.11 -21.14 -8.41
N LYS C 173 -45.97 -21.91 -7.71
CA LYS C 173 -46.66 -23.02 -8.35
C LYS C 173 -47.61 -22.50 -9.44
N GLU C 174 -48.28 -21.38 -9.19
CA GLU C 174 -49.17 -20.82 -10.21
C GLU C 174 -48.41 -20.44 -11.46
N ASN C 175 -47.25 -19.80 -11.31
CA ASN C 175 -46.46 -19.42 -12.47
C ASN C 175 -45.87 -20.63 -13.17
N ILE C 176 -45.52 -21.67 -12.41
CA ILE C 176 -45.02 -22.89 -13.04
C ILE C 176 -46.11 -23.53 -13.88
N ALA C 177 -47.35 -23.50 -13.39
CA ALA C 177 -48.45 -24.12 -14.12
C ALA C 177 -48.82 -23.30 -15.35
N GLN C 178 -48.82 -21.97 -15.24
CA GLN C 178 -49.30 -21.13 -16.33
C GLN C 178 -48.28 -20.99 -17.45
N HIS C 179 -46.99 -20.93 -17.10
CA HIS C 179 -45.95 -20.84 -18.13
C HIS C 179 -45.41 -22.21 -18.53
N GLY C 180 -45.50 -23.20 -17.65
CA GLY C 180 -44.92 -24.49 -17.94
C GLY C 180 -43.45 -24.55 -17.58
N ALA C 181 -43.00 -25.67 -17.02
CA ALA C 181 -41.60 -25.78 -16.62
C ALA C 181 -40.65 -25.62 -17.81
N ASP C 182 -41.12 -25.88 -19.03
CA ASP C 182 -40.25 -25.76 -20.20
C ASP C 182 -39.92 -24.30 -20.54
N ASN C 183 -40.73 -23.35 -20.08
CA ASN C 183 -40.49 -21.94 -20.36
C ASN C 183 -39.73 -21.22 -19.24
N ILE C 184 -39.60 -21.83 -18.07
CA ILE C 184 -38.93 -21.18 -16.94
C ILE C 184 -37.44 -21.48 -17.07
N VAL C 185 -36.68 -20.47 -17.52
CA VAL C 185 -35.25 -20.67 -17.74
C VAL C 185 -34.53 -20.91 -16.42
N ALA C 186 -34.92 -20.19 -15.37
CA ALA C 186 -34.25 -20.33 -14.08
C ALA C 186 -35.09 -19.64 -13.01
N ILE C 187 -34.92 -20.10 -11.79
CA ILE C 187 -35.41 -19.41 -10.60
C ILE C 187 -34.23 -18.72 -9.96
N VAL C 188 -34.38 -17.44 -9.64
CA VAL C 188 -33.31 -16.64 -9.04
C VAL C 188 -33.71 -16.33 -7.60
N SER C 189 -32.99 -16.89 -6.64
CA SER C 189 -33.23 -16.64 -5.22
C SER C 189 -32.29 -15.52 -4.77
N THR C 190 -32.87 -14.37 -4.49
CA THR C 190 -32.09 -13.18 -4.13
C THR C 190 -31.98 -13.09 -2.60
N VAL C 191 -30.77 -13.20 -2.09
CA VAL C 191 -30.53 -13.23 -0.64
C VAL C 191 -29.48 -12.19 -0.28
N THR C 192 -29.84 -11.26 0.61
CA THR C 192 -31.19 -10.92 1.05
C THR C 192 -31.98 -10.41 -0.17
N CYS C 193 -33.26 -10.12 0.02
CA CYS C 193 -34.06 -9.60 -1.08
C CYS C 193 -33.89 -8.09 -1.10
N ASN C 194 -32.99 -7.61 -1.97
CA ASN C 194 -32.63 -6.20 -2.00
C ASN C 194 -33.85 -5.32 -2.25
N SER C 195 -34.65 -5.65 -3.26
CA SER C 195 -35.73 -4.75 -3.66
C SER C 195 -36.88 -4.74 -2.67
N ALA C 196 -37.01 -5.77 -1.84
CA ALA C 196 -38.00 -5.76 -0.75
C ALA C 196 -37.50 -4.99 0.47
N GLY C 197 -36.29 -4.46 0.43
CA GLY C 197 -35.75 -3.69 1.52
C GLY C 197 -34.57 -4.36 2.23
N GLY C 198 -33.83 -5.20 1.52
CA GLY C 198 -32.81 -6.00 2.17
C GLY C 198 -33.35 -7.02 3.15
N GLN C 199 -34.52 -7.58 2.88
CA GLN C 199 -35.23 -8.45 3.82
C GLN C 199 -34.86 -9.91 3.59
N PRO C 200 -34.67 -10.67 4.67
CA PRO C 200 -34.12 -12.01 4.53
C PRO C 200 -35.12 -13.00 3.97
N VAL C 201 -34.57 -14.10 3.44
CA VAL C 201 -35.33 -15.26 2.99
C VAL C 201 -35.06 -16.39 3.95
N SER C 202 -36.12 -17.05 4.43
CA SER C 202 -35.93 -18.10 5.42
C SER C 202 -35.34 -19.34 4.77
N MET C 203 -34.60 -20.11 5.57
CA MET C 203 -34.02 -21.36 5.07
C MET C 203 -35.09 -22.31 4.54
N SER C 204 -36.23 -22.38 5.23
CA SER C 204 -37.31 -23.26 4.80
C SER C 204 -37.96 -22.75 3.52
N ASN C 205 -37.98 -21.44 3.31
CA ASN C 205 -38.50 -20.91 2.05
C ASN C 205 -37.55 -21.23 0.89
N LEU C 206 -36.24 -21.10 1.12
CA LEU C 206 -35.27 -21.50 0.11
C LEU C 206 -35.39 -22.98 -0.21
N LYS C 207 -35.56 -23.80 0.83
CA LYS C 207 -35.64 -25.25 0.65
C LYS C 207 -36.84 -25.62 -0.21
N GLU C 208 -38.03 -25.11 0.13
CA GLU C 208 -39.24 -25.48 -0.60
C GLU C 208 -39.18 -25.00 -2.05
N VAL C 209 -38.58 -23.83 -2.30
CA VAL C 209 -38.44 -23.34 -3.67
C VAL C 209 -37.54 -24.27 -4.47
N TYR C 210 -36.41 -24.67 -3.89
CA TYR C 210 -35.49 -25.56 -4.59
C TYR C 210 -36.10 -26.94 -4.80
N GLU C 211 -36.86 -27.44 -3.82
CA GLU C 211 -37.51 -28.74 -3.97
C GLU C 211 -38.55 -28.70 -5.09
N ILE C 212 -39.35 -27.64 -5.14
CA ILE C 212 -40.31 -27.48 -6.22
C ILE C 212 -39.61 -27.38 -7.56
N ALA C 213 -38.50 -26.66 -7.60
CA ALA C 213 -37.77 -26.47 -8.85
C ALA C 213 -37.14 -27.78 -9.32
N LYS C 214 -36.62 -28.58 -8.39
CA LYS C 214 -35.89 -29.78 -8.77
C LYS C 214 -36.82 -30.83 -9.37
N GLN C 215 -38.01 -31.01 -8.80
CA GLN C 215 -38.93 -31.97 -9.37
C GLN C 215 -39.37 -31.55 -10.77
N HIS C 216 -39.39 -30.25 -11.05
CA HIS C 216 -39.74 -29.74 -12.37
C HIS C 216 -38.54 -29.56 -13.29
N GLY C 217 -37.34 -29.92 -12.84
CA GLY C 217 -36.16 -29.77 -13.67
C GLY C 217 -35.72 -28.34 -13.91
N ILE C 218 -36.04 -27.42 -12.99
CA ILE C 218 -35.75 -26.00 -13.15
C ILE C 218 -34.44 -25.67 -12.44
N PHE C 219 -33.56 -24.95 -13.14
CA PHE C 219 -32.25 -24.56 -12.62
C PHE C 219 -32.39 -23.37 -11.68
N VAL C 220 -31.72 -23.43 -10.53
CA VAL C 220 -31.86 -22.41 -9.49
C VAL C 220 -30.54 -21.67 -9.33
N VAL C 221 -30.59 -20.35 -9.49
CA VAL C 221 -29.44 -19.48 -9.27
C VAL C 221 -29.69 -18.67 -8.01
N MET C 222 -28.71 -18.66 -7.12
CA MET C 222 -28.76 -17.83 -5.92
C MET C 222 -28.06 -16.50 -6.21
N ASP C 223 -28.81 -15.40 -6.18
CA ASP C 223 -28.18 -14.08 -6.25
C ASP C 223 -27.65 -13.73 -4.86
N SER C 224 -26.32 -13.64 -4.74
CA SER C 224 -25.65 -13.77 -3.46
C SER C 224 -24.90 -12.52 -3.02
N ALA C 225 -25.26 -11.35 -3.54
CA ALA C 225 -24.59 -10.12 -3.13
C ALA C 225 -24.58 -9.96 -1.61
N ARG C 226 -25.70 -10.29 -0.96
CA ARG C 226 -25.79 -10.10 0.48
C ARG C 226 -26.15 -11.40 1.20
N PHE C 227 -25.46 -12.50 0.84
CA PHE C 227 -25.77 -13.79 1.42
C PHE C 227 -25.37 -13.90 2.89
N CYS C 228 -24.32 -13.17 3.30
CA CYS C 228 -23.91 -13.19 4.69
C CYS C 228 -24.93 -12.49 5.59
N GLU C 229 -25.50 -11.39 5.11
CA GLU C 229 -26.56 -10.73 5.87
C GLU C 229 -27.79 -11.63 5.95
N ASN C 230 -28.13 -12.35 4.88
CA ASN C 230 -29.24 -13.29 4.93
C ASN C 230 -28.96 -14.41 5.92
N ALA C 231 -27.72 -14.92 5.93
CA ALA C 231 -27.36 -16.00 6.86
C ALA C 231 -27.47 -15.54 8.30
N TYR C 232 -27.11 -14.28 8.58
CA TYR C 232 -27.23 -13.78 9.95
C TYR C 232 -28.69 -13.75 10.39
N PHE C 233 -29.59 -13.29 9.53
CA PHE C 233 -31.01 -13.24 9.89
C PHE C 233 -31.57 -14.63 10.13
N ILE C 234 -31.14 -15.61 9.34
CA ILE C 234 -31.59 -16.99 9.56
C ILE C 234 -31.21 -17.46 10.95
N LYS C 235 -29.97 -17.21 11.35
CA LYS C 235 -29.52 -17.59 12.70
C LYS C 235 -30.26 -16.80 13.76
N ALA C 236 -30.59 -15.53 13.49
CA ALA C 236 -31.28 -14.71 14.47
C ALA C 236 -32.73 -15.15 14.65
N ARG C 237 -33.42 -15.50 13.58
CA ARG C 237 -34.87 -15.66 13.62
C ARG C 237 -35.38 -17.08 13.43
N ASP C 238 -34.55 -18.02 12.94
CA ASP C 238 -34.98 -19.40 12.79
C ASP C 238 -34.48 -20.22 13.98
N PRO C 239 -35.37 -20.75 14.82
CA PRO C 239 -34.91 -21.50 16.00
C PRO C 239 -34.03 -22.70 15.65
N LYS C 240 -34.26 -23.33 14.50
CA LYS C 240 -33.44 -24.47 14.09
C LYS C 240 -31.96 -24.11 14.04
N TYR C 241 -31.63 -22.87 13.70
CA TYR C 241 -30.23 -22.46 13.52
C TYR C 241 -29.74 -21.57 14.65
N LYS C 242 -30.41 -21.58 15.80
CA LYS C 242 -30.03 -20.72 16.90
C LYS C 242 -28.59 -20.94 17.34
N ASN C 243 -28.11 -22.18 17.28
CA ASN C 243 -26.76 -22.51 17.72
C ASN C 243 -25.82 -22.85 16.58
N ALA C 244 -26.17 -22.55 15.34
CA ALA C 244 -25.30 -22.82 14.21
C ALA C 244 -24.36 -21.65 13.99
N THR C 245 -23.19 -21.95 13.41
CA THR C 245 -22.30 -20.87 12.99
C THR C 245 -22.81 -20.26 11.69
N ILE C 246 -22.29 -19.06 11.38
CA ILE C 246 -22.69 -18.41 10.14
C ILE C 246 -22.34 -19.29 8.94
N LYS C 247 -21.13 -19.88 8.95
CA LYS C 247 -20.71 -20.72 7.84
C LYS C 247 -21.61 -21.96 7.70
N GLU C 248 -22.07 -22.51 8.82
CA GLU C 248 -22.99 -23.63 8.76
C GLU C 248 -24.31 -23.22 8.11
N VAL C 249 -24.78 -22.01 8.42
CA VAL C 249 -26.00 -21.50 7.79
C VAL C 249 -25.78 -21.33 6.29
N ILE C 250 -24.65 -20.72 5.92
CA ILE C 250 -24.35 -20.51 4.51
C ILE C 250 -24.27 -21.83 3.78
N PHE C 251 -23.56 -22.81 4.38
CA PHE C 251 -23.42 -24.12 3.77
C PHE C 251 -24.78 -24.78 3.54
N ASP C 252 -25.74 -24.55 4.43
CA ASP C 252 -27.07 -25.10 4.24
C ASP C 252 -27.84 -24.33 3.17
N MET C 253 -27.71 -23.00 3.18
CA MET C 253 -28.40 -22.18 2.18
C MET C 253 -28.15 -22.69 0.77
N TYR C 254 -26.88 -22.92 0.44
CA TYR C 254 -26.49 -23.23 -0.92
C TYR C 254 -26.69 -24.70 -1.28
N LYS C 255 -27.24 -25.51 -0.38
CA LYS C 255 -27.85 -26.77 -0.82
C LYS C 255 -29.09 -26.53 -1.65
N TYR C 256 -29.65 -25.33 -1.62
CA TYR C 256 -30.90 -25.01 -2.28
C TYR C 256 -30.69 -24.08 -3.47
N ALA C 257 -29.59 -24.30 -4.19
CA ALA C 257 -29.36 -23.66 -5.47
C ALA C 257 -28.42 -24.55 -6.27
N ASP C 258 -28.44 -24.36 -7.59
CA ASP C 258 -27.53 -25.06 -8.50
C ASP C 258 -26.34 -24.21 -8.92
N ALA C 259 -26.40 -22.90 -8.69
CA ALA C 259 -25.30 -22.00 -9.02
C ALA C 259 -25.54 -20.70 -8.27
N LEU C 260 -24.53 -19.82 -8.31
CA LEU C 260 -24.70 -18.51 -7.73
C LEU C 260 -24.06 -17.46 -8.62
N THR C 261 -24.65 -16.27 -8.59
CA THR C 261 -24.04 -15.06 -9.12
C THR C 261 -23.86 -14.10 -7.95
N MET C 262 -22.68 -13.49 -7.86
CA MET C 262 -22.39 -12.71 -6.67
C MET C 262 -21.70 -11.41 -7.05
N SER C 263 -22.19 -10.32 -6.49
CA SER C 263 -21.42 -9.08 -6.43
C SER C 263 -20.56 -9.14 -5.17
N ALA C 264 -19.24 -9.28 -5.35
CA ALA C 264 -18.38 -9.24 -4.19
C ALA C 264 -18.21 -7.83 -3.63
N LYS C 265 -18.88 -6.83 -4.23
CA LYS C 265 -18.84 -5.45 -3.78
C LYS C 265 -19.75 -5.20 -2.58
N LYS C 266 -20.47 -6.22 -2.11
CA LYS C 266 -21.34 -6.08 -0.96
C LYS C 266 -20.74 -6.89 0.17
N ASP C 267 -21.32 -8.03 0.54
CA ASP C 267 -20.88 -8.71 1.75
C ASP C 267 -19.41 -9.13 1.76
N PRO C 268 -18.78 -9.54 0.65
CA PRO C 268 -17.33 -9.81 0.69
C PRO C 268 -16.44 -8.60 0.91
N LEU C 269 -17.01 -7.40 1.10
CA LEU C 269 -16.28 -6.23 1.61
C LEU C 269 -15.24 -5.72 0.61
N LEU C 270 -15.59 -5.69 -0.68
CA LEU C 270 -14.68 -5.26 -1.73
C LEU C 270 -15.14 -3.94 -2.34
N ASN C 271 -14.23 -3.32 -3.07
CA ASN C 271 -14.52 -2.15 -3.89
C ASN C 271 -14.80 -2.51 -5.35
N ILE C 272 -14.48 -3.73 -5.75
CA ILE C 272 -14.75 -4.25 -7.08
C ILE C 272 -14.70 -5.77 -6.99
N GLY C 273 -15.41 -6.44 -7.87
CA GLY C 273 -15.34 -7.89 -7.93
C GLY C 273 -16.67 -8.60 -7.97
N GLY C 274 -16.70 -9.75 -8.65
CA GLY C 274 -17.88 -10.58 -8.73
C GLY C 274 -17.48 -12.02 -8.93
N LEU C 275 -18.48 -12.89 -8.94
CA LEU C 275 -18.18 -14.32 -9.01
C LEU C 275 -19.38 -15.09 -9.55
N VAL C 276 -19.10 -16.01 -10.47
CA VAL C 276 -20.03 -17.08 -10.82
C VAL C 276 -19.49 -18.37 -10.21
N ALA C 277 -20.34 -19.09 -9.50
CA ALA C 277 -19.96 -20.41 -9.00
C ALA C 277 -21.08 -21.39 -9.33
N ILE C 278 -20.69 -22.60 -9.73
CA ILE C 278 -21.61 -23.62 -10.20
C ILE C 278 -21.43 -24.86 -9.36
N ARG C 279 -22.54 -25.43 -8.88
CA ARG C 279 -22.48 -26.54 -7.94
C ARG C 279 -21.78 -27.74 -8.57
N ASP C 280 -22.37 -28.31 -9.62
CA ASP C 280 -21.79 -29.50 -10.23
C ASP C 280 -22.12 -29.69 -11.70
N ASN C 281 -22.90 -28.82 -12.34
CA ASN C 281 -23.25 -29.00 -13.76
C ASN C 281 -22.08 -28.52 -14.61
N GLU C 282 -21.22 -29.46 -14.97
CA GLU C 282 -20.01 -29.11 -15.72
C GLU C 282 -20.34 -28.59 -17.11
N GLU C 283 -21.45 -29.04 -17.70
CA GLU C 283 -21.82 -28.56 -19.03
C GLU C 283 -22.13 -27.06 -19.00
N ILE C 284 -22.91 -26.62 -18.01
CA ILE C 284 -23.20 -25.20 -17.90
C ILE C 284 -21.95 -24.42 -17.55
N PHE C 285 -21.02 -25.05 -16.81
CA PHE C 285 -19.75 -24.40 -16.51
C PHE C 285 -18.95 -24.16 -17.79
N THR C 286 -18.92 -25.15 -18.69
CA THR C 286 -18.19 -25.00 -19.94
C THR C 286 -18.78 -23.88 -20.81
N LEU C 287 -20.11 -23.84 -20.92
CA LEU C 287 -20.74 -22.80 -21.73
C LEU C 287 -20.51 -21.42 -21.13
N ALA C 288 -20.57 -21.29 -19.81
CA ALA C 288 -20.36 -19.99 -19.18
C ALA C 288 -18.91 -19.52 -19.34
N ARG C 289 -17.96 -20.46 -19.31
CA ARG C 289 -16.57 -20.13 -19.60
C ARG C 289 -16.41 -19.58 -21.01
N GLN C 290 -17.09 -20.19 -21.98
CA GLN C 290 -16.98 -19.72 -23.34
C GLN C 290 -17.56 -18.31 -23.50
N ARG C 291 -18.55 -17.94 -22.70
CA ARG C 291 -19.05 -16.57 -22.75
C ARG C 291 -18.18 -15.62 -21.94
N CYS C 292 -17.51 -16.13 -20.90
CA CYS C 292 -16.65 -15.27 -20.09
C CYS C 292 -15.54 -14.66 -20.93
N VAL C 293 -14.99 -15.44 -21.88
CA VAL C 293 -13.79 -14.99 -22.60
C VAL C 293 -14.03 -13.69 -23.38
N PRO C 294 -15.05 -13.57 -24.24
CA PRO C 294 -15.23 -12.29 -24.95
C PRO C 294 -15.84 -11.19 -24.10
N MET C 295 -16.55 -11.52 -23.03
CA MET C 295 -17.27 -10.50 -22.26
C MET C 295 -16.44 -9.92 -21.12
N GLU C 296 -15.74 -10.77 -20.36
CA GLU C 296 -15.07 -10.35 -19.13
C GLU C 296 -13.56 -10.45 -19.23
N GLY C 297 -13.04 -11.57 -19.71
CA GLY C 297 -11.62 -11.83 -19.74
C GLY C 297 -11.39 -13.32 -19.70
N PHE C 298 -10.11 -13.69 -19.66
CA PHE C 298 -9.77 -15.11 -19.57
C PHE C 298 -10.37 -15.71 -18.30
N VAL C 299 -10.51 -17.04 -18.31
CA VAL C 299 -11.33 -17.70 -17.29
C VAL C 299 -10.68 -17.71 -15.91
N THR C 300 -9.37 -17.45 -15.80
CA THR C 300 -8.72 -17.41 -14.49
C THR C 300 -8.56 -16.01 -13.93
N TYR C 301 -9.13 -15.00 -14.58
CA TYR C 301 -9.26 -13.72 -13.87
C TYR C 301 -10.60 -13.02 -14.13
N GLY C 302 -11.28 -13.29 -15.24
CA GLY C 302 -12.64 -12.81 -15.45
C GLY C 302 -12.87 -11.32 -15.29
N GLY C 303 -11.96 -10.50 -15.81
CA GLY C 303 -12.14 -9.06 -15.70
C GLY C 303 -11.63 -8.44 -14.42
N LEU C 304 -10.93 -9.20 -13.58
CA LEU C 304 -10.42 -8.72 -12.31
C LEU C 304 -8.89 -8.74 -12.30
N ALA C 305 -8.29 -7.69 -11.76
CA ALA C 305 -6.88 -7.76 -11.42
C ALA C 305 -6.65 -8.88 -10.42
N GLY C 306 -5.47 -9.51 -10.51
CA GLY C 306 -5.16 -10.57 -9.57
C GLY C 306 -5.25 -10.12 -8.12
N ARG C 307 -4.87 -8.86 -7.84
CA ARG C 307 -4.95 -8.38 -6.47
C ARG C 307 -6.38 -8.35 -5.97
N ASP C 308 -7.35 -8.19 -6.86
CA ASP C 308 -8.74 -8.12 -6.41
C ASP C 308 -9.30 -9.50 -6.12
N MET C 309 -8.89 -10.52 -6.88
CA MET C 309 -9.20 -11.89 -6.49
C MET C 309 -8.58 -12.21 -5.13
N ALA C 310 -7.38 -11.71 -4.86
CA ALA C 310 -6.76 -11.91 -3.56
C ALA C 310 -7.59 -11.26 -2.45
N ALA C 311 -8.03 -10.02 -2.67
CA ALA C 311 -8.89 -9.36 -1.69
C ALA C 311 -10.19 -10.13 -1.50
N MET C 312 -10.73 -10.71 -2.59
CA MET C 312 -12.01 -11.41 -2.49
C MET C 312 -11.89 -12.66 -1.62
N VAL C 313 -10.76 -13.38 -1.71
CA VAL C 313 -10.57 -14.56 -0.89
C VAL C 313 -10.59 -14.19 0.59
N GLN C 314 -9.92 -13.10 0.95
CA GLN C 314 -9.91 -12.67 2.35
C GLN C 314 -11.27 -12.09 2.76
N GLY C 315 -11.88 -11.28 1.89
CA GLY C 315 -13.14 -10.66 2.24
C GLY C 315 -14.29 -11.64 2.32
N LEU C 316 -14.24 -12.72 1.54
CA LEU C 316 -15.23 -13.78 1.70
C LEU C 316 -15.22 -14.31 3.12
N GLU C 317 -14.02 -14.46 3.70
CA GLU C 317 -13.93 -14.93 5.08
C GLU C 317 -14.43 -13.88 6.06
N GLU C 318 -13.96 -12.63 5.91
CA GLU C 318 -14.33 -11.59 6.86
C GLU C 318 -15.82 -11.29 6.84
N GLY C 319 -16.46 -11.47 5.69
CA GLY C 319 -17.88 -11.20 5.58
C GLY C 319 -18.75 -12.16 6.36
N THR C 320 -18.23 -13.34 6.70
CA THR C 320 -19.01 -14.34 7.41
C THR C 320 -18.91 -14.22 8.93
N GLU C 321 -18.01 -13.38 9.44
CA GLU C 321 -17.78 -13.33 10.88
C GLU C 321 -18.98 -12.74 11.60
N GLU C 322 -19.49 -13.46 12.59
CA GLU C 322 -20.75 -13.08 13.22
C GLU C 322 -20.62 -11.77 14.00
N GLU C 323 -19.47 -11.55 14.62
CA GLU C 323 -19.27 -10.33 15.41
C GLU C 323 -19.31 -9.10 14.51
N TYR C 324 -18.80 -9.21 13.30
CA TYR C 324 -18.92 -8.12 12.34
C TYR C 324 -20.35 -7.97 11.86
N LEU C 325 -20.99 -9.08 11.45
CA LEU C 325 -22.37 -9.01 10.97
C LEU C 325 -23.30 -8.44 12.03
N HIS C 326 -23.07 -8.80 13.30
CA HIS C 326 -23.89 -8.28 14.39
C HIS C 326 -23.74 -6.77 14.50
N TYR C 327 -22.51 -6.27 14.47
CA TYR C 327 -22.29 -4.82 14.48
CA TYR C 327 -22.30 -4.82 14.49
C TYR C 327 -22.87 -4.16 13.25
N ARG C 328 -22.61 -4.74 12.06
CA ARG C 328 -23.04 -4.14 10.81
C ARG C 328 -24.55 -4.05 10.74
N ILE C 329 -25.23 -5.17 10.99
CA ILE C 329 -26.68 -5.17 10.89
C ILE C 329 -27.28 -4.39 12.05
N GLY C 330 -26.59 -4.36 13.18
CA GLY C 330 -27.07 -3.57 14.31
C GLY C 330 -26.96 -2.08 14.08
N GLN C 331 -25.97 -1.65 13.30
CA GLN C 331 -25.86 -0.23 12.96
C GLN C 331 -27.01 0.22 12.07
N VAL C 332 -27.39 -0.63 11.12
CA VAL C 332 -28.57 -0.35 10.29
C VAL C 332 -29.82 -0.27 11.15
N LYS C 333 -29.99 -1.22 12.06
CA LYS C 333 -31.14 -1.19 12.96
C LYS C 333 -31.09 0.01 13.89
N TYR C 334 -29.88 0.47 14.25
CA TYR C 334 -29.78 1.65 15.10
C TYR C 334 -30.32 2.89 14.39
N LEU C 335 -29.92 3.10 13.14
CA LEU C 335 -30.44 4.23 12.38
C LEU C 335 -31.95 4.10 12.18
N GLY C 336 -32.43 2.87 11.97
CA GLY C 336 -33.86 2.67 11.80
C GLY C 336 -34.64 2.98 13.06
N ASP C 337 -34.10 2.58 14.22
CA ASP C 337 -34.80 2.85 15.48
C ASP C 337 -34.79 4.34 15.81
N ARG C 338 -33.70 5.05 15.48
CA ARG C 338 -33.67 6.49 15.68
C ARG C 338 -34.79 7.17 14.91
N LEU C 339 -34.96 6.83 13.64
CA LEU C 339 -36.04 7.40 12.84
C LEU C 339 -37.40 6.94 13.36
N ARG C 340 -37.55 5.64 13.62
CA ARG C 340 -38.82 5.11 14.09
CA ARG C 340 -38.82 5.12 14.08
C ARG C 340 -39.25 5.77 15.40
N GLU C 341 -38.30 5.91 16.34
CA GLU C 341 -38.63 6.57 17.60
C GLU C 341 -39.04 8.03 17.43
N ALA C 342 -38.69 8.66 16.31
CA ALA C 342 -39.07 10.04 16.04
C ALA C 342 -40.31 10.14 15.15
N GLY C 343 -41.00 9.03 14.90
CA GLY C 343 -42.22 9.04 14.11
C GLY C 343 -42.04 8.88 12.62
N ILE C 344 -40.80 8.67 12.15
CA ILE C 344 -40.52 8.55 10.72
C ILE C 344 -40.84 7.13 10.25
N PRO C 345 -41.78 6.97 9.30
CA PRO C 345 -42.15 5.61 8.85
C PRO C 345 -41.05 4.97 8.00
N ILE C 346 -40.75 3.70 8.29
CA ILE C 346 -39.70 2.95 7.61
C ILE C 346 -40.17 1.53 7.37
N GLN C 347 -39.54 0.87 6.41
CA GLN C 347 -39.74 -0.56 6.23
C GLN C 347 -39.28 -1.29 7.49
N TYR C 348 -40.21 -1.96 8.16
CA TYR C 348 -39.98 -2.53 9.46
C TYR C 348 -40.21 -4.03 9.43
N PRO C 349 -39.26 -4.86 9.87
CA PRO C 349 -37.96 -4.52 10.46
C PRO C 349 -36.92 -4.08 9.44
N THR C 350 -35.86 -3.40 9.87
CA THR C 350 -34.80 -3.01 8.96
C THR C 350 -34.11 -4.24 8.39
N GLY C 351 -33.68 -4.13 7.14
CA GLY C 351 -32.93 -5.19 6.49
C GLY C 351 -31.46 -5.17 6.86
N GLY C 352 -30.65 -5.84 6.03
CA GLY C 352 -29.26 -6.04 6.38
C GLY C 352 -28.37 -4.86 6.10
N HIS C 353 -28.71 -4.03 5.10
CA HIS C 353 -27.76 -3.09 4.54
C HIS C 353 -28.26 -1.67 4.40
N ALA C 354 -29.52 -1.40 4.74
CA ALA C 354 -30.09 -0.09 4.45
C ALA C 354 -31.37 0.09 5.25
N VAL C 355 -31.74 1.35 5.40
CA VAL C 355 -33.04 1.74 5.95
C VAL C 355 -33.85 2.34 4.82
N PHE C 356 -35.09 1.89 4.67
CA PHE C 356 -35.97 2.35 3.60
C PHE C 356 -37.06 3.21 4.23
N VAL C 357 -36.99 4.51 4.02
CA VAL C 357 -37.96 5.44 4.57
C VAL C 357 -39.16 5.50 3.63
N ASP C 358 -40.35 5.24 4.16
CA ASP C 358 -41.57 5.22 3.35
C ASP C 358 -42.05 6.65 3.18
N CYS C 359 -41.70 7.26 2.04
CA CYS C 359 -42.11 8.63 1.77
C CYS C 359 -43.57 8.73 1.32
N LYS C 360 -44.20 7.62 0.96
CA LYS C 360 -45.64 7.62 0.73
C LYS C 360 -46.38 8.05 2.00
N LYS C 361 -46.05 7.42 3.13
CA LYS C 361 -46.63 7.84 4.40
C LYS C 361 -46.05 9.16 4.87
N LEU C 362 -44.78 9.41 4.55
CA LEU C 362 -44.08 10.55 5.15
C LEU C 362 -44.57 11.88 4.57
N VAL C 363 -44.89 11.92 3.28
CA VAL C 363 -45.26 13.18 2.66
C VAL C 363 -46.54 13.00 1.84
N PRO C 364 -47.48 13.95 1.90
CA PRO C 364 -48.73 13.80 1.14
C PRO C 364 -48.95 14.85 0.06
N GLN C 365 -48.43 16.06 0.25
CA GLN C 365 -48.74 17.16 -0.66
C GLN C 365 -48.07 17.03 -2.02
N ILE C 366 -47.31 15.96 -2.27
CA ILE C 366 -46.62 15.77 -3.52
C ILE C 366 -46.94 14.38 -4.07
N PRO C 367 -47.60 14.28 -5.22
CA PRO C 367 -48.04 12.98 -5.72
C PRO C 367 -46.88 12.15 -6.25
N GLY C 368 -47.18 10.89 -6.57
CA GLY C 368 -46.17 9.98 -7.07
C GLY C 368 -45.54 10.45 -8.37
N ASP C 369 -46.36 10.95 -9.29
CA ASP C 369 -45.83 11.44 -10.56
C ASP C 369 -44.95 12.67 -10.39
N GLN C 370 -44.94 13.30 -9.22
CA GLN C 370 -44.07 14.41 -8.90
C GLN C 370 -42.89 14.01 -8.02
N PHE C 371 -42.70 12.71 -7.80
CA PHE C 371 -41.51 12.13 -7.18
C PHE C 371 -41.37 12.56 -5.72
N PRO C 372 -42.19 12.02 -4.81
CA PRO C 372 -42.15 12.44 -3.40
C PRO C 372 -40.83 12.09 -2.72
N ALA C 373 -40.38 10.85 -2.88
CA ALA C 373 -39.14 10.42 -2.25
C ALA C 373 -37.95 11.25 -2.74
N GLN C 374 -37.97 11.70 -4.00
CA GLN C 374 -36.88 12.51 -4.50
C GLN C 374 -36.88 13.90 -3.87
N ALA C 375 -38.05 14.43 -3.54
CA ALA C 375 -38.10 15.74 -2.90
C ALA C 375 -37.54 15.70 -1.49
N VAL C 376 -37.79 14.60 -0.77
CA VAL C 376 -37.19 14.44 0.55
C VAL C 376 -35.67 14.30 0.43
N ILE C 377 -35.22 13.48 -0.52
CA ILE C 377 -33.78 13.28 -0.72
C ILE C 377 -33.10 14.61 -0.99
N ASN C 378 -33.66 15.40 -1.91
CA ASN C 378 -33.08 16.70 -2.21
C ASN C 378 -33.07 17.60 -0.97
N ALA C 379 -34.18 17.59 -0.22
CA ALA C 379 -34.24 18.37 1.01
C ALA C 379 -33.20 17.88 2.01
N LEU C 380 -33.11 16.55 2.18
CA LEU C 380 -32.08 15.99 3.06
C LEU C 380 -30.68 16.43 2.64
N TYR C 381 -30.40 16.40 1.34
CA TYR C 381 -29.07 16.81 0.87
C TYR C 381 -28.81 18.28 1.16
N LEU C 382 -29.77 19.14 0.82
CA LEU C 382 -29.59 20.57 1.04
C LEU C 382 -29.39 20.89 2.52
N GLU C 383 -29.98 20.09 3.41
CA GLU C 383 -29.91 20.35 4.83
C GLU C 383 -28.62 19.82 5.46
N SER C 384 -28.03 18.79 4.87
CA SER C 384 -26.98 18.04 5.57
C SER C 384 -25.80 17.60 4.71
N GLY C 385 -25.90 17.61 3.39
CA GLY C 385 -24.85 17.05 2.57
C GLY C 385 -24.89 15.54 2.44
N VAL C 386 -25.91 14.90 3.01
CA VAL C 386 -26.12 13.47 2.87
C VAL C 386 -26.78 13.18 1.53
N ARG C 387 -26.23 12.22 0.78
CA ARG C 387 -26.80 11.79 -0.49
C ARG C 387 -27.45 10.42 -0.32
N ALA C 388 -28.76 10.35 -0.53
CA ALA C 388 -29.51 9.09 -0.53
C ALA C 388 -30.02 8.82 -1.95
N VAL C 389 -30.69 7.68 -2.13
CA VAL C 389 -31.13 7.23 -3.45
C VAL C 389 -32.61 6.91 -3.42
N GLU C 390 -33.28 7.18 -4.54
CA GLU C 390 -34.72 7.04 -4.62
C GLU C 390 -35.10 5.67 -5.15
N ILE C 391 -36.04 5.02 -4.47
CA ILE C 391 -36.61 3.77 -4.94
C ILE C 391 -38.12 3.95 -5.04
N GLY C 392 -38.56 4.69 -6.06
CA GLY C 392 -39.97 5.00 -6.23
C GLY C 392 -40.35 5.33 -7.67
N SER C 393 -41.20 6.34 -7.84
CA SER C 393 -41.71 6.67 -9.18
C SER C 393 -40.62 7.24 -10.08
N PHE C 394 -39.63 7.93 -9.51
CA PHE C 394 -38.52 8.43 -10.32
C PHE C 394 -37.71 7.28 -10.89
N LEU C 395 -37.40 6.29 -10.06
CA LEU C 395 -36.67 5.12 -10.53
C LEU C 395 -37.54 4.26 -11.44
N LEU C 396 -38.82 4.10 -11.10
CA LEU C 396 -39.70 3.21 -11.86
C LEU C 396 -39.76 3.62 -13.33
N GLY C 397 -40.03 4.89 -13.59
CA GLY C 397 -39.99 5.42 -14.94
C GLY C 397 -41.35 5.47 -15.61
N ARG C 398 -41.31 5.60 -16.93
CA ARG C 398 -42.51 5.67 -17.74
C ARG C 398 -42.78 4.33 -18.41
N ASP C 399 -44.06 4.09 -18.72
CA ASP C 399 -44.47 2.89 -19.43
C ASP C 399 -44.43 3.15 -20.93
N PRO C 400 -43.62 2.41 -21.69
CA PRO C 400 -43.59 2.65 -23.15
C PRO C 400 -44.94 2.46 -23.82
N ALA C 401 -45.81 1.61 -23.26
CA ALA C 401 -47.15 1.46 -23.79
C ALA C 401 -47.95 2.75 -23.60
N THR C 402 -47.98 3.26 -22.37
CA THR C 402 -48.74 4.46 -22.07
C THR C 402 -47.96 5.73 -22.43
N GLY C 403 -46.63 5.65 -22.44
CA GLY C 403 -45.84 6.86 -22.56
C GLY C 403 -45.95 7.77 -21.36
N GLU C 404 -46.37 7.24 -20.21
CA GLU C 404 -46.67 8.05 -19.04
C GLU C 404 -46.12 7.36 -17.80
N GLN C 405 -46.27 8.04 -16.66
CA GLN C 405 -45.69 7.58 -15.40
C GLN C 405 -46.28 6.24 -14.97
N LYS C 406 -45.40 5.28 -14.67
CA LYS C 406 -45.84 4.03 -14.08
C LYS C 406 -46.20 4.24 -12.61
N HIS C 407 -47.32 3.66 -12.19
CA HIS C 407 -47.71 3.78 -10.79
C HIS C 407 -46.81 2.92 -9.92
N ALA C 408 -46.34 3.50 -8.82
CA ALA C 408 -45.37 2.86 -7.94
C ALA C 408 -46.05 2.36 -6.67
N ASP C 409 -45.76 1.11 -6.30
CA ASP C 409 -46.29 0.57 -5.06
C ASP C 409 -45.66 1.26 -3.85
N MET C 410 -44.35 1.49 -3.89
CA MET C 410 -43.63 2.09 -2.79
C MET C 410 -42.83 3.28 -3.30
N GLU C 411 -42.80 4.35 -2.50
CA GLU C 411 -41.97 5.52 -2.76
C GLU C 411 -40.96 5.62 -1.61
N PHE C 412 -39.94 4.77 -1.66
CA PHE C 412 -38.91 4.70 -0.63
C PHE C 412 -37.78 5.69 -0.92
N MET C 413 -37.18 6.18 0.17
CA MET C 413 -35.84 6.74 0.14
C MET C 413 -34.92 5.74 0.83
N ARG C 414 -33.90 5.26 0.11
CA ARG C 414 -33.00 4.24 0.64
CA ARG C 414 -33.01 4.25 0.65
C ARG C 414 -31.78 4.92 1.25
N LEU C 415 -31.57 4.71 2.54
CA LEU C 415 -30.35 5.16 3.22
C LEU C 415 -29.45 3.94 3.23
N THR C 416 -28.55 3.86 2.25
CA THR C 416 -27.72 2.67 2.04
C THR C 416 -26.39 2.83 2.77
N ILE C 417 -26.02 1.84 3.57
CA ILE C 417 -24.91 1.94 4.52
C ILE C 417 -23.78 1.05 4.04
N ALA C 418 -22.67 1.67 3.66
CA ALA C 418 -21.45 0.91 3.34
C ALA C 418 -20.93 0.22 4.60
N ARG C 419 -20.08 -0.79 4.39
CA ARG C 419 -19.63 -1.64 5.47
C ARG C 419 -18.32 -1.14 6.06
N ARG C 420 -18.33 -0.91 7.37
CA ARG C 420 -17.14 -0.55 8.16
C ARG C 420 -16.60 0.82 7.77
N VAL C 421 -17.49 1.72 7.35
CA VAL C 421 -17.10 3.04 6.84
C VAL C 421 -17.53 4.16 7.78
N TYR C 422 -18.79 4.16 8.18
CA TYR C 422 -19.35 5.23 9.01
C TYR C 422 -19.61 4.72 10.42
N THR C 423 -19.47 5.61 11.39
CA THR C 423 -19.71 5.26 12.79
C THR C 423 -21.16 5.52 13.16
N ASN C 424 -21.52 5.13 14.38
CA ASN C 424 -22.85 5.41 14.87
C ASN C 424 -23.06 6.88 15.12
N ASP C 425 -21.97 7.66 15.24
CA ASP C 425 -22.12 9.12 15.25
C ASP C 425 -22.48 9.64 13.87
N HIS C 426 -22.00 8.99 12.79
CA HIS C 426 -22.48 9.34 11.46
C HIS C 426 -23.95 9.01 11.29
N MET C 427 -24.39 7.89 11.89
CA MET C 427 -25.82 7.54 11.83
C MET C 427 -26.65 8.60 12.54
N ASP C 428 -26.23 9.03 13.73
CA ASP C 428 -26.93 10.10 14.43
C ASP C 428 -27.04 11.35 13.57
N TYR C 429 -25.95 11.72 12.89
CA TYR C 429 -25.99 12.88 12.00
C TYR C 429 -27.04 12.70 10.92
N ILE C 430 -27.10 11.51 10.32
CA ILE C 430 -28.10 11.23 9.30
C ILE C 430 -29.51 11.34 9.87
N ALA C 431 -29.76 10.66 10.99
CA ALA C 431 -31.09 10.65 11.58
C ALA C 431 -31.50 12.05 12.00
N ASP C 432 -30.61 12.77 12.69
CA ASP C 432 -30.93 14.13 13.13
C ASP C 432 -31.23 15.04 11.95
N ALA C 433 -30.53 14.84 10.83
CA ALA C 433 -30.80 15.66 9.66
C ALA C 433 -32.22 15.44 9.14
N LEU C 434 -32.65 14.18 9.07
CA LEU C 434 -33.98 13.87 8.55
C LEU C 434 -35.07 14.26 9.55
N ILE C 435 -34.80 14.07 10.85
CA ILE C 435 -35.79 14.45 11.85
C ILE C 435 -36.00 15.96 11.86
N GLY C 436 -34.91 16.73 11.73
CA GLY C 436 -35.01 18.18 11.71
C GLY C 436 -35.86 18.74 10.58
N LEU C 437 -36.20 17.93 9.59
CA LEU C 437 -37.05 18.35 8.48
C LEU C 437 -38.51 18.02 8.69
N LYS C 438 -38.90 17.58 9.90
CA LYS C 438 -40.26 17.10 10.13
C LYS C 438 -41.29 18.20 9.85
N GLU C 439 -40.99 19.43 10.26
CA GLU C 439 -41.90 20.54 9.98
C GLU C 439 -41.84 20.97 8.52
N LYS C 440 -40.65 20.90 7.91
CA LYS C 440 -40.48 21.37 6.54
C LYS C 440 -41.12 20.42 5.52
N PHE C 441 -41.43 19.18 5.92
CA PHE C 441 -42.00 18.22 4.99
C PHE C 441 -43.34 18.69 4.41
N ALA C 442 -44.11 19.46 5.17
CA ALA C 442 -45.43 19.88 4.71
C ALA C 442 -45.31 20.89 3.57
N THR C 443 -44.31 21.77 3.62
CA THR C 443 -44.12 22.82 2.62
C THR C 443 -43.09 22.41 1.56
N LEU C 444 -42.87 21.12 1.36
CA LEU C 444 -41.95 20.65 0.33
C LEU C 444 -42.65 20.55 -1.02
N LYS C 445 -41.99 21.06 -2.06
CA LYS C 445 -42.54 21.14 -3.39
C LYS C 445 -42.24 19.88 -4.20
N GLY C 446 -43.05 19.66 -5.24
CA GLY C 446 -42.82 18.60 -6.18
C GLY C 446 -41.68 18.90 -7.13
N LEU C 447 -41.40 17.91 -7.99
CA LEU C 447 -40.33 18.01 -8.96
C LEU C 447 -40.86 17.76 -10.36
N GLU C 448 -40.35 18.52 -11.32
CA GLU C 448 -40.73 18.37 -12.72
C GLU C 448 -39.47 18.26 -13.57
N PHE C 449 -39.61 17.59 -14.71
CA PHE C 449 -38.47 17.42 -15.60
C PHE C 449 -38.11 18.73 -16.30
N GLU C 450 -36.81 19.03 -16.31
CA GLU C 450 -36.21 19.95 -17.28
C GLU C 450 -35.64 19.22 -18.48
N TYR C 451 -35.00 18.08 -18.25
CA TYR C 451 -34.50 17.20 -19.29
C TYR C 451 -34.77 15.76 -18.86
N GLU C 452 -35.38 14.98 -19.74
CA GLU C 452 -35.72 13.59 -19.44
C GLU C 452 -35.22 12.69 -20.55
N PRO C 453 -34.27 11.79 -20.28
CA PRO C 453 -33.85 10.81 -21.29
C PRO C 453 -34.89 9.72 -21.45
N PRO C 454 -34.89 9.01 -22.58
CA PRO C 454 -35.95 8.02 -22.82
C PRO C 454 -35.88 6.82 -21.90
N VAL C 455 -34.68 6.32 -21.57
CA VAL C 455 -34.53 5.14 -20.74
C VAL C 455 -33.50 5.40 -19.66
N LEU C 456 -33.65 4.69 -18.54
CA LEU C 456 -32.80 4.86 -17.35
C LEU C 456 -32.68 6.34 -17.00
N ARG C 457 -33.81 6.94 -16.68
CA ARG C 457 -33.87 8.38 -16.47
C ARG C 457 -33.31 8.81 -15.12
N HIS C 458 -33.50 8.02 -14.07
CA HIS C 458 -33.06 8.41 -12.74
C HIS C 458 -31.57 8.69 -12.67
N PHE C 459 -30.77 8.09 -13.56
CA PHE C 459 -29.33 8.31 -13.53
C PHE C 459 -28.97 9.71 -14.02
N THR C 460 -29.60 10.18 -15.11
CA THR C 460 -29.15 11.41 -15.77
C THR C 460 -30.23 12.44 -16.02
N ALA C 461 -31.48 12.19 -15.66
CA ALA C 461 -32.52 13.20 -15.86
C ALA C 461 -32.23 14.43 -15.00
N ARG C 462 -32.59 15.60 -15.54
CA ARG C 462 -32.48 16.85 -14.82
C ARG C 462 -33.87 17.33 -14.44
N LEU C 463 -34.03 17.66 -13.16
CA LEU C 463 -35.31 18.11 -12.63
C LEU C 463 -35.20 19.56 -12.18
N LYS C 464 -36.36 20.15 -11.90
CA LYS C 464 -36.40 21.49 -11.31
C LYS C 464 -37.60 21.54 -10.38
N PRO C 465 -37.50 22.29 -9.28
CA PRO C 465 -38.63 22.35 -8.34
C PRO C 465 -39.83 23.07 -8.95
N ILE C 466 -40.99 22.76 -8.39
CA ILE C 466 -42.25 23.32 -8.87
C ILE C 466 -42.63 24.55 -8.04
N ALA D 2 23.14 -6.59 -31.26
CA ALA D 2 22.06 -6.36 -30.30
C ALA D 2 22.52 -5.38 -29.21
N LYS D 3 21.77 -4.31 -29.02
CA LYS D 3 22.15 -3.23 -28.11
C LYS D 3 21.19 -3.20 -26.93
N ARG D 4 21.74 -3.29 -25.72
CA ARG D 4 20.94 -3.14 -24.52
C ARG D 4 20.70 -1.67 -24.20
N ILE D 5 19.47 -1.33 -23.85
CA ILE D 5 19.10 0.03 -23.43
C ILE D 5 18.84 -0.01 -21.92
N VAL D 6 19.38 0.98 -21.21
CA VAL D 6 19.33 0.99 -19.76
C VAL D 6 17.97 1.48 -19.29
N GLU D 7 17.50 0.93 -18.16
CA GLU D 7 16.22 1.32 -17.60
C GLU D 7 16.22 2.79 -17.21
N PRO D 8 15.23 3.57 -17.63
CA PRO D 8 15.11 4.95 -17.13
C PRO D 8 14.37 5.00 -15.80
N PHE D 9 14.61 3.99 -14.98
CA PHE D 9 14.03 3.86 -13.65
C PHE D 9 14.92 2.93 -12.85
N ARG D 10 14.60 2.78 -11.57
CA ARG D 10 15.22 1.75 -10.75
C ARG D 10 14.13 0.97 -10.05
N ILE D 11 14.51 -0.17 -9.47
CA ILE D 11 13.53 -1.07 -8.90
C ILE D 11 13.18 -0.61 -7.49
N LYS D 12 11.88 -0.54 -7.20
CA LYS D 12 11.38 -0.25 -5.87
C LYS D 12 10.80 -1.46 -5.15
N MET D 13 10.26 -2.43 -5.88
CA MET D 13 9.67 -3.60 -5.28
C MET D 13 9.83 -4.79 -6.21
N VAL D 14 10.12 -5.95 -5.65
CA VAL D 14 10.42 -7.14 -6.45
C VAL D 14 9.39 -8.21 -6.12
N GLU D 15 9.30 -9.18 -7.02
CA GLU D 15 8.44 -10.35 -6.88
C GLU D 15 9.24 -11.58 -7.27
N LYS D 16 9.27 -12.58 -6.40
CA LYS D 16 10.10 -13.74 -6.67
C LYS D 16 9.57 -14.54 -7.85
N ILE D 17 10.49 -15.12 -8.62
CA ILE D 17 10.16 -16.11 -9.63
C ILE D 17 11.13 -17.28 -9.45
N ARG D 18 10.72 -18.44 -9.95
CA ARG D 18 11.54 -19.64 -9.86
C ARG D 18 11.43 -20.44 -11.15
N VAL D 19 12.44 -21.27 -11.38
CA VAL D 19 12.45 -22.19 -12.52
C VAL D 19 11.95 -23.55 -12.04
N PRO D 20 10.75 -23.97 -12.43
CA PRO D 20 10.31 -25.32 -12.09
C PRO D 20 11.17 -26.37 -12.79
N SER D 21 11.32 -27.52 -12.14
CA SER D 21 12.18 -28.56 -12.67
C SER D 21 11.61 -29.15 -13.96
N ARG D 22 12.49 -29.82 -14.71
CA ARG D 22 12.08 -30.41 -15.98
C ARG D 22 10.93 -31.38 -15.80
N GLU D 23 10.92 -32.13 -14.70
CA GLU D 23 9.83 -33.07 -14.44
C GLU D 23 8.53 -32.34 -14.14
N GLU D 24 8.60 -31.25 -13.37
CA GLU D 24 7.41 -30.45 -13.09
C GLU D 24 6.79 -29.92 -14.38
N ARG D 25 7.63 -29.40 -15.28
CA ARG D 25 7.11 -28.80 -16.50
C ARG D 25 6.42 -29.84 -17.37
N GLU D 26 7.02 -31.02 -17.54
CA GLU D 26 6.41 -32.05 -18.35
C GLU D 26 5.12 -32.55 -17.71
N ALA D 27 5.10 -32.69 -16.39
CA ALA D 27 3.87 -33.00 -15.69
C ALA D 27 2.84 -31.89 -15.91
N ALA D 28 3.27 -30.63 -15.76
CA ALA D 28 2.36 -29.49 -15.89
C ALA D 28 1.77 -29.43 -17.29
N LEU D 29 2.60 -29.56 -18.32
CA LEU D 29 2.11 -29.44 -19.69
C LEU D 29 1.14 -30.56 -20.04
N LYS D 30 1.39 -31.77 -19.53
CA LYS D 30 0.46 -32.86 -19.74
C LYS D 30 -0.89 -32.56 -19.10
N GLU D 31 -0.87 -32.12 -17.83
CA GLU D 31 -2.11 -31.76 -17.16
C GLU D 31 -2.82 -30.61 -17.86
N ALA D 32 -2.06 -29.68 -18.44
CA ALA D 32 -2.62 -28.54 -19.16
C ALA D 32 -3.07 -28.89 -20.58
N GLY D 33 -3.10 -30.18 -20.92
CA GLY D 33 -3.54 -30.58 -22.26
C GLY D 33 -2.68 -30.04 -23.37
N TYR D 34 -1.38 -29.85 -23.12
CA TYR D 34 -0.44 -29.28 -24.07
C TYR D 34 -0.89 -27.90 -24.57
N ASN D 35 -1.62 -27.18 -23.74
CA ASN D 35 -1.99 -25.79 -24.01
C ASN D 35 -1.47 -24.96 -22.86
N PRO D 36 -0.41 -24.16 -23.04
CA PRO D 36 0.12 -23.37 -21.92
C PRO D 36 -0.89 -22.39 -21.33
N PHE D 37 -1.97 -22.06 -22.05
CA PHE D 37 -3.03 -21.25 -21.47
C PHE D 37 -3.65 -21.92 -20.24
N LEU D 38 -3.61 -23.23 -20.17
CA LEU D 38 -4.14 -23.97 -19.03
C LEU D 38 -3.07 -24.29 -17.99
N LEU D 39 -1.86 -23.73 -18.14
CA LEU D 39 -0.80 -23.88 -17.15
C LEU D 39 -1.04 -22.93 -15.97
N PRO D 40 -0.86 -23.41 -14.74
CA PRO D 40 -0.85 -22.48 -13.61
C PRO D 40 0.40 -21.61 -13.67
N SER D 41 0.29 -20.40 -13.12
CA SER D 41 1.44 -19.52 -13.08
C SER D 41 2.58 -20.11 -12.27
N SER D 42 2.25 -20.99 -11.31
CA SER D 42 3.27 -21.63 -10.48
C SER D 42 4.20 -22.53 -11.30
N ALA D 43 3.79 -22.94 -12.49
CA ALA D 43 4.62 -23.79 -13.34
C ALA D 43 5.37 -23.01 -14.41
N VAL D 44 5.34 -21.68 -14.35
CA VAL D 44 5.96 -20.83 -15.35
C VAL D 44 7.12 -20.08 -14.72
N TYR D 45 8.23 -19.98 -15.45
CA TYR D 45 9.35 -19.16 -15.00
C TYR D 45 9.17 -17.73 -15.48
N ILE D 46 9.53 -17.45 -16.73
CA ILE D 46 9.33 -16.14 -17.34
C ILE D 46 8.07 -16.21 -18.20
N ASP D 47 7.05 -15.43 -17.85
CA ASP D 47 5.74 -15.50 -18.49
C ASP D 47 5.68 -14.51 -19.63
N LEU D 48 5.68 -15.01 -20.87
CA LEU D 48 5.56 -14.20 -22.07
C LEU D 48 4.24 -14.47 -22.79
N LEU D 49 3.22 -14.88 -22.06
CA LEU D 49 1.94 -15.19 -22.68
C LEU D 49 1.29 -13.93 -23.24
N THR D 50 1.38 -12.83 -22.50
CA THR D 50 0.78 -11.57 -22.91
C THR D 50 1.55 -10.42 -22.30
N ASP D 51 1.39 -9.25 -22.90
CA ASP D 51 1.79 -7.99 -22.30
C ASP D 51 0.61 -7.29 -21.64
N SER D 52 -0.49 -8.00 -21.43
CA SER D 52 -1.75 -7.41 -21.00
C SER D 52 -1.88 -7.57 -19.49
N GLY D 53 -1.89 -6.44 -18.78
CA GLY D 53 -2.18 -6.44 -17.35
C GLY D 53 -1.12 -7.08 -16.47
N THR D 54 0.06 -7.35 -17.00
CA THR D 54 1.16 -7.90 -16.22
C THR D 54 2.24 -6.87 -15.96
N ASN D 55 1.99 -5.61 -16.31
CA ASN D 55 3.01 -4.58 -16.25
C ASN D 55 3.33 -4.24 -14.80
N ALA D 56 4.49 -3.62 -14.62
CA ALA D 56 4.91 -3.11 -13.32
C ALA D 56 4.53 -1.64 -13.23
N MET D 57 3.75 -1.29 -12.22
CA MET D 57 3.37 0.09 -12.03
C MET D 57 4.46 0.87 -11.31
N SER D 58 4.32 2.19 -11.29
CA SER D 58 5.25 3.05 -10.59
C SER D 58 4.74 3.35 -9.18
N ASP D 59 5.64 3.89 -8.35
CA ASP D 59 5.23 4.33 -7.03
C ASP D 59 4.16 5.42 -7.12
N HIS D 60 4.25 6.29 -8.13
CA HIS D 60 3.20 7.30 -8.30
C HIS D 60 1.85 6.66 -8.65
N GLN D 61 1.86 5.55 -9.39
CA GLN D 61 0.59 4.87 -9.66
C GLN D 61 0.01 4.24 -8.41
N TRP D 62 0.86 3.59 -7.61
CA TRP D 62 0.37 2.99 -6.38
C TRP D 62 -0.13 4.05 -5.41
N ALA D 63 0.57 5.19 -5.32
CA ALA D 63 0.12 6.28 -4.47
C ALA D 63 -1.23 6.82 -4.93
N ALA D 64 -1.46 6.84 -6.24
CA ALA D 64 -2.75 7.29 -6.75
C ALA D 64 -3.86 6.31 -6.36
N MET D 65 -3.56 5.01 -6.39
CA MET D 65 -4.56 4.02 -5.98
C MET D 65 -4.93 4.19 -4.52
N ILE D 66 -3.94 4.48 -3.67
CA ILE D 66 -4.17 4.60 -2.23
CA ILE D 66 -4.20 4.58 -2.24
C ILE D 66 -5.16 5.72 -1.93
N THR D 67 -5.09 6.81 -2.68
CA THR D 67 -6.01 7.93 -2.48
C THR D 67 -7.18 7.89 -3.45
N GLY D 68 -7.43 6.75 -4.11
CA GLY D 68 -8.51 6.66 -5.06
C GLY D 68 -9.87 6.83 -4.41
N ASP D 69 -10.78 7.45 -5.15
CA ASP D 69 -12.14 7.76 -4.70
C ASP D 69 -13.06 6.64 -5.17
N GLU D 70 -13.55 5.84 -4.22
CA GLU D 70 -14.36 4.66 -4.52
C GLU D 70 -15.85 4.94 -4.67
N ALA D 71 -16.25 6.21 -4.69
CA ALA D 71 -17.66 6.57 -4.78
C ALA D 71 -18.34 5.93 -5.98
N TYR D 72 -19.59 5.51 -5.78
CA TYR D 72 -20.36 4.87 -6.83
C TYR D 72 -20.70 5.84 -7.96
N ALA D 73 -20.94 7.11 -7.62
CA ALA D 73 -21.30 8.13 -8.60
C ALA D 73 -20.43 9.35 -8.37
N GLY D 74 -19.85 9.88 -9.45
CA GLY D 74 -19.08 11.10 -9.35
C GLY D 74 -17.71 11.00 -8.70
N SER D 75 -17.05 9.83 -8.81
CA SER D 75 -15.70 9.69 -8.29
C SER D 75 -14.78 10.80 -8.79
N ARG D 76 -13.93 11.29 -7.89
CA ARG D 76 -12.96 12.31 -8.28
CA ARG D 76 -12.95 12.31 -8.26
C ARG D 76 -12.10 11.85 -9.45
N ASN D 77 -11.75 10.56 -9.48
CA ASN D 77 -10.88 10.06 -10.53
C ASN D 77 -11.59 9.92 -11.87
N TYR D 78 -12.92 9.79 -11.89
CA TYR D 78 -13.63 9.82 -13.16
C TYR D 78 -13.43 11.15 -13.87
N TYR D 79 -13.57 12.26 -13.15
CA TYR D 79 -13.38 13.57 -13.78
C TYR D 79 -11.93 13.78 -14.20
N ASP D 80 -10.97 13.28 -13.41
CA ASP D 80 -9.58 13.31 -13.84
C ASP D 80 -9.38 12.51 -15.13
N LEU D 81 -9.99 11.33 -15.22
CA LEU D 81 -9.89 10.53 -16.44
C LEU D 81 -10.52 11.24 -17.62
N LYS D 82 -11.65 11.92 -17.38
CA LYS D 82 -12.30 12.68 -18.45
C LYS D 82 -11.41 13.81 -18.93
N ASP D 83 -10.79 14.54 -17.99
CA ASP D 83 -9.86 15.60 -18.36
C ASP D 83 -8.65 15.05 -19.09
N LYS D 84 -8.19 13.85 -18.72
CA LYS D 84 -6.99 13.31 -19.36
C LYS D 84 -7.28 12.91 -20.80
N ALA D 85 -8.44 12.33 -21.06
CA ALA D 85 -8.78 11.95 -22.44
C ALA D 85 -8.97 13.19 -23.31
N LYS D 86 -9.54 14.26 -22.74
CA LYS D 86 -9.62 15.52 -23.47
C LYS D 86 -8.22 16.06 -23.77
N GLU D 87 -7.31 15.98 -22.81
CA GLU D 87 -5.95 16.47 -23.03
C GLU D 87 -5.23 15.64 -24.08
N LEU D 88 -5.30 14.31 -23.97
CA LEU D 88 -4.49 13.45 -24.84
C LEU D 88 -5.07 13.35 -26.24
N PHE D 89 -6.38 13.12 -26.36
CA PHE D 89 -7.00 12.81 -27.64
C PHE D 89 -7.90 13.91 -28.17
N ASN D 90 -8.24 14.92 -27.36
CA ASN D 90 -9.20 15.96 -27.72
C ASN D 90 -10.62 15.42 -27.84
N TYR D 91 -10.93 14.35 -27.11
CA TYR D 91 -12.26 13.75 -27.14
C TYR D 91 -13.08 14.24 -25.94
N ASP D 92 -14.35 14.54 -26.18
CA ASP D 92 -15.19 15.19 -25.20
C ASP D 92 -15.92 14.21 -24.27
N TYR D 93 -15.96 12.91 -24.60
CA TYR D 93 -16.79 11.97 -23.87
C TYR D 93 -15.99 10.73 -23.53
N ILE D 94 -16.11 10.26 -22.28
CA ILE D 94 -15.48 9.01 -21.87
C ILE D 94 -16.50 8.14 -21.15
N ILE D 95 -16.34 6.83 -21.31
CA ILE D 95 -17.01 5.81 -20.51
C ILE D 95 -15.95 4.81 -20.08
N PRO D 96 -15.59 4.74 -18.80
CA PRO D 96 -14.62 3.73 -18.38
C PRO D 96 -15.19 2.34 -18.55
N ALA D 97 -14.29 1.38 -18.76
CA ALA D 97 -14.66 -0.02 -18.91
C ALA D 97 -13.65 -0.84 -18.11
N HIS D 98 -14.06 -2.05 -17.73
CA HIS D 98 -13.17 -2.82 -16.87
C HIS D 98 -11.94 -3.30 -17.62
N GLN D 99 -12.06 -3.52 -18.93
CA GLN D 99 -10.88 -3.70 -19.77
C GLN D 99 -11.28 -3.53 -21.24
N GLY D 100 -10.40 -3.97 -22.14
CA GLY D 100 -10.57 -3.66 -23.55
C GLY D 100 -11.80 -4.28 -24.16
N ARG D 101 -12.03 -5.57 -23.91
CA ARG D 101 -13.17 -6.24 -24.52
C ARG D 101 -14.49 -5.80 -23.89
N GLY D 102 -14.45 -5.24 -22.68
CA GLY D 102 -15.63 -4.58 -22.15
C GLY D 102 -15.92 -3.28 -22.87
N ALA D 103 -14.87 -2.52 -23.21
CA ALA D 103 -15.05 -1.33 -24.03
C ALA D 103 -15.67 -1.70 -25.39
N GLU D 104 -15.20 -2.81 -25.98
CA GLU D 104 -15.78 -3.28 -27.24
C GLU D 104 -17.24 -3.69 -27.07
N ASN D 105 -17.55 -4.38 -25.97
CA ASN D 105 -18.93 -4.81 -25.75
C ASN D 105 -19.86 -3.63 -25.55
N ILE D 106 -19.32 -2.51 -25.05
CA ILE D 106 -20.12 -1.29 -24.87
C ILE D 106 -20.41 -0.65 -26.22
N LEU D 107 -19.37 -0.47 -27.04
CA LEU D 107 -19.46 0.40 -28.21
C LEU D 107 -19.94 -0.33 -29.47
N PHE D 108 -19.46 -1.53 -29.72
CA PHE D 108 -19.75 -2.16 -31.02
C PHE D 108 -21.24 -2.42 -31.22
N PRO D 109 -21.97 -3.05 -30.29
CA PRO D 109 -23.41 -3.20 -30.52
C PRO D 109 -24.12 -1.87 -30.70
N VAL D 110 -23.67 -0.84 -29.98
CA VAL D 110 -24.25 0.49 -30.13
C VAL D 110 -24.05 1.02 -31.54
N LEU D 111 -22.83 0.82 -32.10
CA LEU D 111 -22.55 1.29 -33.45
C LEU D 111 -23.41 0.56 -34.48
N LEU D 112 -23.60 -0.75 -34.29
CA LEU D 112 -24.49 -1.49 -35.18
C LEU D 112 -25.90 -0.93 -35.14
N LYS D 113 -26.43 -0.69 -33.94
CA LYS D 113 -27.77 -0.11 -33.82
C LYS D 113 -27.85 1.27 -34.45
N TYR D 114 -26.85 2.11 -34.21
CA TYR D 114 -26.79 3.43 -34.82
C TYR D 114 -26.77 3.34 -36.34
N LYS D 115 -26.03 2.37 -36.89
CA LYS D 115 -25.97 2.23 -38.35
C LYS D 115 -27.28 1.73 -38.92
N GLN D 116 -28.00 0.90 -38.18
CA GLN D 116 -29.26 0.32 -38.64
C GLN D 116 -30.40 1.31 -38.70
N LYS D 117 -30.23 2.55 -38.24
CA LYS D 117 -31.26 3.56 -38.40
C LYS D 117 -31.56 3.77 -39.88
N GLU D 118 -32.82 4.06 -40.18
CA GLU D 118 -33.32 4.19 -41.54
C GLU D 118 -33.18 2.90 -42.34
N GLY D 119 -33.07 1.76 -41.65
CA GLY D 119 -33.16 0.47 -42.30
C GLY D 119 -31.98 0.08 -43.18
N LYS D 120 -30.80 0.63 -42.93
CA LYS D 120 -29.63 0.18 -43.68
C LYS D 120 -28.84 -0.82 -42.84
N ALA D 121 -27.65 -1.17 -43.33
CA ALA D 121 -26.76 -2.14 -42.67
C ALA D 121 -27.44 -3.50 -42.51
N LYS D 122 -28.15 -3.94 -43.55
CA LYS D 122 -28.78 -5.25 -43.53
C LYS D 122 -27.76 -6.39 -43.65
N ASN D 123 -26.59 -6.12 -44.22
CA ASN D 123 -25.48 -7.06 -44.31
C ASN D 123 -24.26 -6.44 -43.63
N PRO D 124 -24.31 -6.25 -42.32
CA PRO D 124 -23.34 -5.35 -41.66
C PRO D 124 -21.95 -5.97 -41.55
N VAL D 125 -20.92 -5.14 -41.75
CA VAL D 125 -19.54 -5.57 -41.63
C VAL D 125 -18.72 -4.52 -40.89
N PHE D 126 -17.61 -4.97 -40.31
CA PHE D 126 -16.56 -4.10 -39.80
C PHE D 126 -15.30 -4.34 -40.61
N ILE D 127 -14.52 -3.28 -40.85
CA ILE D 127 -13.26 -3.39 -41.58
C ILE D 127 -12.14 -2.84 -40.71
N SER D 128 -11.07 -3.63 -40.57
CA SER D 128 -9.90 -3.24 -39.79
C SER D 128 -8.64 -3.57 -40.58
N ASN D 129 -7.53 -2.91 -40.22
CA ASN D 129 -6.26 -3.43 -40.71
C ASN D 129 -6.05 -4.85 -40.21
N PHE D 130 -6.39 -5.11 -38.94
CA PHE D 130 -6.54 -6.47 -38.44
C PHE D 130 -7.25 -6.40 -37.10
N HIS D 131 -8.48 -6.91 -37.05
CA HIS D 131 -9.18 -7.05 -35.78
C HIS D 131 -8.40 -7.95 -34.84
N PHE D 132 -8.35 -7.57 -33.57
CA PHE D 132 -7.87 -8.50 -32.55
C PHE D 132 -8.93 -9.57 -32.28
N ASP D 133 -8.51 -10.65 -31.61
CA ASP D 133 -9.37 -11.80 -31.37
C ASP D 133 -10.69 -11.41 -30.69
N THR D 134 -10.62 -10.72 -29.55
CA THR D 134 -11.86 -10.32 -28.88
C THR D 134 -12.66 -9.34 -29.73
N THR D 135 -11.96 -8.47 -30.48
CA THR D 135 -12.63 -7.49 -31.31
C THR D 135 -13.47 -8.17 -32.39
N ALA D 136 -12.88 -9.13 -33.10
CA ALA D 136 -13.61 -9.87 -34.11
C ALA D 136 -14.73 -10.70 -33.48
N ALA D 137 -14.49 -11.24 -32.29
CA ALA D 137 -15.54 -12.01 -31.63
C ALA D 137 -16.75 -11.13 -31.35
N HIS D 138 -16.53 -9.89 -30.90
CA HIS D 138 -17.64 -8.99 -30.65
C HIS D 138 -18.32 -8.56 -31.94
N VAL D 139 -17.55 -8.44 -33.02
CA VAL D 139 -18.15 -8.15 -34.32
C VAL D 139 -19.09 -9.27 -34.73
N GLU D 140 -18.64 -10.51 -34.59
CA GLU D 140 -19.39 -11.67 -35.06
C GLU D 140 -20.52 -12.05 -34.12
N LEU D 141 -20.35 -11.88 -32.80
CA LEU D 141 -21.45 -12.11 -31.86
C LEU D 141 -22.65 -11.23 -32.18
N ASN D 142 -22.42 -10.05 -32.73
CA ASN D 142 -23.50 -9.13 -33.08
C ASN D 142 -24.01 -9.33 -34.50
N GLY D 143 -23.60 -10.41 -35.17
CA GLY D 143 -24.11 -10.75 -36.48
C GLY D 143 -23.40 -10.10 -37.64
N CYS D 144 -22.23 -9.51 -37.42
CA CYS D 144 -21.48 -8.88 -38.49
C CYS D 144 -20.32 -9.77 -38.92
N LYS D 145 -19.71 -9.39 -40.04
CA LYS D 145 -18.49 -10.01 -40.52
C LYS D 145 -17.31 -9.10 -40.21
N ALA D 146 -16.19 -9.70 -39.85
CA ALA D 146 -14.98 -8.97 -39.51
C ALA D 146 -13.99 -9.14 -40.66
N ILE D 147 -13.73 -8.05 -41.36
CA ILE D 147 -12.88 -8.05 -42.54
C ILE D 147 -11.54 -7.43 -42.16
N ASN D 148 -10.46 -8.17 -42.41
CA ASN D 148 -9.09 -7.71 -42.15
C ASN D 148 -8.39 -7.46 -43.47
N ILE D 149 -7.73 -6.31 -43.59
CA ILE D 149 -7.08 -5.94 -44.85
C ILE D 149 -5.72 -5.31 -44.60
N VAL D 150 -4.89 -5.97 -43.78
CA VAL D 150 -3.55 -5.44 -43.52
C VAL D 150 -2.71 -5.48 -44.80
N THR D 151 -1.73 -4.59 -44.87
CA THR D 151 -0.83 -4.55 -46.02
C THR D 151 -0.13 -5.88 -46.22
N GLU D 152 0.11 -6.22 -47.49
CA GLU D 152 0.80 -7.46 -47.80
C GLU D 152 2.25 -7.45 -47.32
N LYS D 153 2.82 -6.25 -47.08
CA LYS D 153 4.16 -6.16 -46.51
C LYS D 153 4.27 -6.94 -45.21
N ALA D 154 3.18 -7.03 -44.45
CA ALA D 154 3.19 -7.77 -43.19
C ALA D 154 3.45 -9.26 -43.39
N PHE D 155 3.31 -9.75 -44.62
CA PHE D 155 3.41 -11.18 -44.88
C PHE D 155 4.80 -11.61 -45.32
N ASP D 156 5.70 -10.65 -45.53
CA ASP D 156 7.11 -10.93 -45.84
C ASP D 156 7.90 -10.67 -44.55
N SER D 157 8.12 -11.74 -43.78
CA SER D 157 8.62 -11.61 -42.42
C SER D 157 9.97 -10.91 -42.37
N GLU D 158 10.94 -11.41 -43.13
CA GLU D 158 12.32 -10.97 -42.99
C GLU D 158 12.64 -9.70 -43.77
N THR D 159 11.73 -9.23 -44.61
CA THR D 159 11.95 -8.01 -45.40
C THR D 159 11.46 -6.80 -44.62
N TYR D 160 12.37 -5.87 -44.35
CA TYR D 160 12.04 -4.70 -43.55
C TYR D 160 11.00 -3.83 -44.24
N ASP D 161 10.10 -3.25 -43.45
CA ASP D 161 9.23 -2.19 -43.90
C ASP D 161 8.90 -1.30 -42.70
N ASP D 162 8.71 -0.01 -42.97
CA ASP D 162 8.45 0.95 -41.90
C ASP D 162 7.10 0.75 -41.24
N TRP D 163 6.09 0.30 -41.99
CA TRP D 163 4.71 0.36 -41.54
C TRP D 163 3.95 -0.93 -41.89
N LYS D 164 4.41 -2.06 -41.34
CA LYS D 164 3.76 -3.33 -41.63
C LYS D 164 2.38 -3.48 -41.01
N GLY D 165 1.89 -2.47 -40.28
CA GLY D 165 0.53 -2.48 -39.78
C GLY D 165 -0.46 -1.68 -40.59
N ASP D 166 -0.05 -1.13 -41.73
CA ASP D 166 -0.93 -0.27 -42.52
C ASP D 166 -2.15 -1.01 -43.04
N PHE D 167 -3.22 -0.26 -43.25
CA PHE D 167 -4.31 -0.73 -44.10
C PHE D 167 -3.81 -0.89 -45.53
N ASP D 168 -4.30 -1.92 -46.21
CA ASP D 168 -4.24 -1.96 -47.67
C ASP D 168 -5.31 -1.01 -48.20
N ILE D 169 -4.89 0.15 -48.71
CA ILE D 169 -5.85 1.18 -49.10
C ILE D 169 -6.70 0.70 -50.27
N LYS D 170 -6.09 -0.02 -51.21
CA LYS D 170 -6.84 -0.55 -52.35
C LYS D 170 -7.96 -1.47 -51.88
N LYS D 171 -7.63 -2.38 -50.96
CA LYS D 171 -8.65 -3.30 -50.44
C LYS D 171 -9.70 -2.57 -49.60
N LEU D 172 -9.33 -1.47 -48.96
CA LEU D 172 -10.33 -0.67 -48.25
C LEU D 172 -11.36 -0.12 -49.23
N LYS D 173 -10.89 0.47 -50.33
CA LYS D 173 -11.82 1.00 -51.33
C LYS D 173 -12.63 -0.11 -51.97
N GLU D 174 -12.00 -1.25 -52.22
CA GLU D 174 -12.71 -2.37 -52.86
C GLU D 174 -13.80 -2.92 -51.95
N ASN D 175 -13.52 -3.06 -50.65
CA ASN D 175 -14.52 -3.60 -49.74
C ASN D 175 -15.66 -2.61 -49.52
N ILE D 176 -15.37 -1.31 -49.55
CA ILE D 176 -16.44 -0.33 -49.45
C ILE D 176 -17.36 -0.41 -50.66
N ALA D 177 -16.78 -0.58 -51.85
CA ALA D 177 -17.59 -0.66 -53.07
C ALA D 177 -18.37 -1.98 -53.12
N GLN D 178 -17.72 -3.09 -52.74
CA GLN D 178 -18.38 -4.39 -52.82
C GLN D 178 -19.53 -4.49 -51.81
N HIS D 179 -19.29 -4.08 -50.57
CA HIS D 179 -20.31 -4.20 -49.54
C HIS D 179 -21.24 -3.00 -49.48
N GLY D 180 -20.80 -1.83 -49.93
CA GLY D 180 -21.58 -0.63 -49.79
C GLY D 180 -21.29 0.07 -48.48
N ALA D 181 -21.13 1.39 -48.52
CA ALA D 181 -20.84 2.13 -47.30
C ALA D 181 -21.95 1.98 -46.27
N ASP D 182 -23.18 1.74 -46.72
CA ASP D 182 -24.31 1.61 -45.80
C ASP D 182 -24.26 0.32 -44.98
N ASN D 183 -23.40 -0.63 -45.34
CA ASN D 183 -23.22 -1.87 -44.59
C ASN D 183 -21.96 -1.88 -43.73
N ILE D 184 -21.13 -0.85 -43.83
CA ILE D 184 -19.91 -0.76 -43.03
C ILE D 184 -20.28 -0.10 -41.71
N VAL D 185 -20.42 -0.89 -40.66
CA VAL D 185 -20.76 -0.31 -39.36
C VAL D 185 -19.66 0.64 -38.91
N ALA D 186 -18.41 0.25 -39.11
CA ALA D 186 -17.28 1.03 -38.65
C ALA D 186 -16.00 0.48 -39.27
N ILE D 187 -15.01 1.35 -39.38
CA ILE D 187 -13.64 0.94 -39.66
C ILE D 187 -12.88 0.98 -38.34
N VAL D 188 -12.19 -0.12 -38.03
CA VAL D 188 -11.41 -0.22 -36.80
C VAL D 188 -9.93 -0.10 -37.16
N SER D 189 -9.30 0.99 -36.72
CA SER D 189 -7.87 1.18 -36.88
C SER D 189 -7.16 0.70 -35.62
N THR D 190 -6.46 -0.43 -35.72
CA THR D 190 -5.75 -1.03 -34.60
C THR D 190 -4.31 -0.53 -34.59
N VAL D 191 -3.91 0.14 -33.50
CA VAL D 191 -2.58 0.73 -33.37
C VAL D 191 -2.00 0.32 -32.02
N THR D 192 -0.82 -0.30 -32.04
CA THR D 192 -0.17 -0.91 -33.19
C THR D 192 -1.04 -2.07 -33.69
N CYS D 193 -0.73 -2.61 -34.87
CA CYS D 193 -1.50 -3.74 -35.39
C CYS D 193 -0.98 -5.00 -34.71
N ASN D 194 -1.72 -5.45 -33.69
CA ASN D 194 -1.26 -6.52 -32.82
C ASN D 194 -1.01 -7.81 -33.60
N SER D 195 -1.96 -8.20 -34.45
CA SER D 195 -1.87 -9.49 -35.14
C SER D 195 -0.79 -9.49 -36.21
N ALA D 196 -0.47 -8.33 -36.78
CA ALA D 196 0.61 -8.24 -37.76
C ALA D 196 1.99 -8.31 -37.12
N GLY D 197 2.07 -8.37 -35.79
CA GLY D 197 3.34 -8.42 -35.12
C GLY D 197 3.65 -7.16 -34.32
N GLY D 198 2.60 -6.50 -33.83
CA GLY D 198 2.80 -5.23 -33.12
C GLY D 198 3.39 -4.14 -33.98
N GLN D 199 3.07 -4.13 -35.27
CA GLN D 199 3.68 -3.27 -36.28
C GLN D 199 2.88 -1.98 -36.43
N PRO D 200 3.58 -0.86 -36.58
CA PRO D 200 2.90 0.45 -36.54
C PRO D 200 2.11 0.73 -37.80
N VAL D 201 1.09 1.56 -37.62
CA VAL D 201 0.36 2.18 -38.72
C VAL D 201 0.89 3.60 -38.89
N SER D 202 1.22 3.99 -40.12
CA SER D 202 1.77 5.32 -40.35
C SER D 202 0.67 6.38 -40.20
N MET D 203 1.10 7.60 -39.91
CA MET D 203 0.15 8.70 -39.77
C MET D 203 -0.59 8.95 -41.07
N SER D 204 0.12 8.92 -42.20
CA SER D 204 -0.53 9.15 -43.49
C SER D 204 -1.49 8.03 -43.85
N ASN D 205 -1.20 6.80 -43.40
CA ASN D 205 -2.15 5.71 -43.61
C ASN D 205 -3.41 5.90 -42.77
N LEU D 206 -3.25 6.28 -41.49
CA LEU D 206 -4.40 6.62 -40.67
C LEU D 206 -5.20 7.76 -41.29
N LYS D 207 -4.51 8.80 -41.78
CA LYS D 207 -5.18 9.94 -42.37
C LYS D 207 -5.98 9.55 -43.60
N GLU D 208 -5.34 8.85 -44.55
CA GLU D 208 -6.04 8.44 -45.77
C GLU D 208 -7.23 7.54 -45.44
N VAL D 209 -7.07 6.63 -44.47
CA VAL D 209 -8.18 5.76 -44.09
C VAL D 209 -9.35 6.59 -43.57
N TYR D 210 -9.06 7.53 -42.67
CA TYR D 210 -10.13 8.34 -42.09
C TYR D 210 -10.79 9.21 -43.15
N GLU D 211 -10.01 9.79 -44.06
CA GLU D 211 -10.58 10.64 -45.11
C GLU D 211 -11.50 9.83 -46.02
N ILE D 212 -11.05 8.64 -46.45
CA ILE D 212 -11.92 7.77 -47.22
C ILE D 212 -13.19 7.46 -46.45
N ALA D 213 -13.06 7.19 -45.15
CA ALA D 213 -14.22 6.78 -44.37
C ALA D 213 -15.19 7.95 -44.19
N LYS D 214 -14.67 9.16 -44.02
CA LYS D 214 -15.55 10.31 -43.81
C LYS D 214 -16.34 10.66 -45.07
N GLN D 215 -15.71 10.52 -46.24
CA GLN D 215 -16.43 10.82 -47.47
C GLN D 215 -17.56 9.83 -47.71
N HIS D 216 -17.44 8.63 -47.17
CA HIS D 216 -18.49 7.62 -47.28
C HIS D 216 -19.41 7.60 -46.07
N GLY D 217 -19.19 8.46 -45.09
CA GLY D 217 -20.01 8.46 -43.89
C GLY D 217 -19.81 7.27 -42.99
N ILE D 218 -18.60 6.70 -42.96
CA ILE D 218 -18.31 5.52 -42.14
C ILE D 218 -17.65 5.96 -40.84
N PHE D 219 -18.18 5.47 -39.72
CA PHE D 219 -17.60 5.75 -38.41
C PHE D 219 -16.27 5.03 -38.28
N VAL D 220 -15.31 5.66 -37.59
CA VAL D 220 -13.98 5.09 -37.41
C VAL D 220 -13.69 4.97 -35.91
N VAL D 221 -13.32 3.77 -35.49
CA VAL D 221 -12.89 3.51 -34.11
C VAL D 221 -11.41 3.20 -34.12
N MET D 222 -10.67 3.81 -33.21
CA MET D 222 -9.27 3.48 -33.01
C MET D 222 -9.16 2.47 -31.88
N ASP D 223 -8.70 1.27 -32.19
CA ASP D 223 -8.35 0.30 -31.16
C ASP D 223 -6.98 0.71 -30.63
N SER D 224 -6.93 1.15 -29.37
CA SER D 224 -5.85 1.98 -28.87
C SER D 224 -5.01 1.30 -27.79
N ALA D 225 -5.11 -0.03 -27.65
CA ALA D 225 -4.37 -0.71 -26.60
C ALA D 225 -2.90 -0.32 -26.59
N ARG D 226 -2.28 -0.19 -27.77
CA ARG D 226 -0.86 0.13 -27.83
C ARG D 226 -0.62 1.38 -28.67
N PHE D 227 -1.42 2.43 -28.43
CA PHE D 227 -1.30 3.66 -29.21
C PHE D 227 -0.01 4.42 -28.94
N CYS D 228 0.58 4.29 -27.75
CA CYS D 228 1.81 5.01 -27.47
C CYS D 228 2.99 4.40 -28.20
N GLU D 229 3.04 3.07 -28.23
CA GLU D 229 4.05 2.38 -29.03
C GLU D 229 3.91 2.74 -30.49
N ASN D 230 2.67 2.92 -30.98
CA ASN D 230 2.47 3.35 -32.35
C ASN D 230 2.96 4.78 -32.54
N ALA D 231 2.71 5.65 -31.57
CA ALA D 231 3.17 7.03 -31.67
C ALA D 231 4.68 7.11 -31.69
N TYR D 232 5.35 6.29 -30.89
CA TYR D 232 6.81 6.28 -30.89
C TYR D 232 7.35 5.92 -32.27
N PHE D 233 6.81 4.85 -32.87
CA PHE D 233 7.26 4.45 -34.21
C PHE D 233 7.05 5.57 -35.22
N ILE D 234 5.93 6.28 -35.12
CA ILE D 234 5.67 7.40 -36.03
C ILE D 234 6.77 8.45 -35.86
N LYS D 235 7.09 8.80 -34.61
CA LYS D 235 8.15 9.78 -34.41
C LYS D 235 9.51 9.24 -34.84
N ALA D 236 9.72 7.94 -34.73
CA ALA D 236 11.01 7.37 -35.08
C ALA D 236 11.18 7.28 -36.60
N ARG D 237 10.12 6.95 -37.33
CA ARG D 237 10.25 6.61 -38.74
C ARG D 237 9.67 7.63 -39.70
N ASP D 238 8.82 8.56 -39.24
CA ASP D 238 8.25 9.55 -40.14
C ASP D 238 9.01 10.86 -40.00
N PRO D 239 9.72 11.30 -41.04
CA PRO D 239 10.50 12.55 -40.92
C PRO D 239 9.66 13.76 -40.54
N LYS D 240 8.38 13.77 -40.90
CA LYS D 240 7.52 14.92 -40.59
C LYS D 240 7.40 15.13 -39.08
N TYR D 241 7.55 14.06 -38.28
CA TYR D 241 7.41 14.16 -36.84
C TYR D 241 8.74 14.02 -36.12
N LYS D 242 9.83 14.42 -36.77
CA LYS D 242 11.16 14.31 -36.16
C LYS D 242 11.27 15.17 -34.90
N ASN D 243 10.79 16.41 -34.98
CA ASN D 243 10.90 17.36 -33.88
C ASN D 243 9.61 17.48 -33.08
N ALA D 244 8.73 16.48 -33.17
CA ALA D 244 7.45 16.51 -32.48
C ALA D 244 7.53 15.75 -31.16
N THR D 245 6.73 16.18 -30.19
CA THR D 245 6.61 15.41 -28.97
C THR D 245 5.72 14.18 -29.24
N ILE D 246 5.82 13.20 -28.34
CA ILE D 246 4.93 12.05 -28.44
C ILE D 246 3.47 12.50 -28.34
N LYS D 247 3.17 13.45 -27.46
CA LYS D 247 1.79 13.89 -27.29
C LYS D 247 1.28 14.62 -28.53
N GLU D 248 2.15 15.29 -29.28
CA GLU D 248 1.73 15.87 -30.56
C GLU D 248 1.37 14.78 -31.56
N VAL D 249 2.16 13.70 -31.58
CA VAL D 249 1.88 12.58 -32.47
C VAL D 249 0.56 11.91 -32.08
N ILE D 250 0.35 11.70 -30.78
CA ILE D 250 -0.91 11.13 -30.31
C ILE D 250 -2.08 12.01 -30.71
N PHE D 251 -1.98 13.31 -30.40
CA PHE D 251 -3.03 14.25 -30.76
C PHE D 251 -3.36 14.18 -32.25
N ASP D 252 -2.35 14.08 -33.11
CA ASP D 252 -2.59 14.00 -34.55
C ASP D 252 -3.25 12.67 -34.93
N MET D 253 -2.79 11.56 -34.36
CA MET D 253 -3.41 10.26 -34.63
C MET D 253 -4.91 10.31 -34.44
N TYR D 254 -5.37 10.90 -33.34
CA TYR D 254 -6.77 10.83 -32.98
C TYR D 254 -7.62 11.91 -33.67
N LYS D 255 -7.00 12.74 -34.50
CA LYS D 255 -7.77 13.46 -35.51
C LYS D 255 -8.39 12.51 -36.51
N TYR D 256 -7.86 11.30 -36.62
CA TYR D 256 -8.22 10.36 -37.68
C TYR D 256 -9.04 9.19 -37.14
N ALA D 257 -9.86 9.46 -36.13
CA ALA D 257 -10.87 8.54 -35.65
C ALA D 257 -11.99 9.35 -35.01
N ASP D 258 -13.15 8.71 -34.86
CA ASP D 258 -14.31 9.33 -34.23
C ASP D 258 -14.49 8.88 -32.78
N ALA D 259 -13.80 7.83 -32.39
CA ALA D 259 -13.92 7.26 -31.06
C ALA D 259 -12.77 6.30 -30.87
N LEU D 260 -12.58 5.85 -29.64
CA LEU D 260 -11.55 4.87 -29.36
C LEU D 260 -12.08 3.86 -28.35
N THR D 261 -11.55 2.65 -28.45
CA THR D 261 -11.72 1.60 -27.44
C THR D 261 -10.32 1.19 -27.02
N MET D 262 -10.09 1.14 -25.72
CA MET D 262 -8.73 1.00 -25.22
C MET D 262 -8.68 -0.06 -24.14
N SER D 263 -7.74 -0.98 -24.27
CA SER D 263 -7.31 -1.77 -23.13
C SER D 263 -6.21 -0.99 -22.43
N ALA D 264 -6.54 -0.42 -21.28
CA ALA D 264 -5.56 0.24 -20.45
C ALA D 264 -4.56 -0.73 -19.82
N LYS D 265 -4.73 -2.04 -20.07
CA LYS D 265 -3.82 -3.05 -19.56
C LYS D 265 -2.54 -3.16 -20.37
N LYS D 266 -2.36 -2.31 -21.39
CA LYS D 266 -1.19 -2.32 -22.23
C LYS D 266 -0.44 -1.03 -22.02
N ASP D 267 -0.47 -0.07 -22.95
CA ASP D 267 0.40 1.10 -22.86
C ASP D 267 0.14 1.99 -21.65
N PRO D 268 -1.07 2.09 -21.07
CA PRO D 268 -1.21 2.84 -19.82
C PRO D 268 -0.63 2.14 -18.59
N LEU D 269 -0.04 0.96 -18.74
CA LEU D 269 0.80 0.36 -17.69
C LEU D 269 -0.03 -0.03 -16.46
N LEU D 270 -1.14 -0.71 -16.70
CA LEU D 270 -2.04 -1.12 -15.62
C LEU D 270 -2.15 -2.63 -15.57
N ASN D 271 -2.74 -3.12 -14.50
CA ASN D 271 -3.08 -4.53 -14.36
C ASN D 271 -4.53 -4.82 -14.67
N ILE D 272 -5.35 -3.77 -14.82
CA ILE D 272 -6.76 -3.90 -15.19
C ILE D 272 -7.19 -2.50 -15.63
N GLY D 273 -8.28 -2.44 -16.40
CA GLY D 273 -8.79 -1.16 -16.82
C GLY D 273 -9.00 -1.03 -18.32
N GLY D 274 -10.01 -0.28 -18.71
CA GLY D 274 -10.31 -0.03 -20.10
C GLY D 274 -10.98 1.32 -20.23
N LEU D 275 -11.26 1.71 -21.46
CA LEU D 275 -11.77 3.05 -21.71
C LEU D 275 -12.46 3.08 -23.06
N VAL D 276 -13.62 3.73 -23.10
CA VAL D 276 -14.24 4.19 -24.33
C VAL D 276 -14.18 5.70 -24.33
N ALA D 277 -13.73 6.28 -25.45
CA ALA D 277 -13.74 7.73 -25.59
C ALA D 277 -14.32 8.07 -26.95
N ILE D 278 -15.18 9.08 -26.98
CA ILE D 278 -15.88 9.48 -28.19
C ILE D 278 -15.58 10.95 -28.45
N ARG D 279 -15.23 11.29 -29.70
CA ARG D 279 -14.75 12.64 -29.98
C ARG D 279 -15.84 13.66 -29.72
N ASP D 280 -16.98 13.57 -30.44
CA ASP D 280 -18.02 14.57 -30.26
C ASP D 280 -19.44 14.06 -30.56
N ASN D 281 -19.64 12.78 -30.85
CA ASN D 281 -20.97 12.30 -31.19
C ASN D 281 -21.74 12.00 -29.91
N GLU D 282 -22.56 12.97 -29.47
CA GLU D 282 -23.26 12.84 -28.20
C GLU D 282 -24.31 11.73 -28.24
N GLU D 283 -24.86 11.44 -29.42
CA GLU D 283 -25.89 10.40 -29.50
C GLU D 283 -25.30 9.02 -29.24
N ILE D 284 -24.15 8.71 -29.85
CA ILE D 284 -23.52 7.42 -29.60
C ILE D 284 -22.99 7.36 -28.17
N PHE D 285 -22.55 8.49 -27.62
CA PHE D 285 -22.18 8.53 -26.21
C PHE D 285 -23.34 8.11 -25.32
N THR D 286 -24.52 8.67 -25.57
CA THR D 286 -25.68 8.34 -24.74
C THR D 286 -26.07 6.88 -24.89
N LEU D 287 -26.04 6.34 -26.12
CA LEU D 287 -26.41 4.95 -26.32
C LEU D 287 -25.38 4.01 -25.71
N ALA D 288 -24.10 4.36 -25.78
CA ALA D 288 -23.08 3.51 -25.16
C ALA D 288 -23.17 3.55 -23.64
N ARG D 289 -23.55 4.71 -23.07
CA ARG D 289 -23.77 4.77 -21.63
C ARG D 289 -24.93 3.88 -21.21
N GLN D 290 -26.00 3.85 -21.99
CA GLN D 290 -27.14 3.00 -21.67
C GLN D 290 -26.78 1.52 -21.72
N ARG D 291 -25.87 1.13 -22.61
CA ARG D 291 -25.37 -0.23 -22.60
C ARG D 291 -24.36 -0.45 -21.48
N CYS D 292 -23.60 0.58 -21.11
CA CYS D 292 -22.60 0.44 -20.05
C CYS D 292 -23.25 0.06 -18.72
N VAL D 293 -24.44 0.60 -18.43
CA VAL D 293 -25.05 0.39 -17.12
C VAL D 293 -25.30 -1.09 -16.81
N PRO D 294 -25.95 -1.89 -17.68
CA PRO D 294 -26.15 -3.31 -17.32
C PRO D 294 -24.93 -4.19 -17.56
N MET D 295 -24.03 -3.80 -18.47
CA MET D 295 -22.90 -4.64 -18.85
C MET D 295 -21.67 -4.43 -17.97
N GLU D 296 -21.40 -3.20 -17.53
CA GLU D 296 -20.16 -2.88 -16.84
C GLU D 296 -20.39 -2.31 -15.45
N GLY D 297 -21.22 -1.29 -15.34
CA GLY D 297 -21.45 -0.61 -14.08
C GLY D 297 -22.01 0.77 -14.36
N PHE D 298 -22.18 1.54 -13.29
CA PHE D 298 -22.61 2.92 -13.47
C PHE D 298 -21.56 3.70 -14.26
N VAL D 299 -22.00 4.76 -14.93
CA VAL D 299 -21.20 5.35 -15.99
C VAL D 299 -19.99 6.13 -15.51
N THR D 300 -19.86 6.42 -14.21
CA THR D 300 -18.69 7.11 -13.69
C THR D 300 -17.67 6.18 -13.05
N TYR D 301 -17.83 4.86 -13.15
CA TYR D 301 -16.73 3.95 -12.85
C TYR D 301 -16.63 2.78 -13.80
N GLY D 302 -17.70 2.37 -14.47
CA GLY D 302 -17.62 1.47 -15.61
C GLY D 302 -16.98 0.12 -15.33
N GLY D 303 -17.24 -0.43 -14.15
CA GLY D 303 -16.68 -1.72 -13.79
C GLY D 303 -15.30 -1.65 -13.17
N LEU D 304 -14.81 -0.45 -12.85
CA LEU D 304 -13.49 -0.27 -12.27
C LEU D 304 -13.61 0.22 -10.84
N ALA D 305 -12.72 -0.27 -9.98
CA ALA D 305 -12.51 0.38 -8.70
C ALA D 305 -12.04 1.81 -8.92
N GLY D 306 -12.40 2.69 -7.98
CA GLY D 306 -11.90 4.05 -8.07
C GLY D 306 -10.39 4.13 -8.14
N ARG D 307 -9.71 3.28 -7.37
CA ARG D 307 -8.25 3.25 -7.38
C ARG D 307 -7.69 2.88 -8.76
N ASP D 308 -8.41 2.08 -9.54
CA ASP D 308 -7.90 1.71 -10.85
C ASP D 308 -8.06 2.83 -11.88
N MET D 309 -9.13 3.64 -11.75
CA MET D 309 -9.21 4.85 -12.56
C MET D 309 -8.11 5.83 -12.19
N ALA D 310 -7.80 5.95 -10.89
CA ALA D 310 -6.69 6.82 -10.48
C ALA D 310 -5.37 6.34 -11.06
N ALA D 311 -5.11 5.03 -11.00
CA ALA D 311 -3.89 4.52 -11.61
C ALA D 311 -3.88 4.75 -13.12
N MET D 312 -5.05 4.68 -13.77
CA MET D 312 -5.11 4.89 -15.21
C MET D 312 -4.72 6.32 -15.57
N VAL D 313 -5.18 7.30 -14.80
CA VAL D 313 -4.85 8.69 -15.07
C VAL D 313 -3.34 8.89 -15.01
N GLN D 314 -2.69 8.25 -14.04
CA GLN D 314 -1.24 8.39 -13.92
C GLN D 314 -0.52 7.58 -14.99
N GLY D 315 -0.97 6.36 -15.25
CA GLY D 315 -0.33 5.52 -16.25
C GLY D 315 -0.51 6.03 -17.67
N LEU D 316 -1.61 6.73 -17.93
CA LEU D 316 -1.80 7.34 -19.24
C LEU D 316 -0.72 8.38 -19.51
N GLU D 317 -0.24 9.05 -18.46
CA GLU D 317 0.86 10.01 -18.64
C GLU D 317 2.20 9.30 -18.77
N GLU D 318 2.48 8.36 -17.87
CA GLU D 318 3.77 7.67 -17.89
C GLU D 318 3.97 6.93 -19.21
N GLY D 319 2.89 6.40 -19.79
CA GLY D 319 2.99 5.64 -21.03
C GLY D 319 3.37 6.47 -22.24
N THR D 320 3.27 7.80 -22.15
CA THR D 320 3.63 8.70 -23.23
C THR D 320 5.08 9.20 -23.15
N GLU D 321 5.81 8.86 -22.10
CA GLU D 321 7.15 9.41 -21.92
C GLU D 321 8.12 8.75 -22.89
N GLU D 322 8.79 9.56 -23.70
CA GLU D 322 9.62 9.03 -24.77
C GLU D 322 10.79 8.22 -24.22
N GLU D 323 11.36 8.64 -23.09
CA GLU D 323 12.46 7.90 -22.50
C GLU D 323 12.05 6.49 -22.12
N TYR D 324 10.83 6.33 -21.59
CA TYR D 324 10.36 4.99 -21.27
C TYR D 324 10.06 4.21 -22.55
N LEU D 325 9.38 4.83 -23.51
CA LEU D 325 9.07 4.15 -24.77
C LEU D 325 10.33 3.70 -25.48
N HIS D 326 11.35 4.56 -25.52
CA HIS D 326 12.62 4.20 -26.14
C HIS D 326 13.19 2.93 -25.49
N TYR D 327 13.21 2.89 -24.15
CA TYR D 327 13.71 1.70 -23.46
CA TYR D 327 13.71 1.70 -23.46
C TYR D 327 12.82 0.49 -23.72
N ARG D 328 11.51 0.67 -23.59
CA ARG D 328 10.58 -0.45 -23.74
C ARG D 328 10.71 -1.08 -25.11
N ILE D 329 10.66 -0.26 -26.16
CA ILE D 329 10.73 -0.79 -27.52
C ILE D 329 12.15 -1.24 -27.84
N GLY D 330 13.15 -0.61 -27.22
CA GLY D 330 14.52 -1.08 -27.36
C GLY D 330 14.75 -2.46 -26.77
N GLN D 331 14.04 -2.80 -25.69
CA GLN D 331 14.19 -4.12 -25.10
C GLN D 331 13.55 -5.18 -25.99
N VAL D 332 12.44 -4.86 -26.63
CA VAL D 332 11.85 -5.78 -27.59
C VAL D 332 12.79 -5.98 -28.76
N LYS D 333 13.41 -4.89 -29.24
CA LYS D 333 14.36 -4.99 -30.34
C LYS D 333 15.58 -5.79 -29.96
N TYR D 334 15.98 -5.75 -28.68
CA TYR D 334 17.16 -6.47 -28.25
C TYR D 334 16.94 -7.97 -28.26
N LEU D 335 15.80 -8.43 -27.73
CA LEU D 335 15.45 -9.83 -27.84
C LEU D 335 15.36 -10.26 -29.30
N GLY D 336 14.79 -9.41 -30.15
CA GLY D 336 14.67 -9.76 -31.55
C GLY D 336 16.01 -9.87 -32.24
N ASP D 337 16.89 -8.88 -32.01
CA ASP D 337 18.22 -8.92 -32.61
C ASP D 337 19.03 -10.10 -32.11
N ARG D 338 18.87 -10.49 -30.84
CA ARG D 338 19.57 -11.68 -30.35
C ARG D 338 19.16 -12.92 -31.13
N LEU D 339 17.87 -13.06 -31.42
CA LEU D 339 17.39 -14.22 -32.16
C LEU D 339 17.73 -14.11 -33.64
N ARG D 340 17.63 -12.90 -34.20
CA ARG D 340 17.92 -12.71 -35.61
C ARG D 340 19.41 -12.89 -35.90
N GLU D 341 20.27 -12.43 -34.99
CA GLU D 341 21.71 -12.63 -35.15
C GLU D 341 22.08 -14.12 -35.13
N ALA D 342 21.25 -14.95 -34.52
CA ALA D 342 21.51 -16.38 -34.39
C ALA D 342 20.77 -17.22 -35.42
N GLY D 343 20.11 -16.59 -36.38
CA GLY D 343 19.43 -17.32 -37.43
C GLY D 343 17.98 -17.65 -37.18
N ILE D 344 17.37 -17.10 -36.13
CA ILE D 344 15.95 -17.34 -35.86
C ILE D 344 15.14 -16.34 -36.68
N PRO D 345 14.24 -16.81 -37.54
CA PRO D 345 13.43 -15.88 -38.37
C PRO D 345 12.35 -15.20 -37.53
N ILE D 346 12.37 -13.87 -37.51
CA ILE D 346 11.38 -13.10 -36.79
C ILE D 346 10.73 -12.11 -37.74
N GLN D 347 9.55 -11.63 -37.35
CA GLN D 347 8.93 -10.52 -38.08
C GLN D 347 9.81 -9.28 -37.94
N TYR D 348 10.36 -8.83 -39.06
CA TYR D 348 11.35 -7.77 -39.03
C TYR D 348 10.82 -6.51 -39.70
N PRO D 349 10.90 -5.35 -39.06
CA PRO D 349 11.50 -5.08 -37.74
C PRO D 349 10.60 -5.50 -36.59
N THR D 350 11.15 -5.58 -35.38
CA THR D 350 10.33 -5.90 -34.22
C THR D 350 9.31 -4.80 -34.00
N GLY D 351 8.13 -5.18 -33.52
CA GLY D 351 7.10 -4.24 -33.16
C GLY D 351 7.29 -3.73 -31.75
N GLY D 352 6.20 -3.23 -31.17
CA GLY D 352 6.31 -2.50 -29.92
C GLY D 352 6.35 -3.35 -28.68
N HIS D 353 5.66 -4.50 -28.68
CA HIS D 353 5.36 -5.20 -27.44
C HIS D 353 5.82 -6.65 -27.41
N ALA D 354 6.38 -7.17 -28.49
CA ALA D 354 6.64 -8.59 -28.55
C ALA D 354 7.57 -8.87 -29.73
N VAL D 355 8.23 -10.03 -29.67
CA VAL D 355 8.93 -10.59 -30.81
C VAL D 355 8.09 -11.71 -31.37
N PHE D 356 7.89 -11.70 -32.69
CA PHE D 356 7.07 -12.68 -33.39
C PHE D 356 7.99 -13.59 -34.18
N VAL D 357 8.15 -14.82 -33.71
CA VAL D 357 9.03 -15.80 -34.35
C VAL D 357 8.24 -16.52 -35.44
N ASP D 358 8.76 -16.48 -36.67
CA ASP D 358 8.10 -17.08 -37.82
C ASP D 358 8.42 -18.58 -37.82
N CYS D 359 7.46 -19.39 -37.37
CA CYS D 359 7.68 -20.81 -37.22
C CYS D 359 7.41 -21.59 -38.50
N LYS D 360 6.69 -21.01 -39.45
CA LYS D 360 6.56 -21.63 -40.77
C LYS D 360 7.92 -21.86 -41.40
N LYS D 361 8.88 -21.00 -41.08
CA LYS D 361 10.28 -21.21 -41.48
C LYS D 361 11.05 -22.07 -40.49
N LEU D 362 10.70 -22.02 -39.21
CA LEU D 362 11.46 -22.74 -38.20
C LEU D 362 11.19 -24.24 -38.27
N VAL D 363 9.93 -24.63 -38.42
CA VAL D 363 9.56 -26.05 -38.38
C VAL D 363 8.73 -26.35 -39.62
N PRO D 364 9.38 -26.63 -40.76
CA PRO D 364 8.64 -26.79 -42.01
C PRO D 364 7.93 -28.13 -42.11
N GLN D 365 8.43 -29.15 -41.42
CA GLN D 365 7.86 -30.48 -41.55
C GLN D 365 6.48 -30.60 -40.92
N ILE D 366 6.05 -29.63 -40.13
CA ILE D 366 4.71 -29.61 -39.54
C ILE D 366 3.83 -28.73 -40.41
N PRO D 367 2.71 -29.23 -40.94
CA PRO D 367 1.81 -28.38 -41.71
C PRO D 367 1.05 -27.41 -40.81
N GLY D 368 0.38 -26.45 -41.45
CA GLY D 368 -0.31 -25.41 -40.68
C GLY D 368 -1.41 -25.98 -39.81
N ASP D 369 -2.22 -26.89 -40.36
CA ASP D 369 -3.34 -27.47 -39.62
C ASP D 369 -2.89 -28.31 -38.43
N GLN D 370 -1.59 -28.59 -38.30
CA GLN D 370 -1.06 -29.28 -37.13
C GLN D 370 -0.37 -28.32 -36.16
N PHE D 371 -0.55 -27.01 -36.35
CA PHE D 371 -0.14 -25.97 -35.41
C PHE D 371 1.37 -25.98 -35.19
N PRO D 372 2.16 -25.52 -36.17
CA PRO D 372 3.62 -25.61 -36.02
C PRO D 372 4.17 -24.64 -35.00
N ALA D 373 3.61 -23.42 -34.92
CA ALA D 373 4.08 -22.47 -33.92
C ALA D 373 3.78 -22.97 -32.51
N GLN D 374 2.63 -23.61 -32.32
CA GLN D 374 2.30 -24.18 -31.02
C GLN D 374 3.28 -25.27 -30.63
N ALA D 375 3.83 -25.99 -31.61
CA ALA D 375 4.81 -27.03 -31.31
C ALA D 375 6.14 -26.43 -30.87
N VAL D 376 6.51 -25.29 -31.43
CA VAL D 376 7.71 -24.59 -30.97
C VAL D 376 7.50 -24.06 -29.56
N ILE D 377 6.28 -23.60 -29.26
CA ILE D 377 5.98 -23.02 -27.95
C ILE D 377 6.03 -24.08 -26.87
N ASN D 378 5.37 -25.22 -27.10
CA ASN D 378 5.37 -26.29 -26.11
C ASN D 378 6.78 -26.82 -25.90
N ALA D 379 7.58 -26.87 -26.98
CA ALA D 379 8.97 -27.29 -26.85
C ALA D 379 9.80 -26.25 -26.10
N LEU D 380 9.53 -24.97 -26.34
CA LEU D 380 10.24 -23.92 -25.61
C LEU D 380 9.95 -23.99 -24.12
N TYR D 381 8.69 -24.26 -23.74
CA TYR D 381 8.34 -24.30 -22.33
C TYR D 381 9.03 -25.46 -21.62
N LEU D 382 8.88 -26.67 -22.17
CA LEU D 382 9.52 -27.84 -21.56
C LEU D 382 11.02 -27.64 -21.39
N GLU D 383 11.64 -26.90 -22.31
CA GLU D 383 13.08 -26.71 -22.26
C GLU D 383 13.51 -25.69 -21.23
N SER D 384 12.67 -24.69 -20.93
CA SER D 384 13.14 -23.52 -20.18
C SER D 384 12.16 -22.94 -19.18
N GLY D 385 10.89 -23.33 -19.19
CA GLY D 385 9.92 -22.72 -18.30
C GLY D 385 9.36 -21.41 -18.78
N VAL D 386 9.68 -20.98 -19.99
CA VAL D 386 9.15 -19.77 -20.59
C VAL D 386 7.83 -20.11 -21.27
N ARG D 387 6.79 -19.33 -20.99
CA ARG D 387 5.47 -19.54 -21.57
C ARG D 387 5.23 -18.50 -22.65
N ALA D 388 4.98 -18.95 -23.87
CA ALA D 388 4.65 -18.08 -25.00
C ALA D 388 3.24 -18.42 -25.50
N VAL D 389 2.79 -17.65 -26.50
CA VAL D 389 1.45 -17.80 -27.04
C VAL D 389 1.53 -17.90 -28.56
N GLU D 390 0.56 -18.61 -29.14
CA GLU D 390 0.56 -18.90 -30.57
C GLU D 390 -0.28 -17.87 -31.32
N ILE D 391 0.23 -17.45 -32.48
CA ILE D 391 -0.53 -16.57 -33.36
C ILE D 391 -0.46 -17.12 -34.77
N GLY D 392 -1.26 -18.15 -35.03
CA GLY D 392 -1.29 -18.82 -36.32
C GLY D 392 -2.55 -19.62 -36.50
N SER D 393 -2.40 -20.88 -36.91
CA SER D 393 -3.57 -21.70 -37.21
C SER D 393 -4.37 -22.03 -35.97
N PHE D 394 -3.69 -22.35 -34.86
CA PHE D 394 -4.39 -22.66 -33.62
C PHE D 394 -5.25 -21.49 -33.17
N LEU D 395 -4.76 -20.26 -33.33
CA LEU D 395 -5.56 -19.08 -33.04
C LEU D 395 -6.71 -18.93 -34.03
N LEU D 396 -6.42 -19.10 -35.32
CA LEU D 396 -7.45 -18.97 -36.36
C LEU D 396 -8.51 -20.06 -36.23
N ALA D 401 -17.74 -27.10 -43.63
CA ALA D 401 -18.06 -25.71 -43.97
C ALA D 401 -16.99 -24.77 -43.44
N THR D 402 -17.39 -23.88 -42.53
CA THR D 402 -16.44 -22.99 -41.88
C THR D 402 -15.60 -23.72 -40.85
N GLY D 403 -16.08 -24.84 -40.31
CA GLY D 403 -15.36 -25.59 -39.30
C GLY D 403 -14.05 -26.19 -39.76
N GLU D 404 -13.87 -26.35 -41.07
CA GLU D 404 -12.59 -26.82 -41.59
C GLU D 404 -11.49 -25.82 -41.26
N GLN D 405 -10.29 -26.35 -41.00
CA GLN D 405 -9.15 -25.54 -40.58
C GLN D 405 -8.87 -24.39 -41.54
N LYS D 406 -9.06 -23.16 -41.09
CA LYS D 406 -8.84 -22.00 -41.94
C LYS D 406 -7.35 -21.81 -42.21
N HIS D 407 -7.04 -21.41 -43.44
CA HIS D 407 -5.64 -21.20 -43.83
C HIS D 407 -5.08 -19.97 -43.11
N ALA D 408 -3.84 -20.09 -42.67
CA ALA D 408 -3.14 -19.02 -41.95
C ALA D 408 -2.05 -18.43 -42.84
N ASP D 409 -2.10 -17.10 -43.03
CA ASP D 409 -1.03 -16.43 -43.75
C ASP D 409 0.29 -16.50 -43.00
N MET D 410 0.24 -16.53 -41.67
CA MET D 410 1.42 -16.52 -40.84
CA MET D 410 1.43 -16.53 -40.84
C MET D 410 1.25 -17.49 -39.68
N GLU D 411 2.38 -18.06 -39.24
CA GLU D 411 2.44 -18.98 -38.10
C GLU D 411 3.50 -18.42 -37.16
N PHE D 412 3.06 -17.59 -36.21
CA PHE D 412 3.96 -16.89 -35.31
C PHE D 412 3.92 -17.52 -33.91
N MET D 413 5.09 -17.52 -33.26
CA MET D 413 5.18 -17.66 -31.81
C MET D 413 5.46 -16.27 -31.24
N ARG D 414 4.56 -15.77 -30.41
CA ARG D 414 4.67 -14.41 -29.87
C ARG D 414 5.34 -14.47 -28.51
N LEU D 415 6.52 -13.84 -28.41
CA LEU D 415 7.23 -13.68 -27.14
C LEU D 415 6.85 -12.31 -26.61
N THR D 416 5.78 -12.27 -25.81
CA THR D 416 5.16 -11.01 -25.41
C THR D 416 5.79 -10.50 -24.12
N ILE D 417 6.17 -9.22 -24.11
CA ILE D 417 7.00 -8.65 -23.06
C ILE D 417 6.17 -7.65 -22.26
N ALA D 418 5.88 -7.99 -21.02
CA ALA D 418 5.27 -7.04 -20.10
C ALA D 418 6.18 -5.84 -19.89
N ARG D 419 5.58 -4.72 -19.51
CA ARG D 419 6.29 -3.45 -19.43
C ARG D 419 6.93 -3.28 -18.06
N ARG D 420 8.25 -3.05 -18.06
CA ARG D 420 9.02 -2.72 -16.86
C ARG D 420 9.06 -3.88 -15.87
N VAL D 421 8.97 -5.11 -16.37
CA VAL D 421 8.93 -6.29 -15.52
C VAL D 421 10.22 -7.10 -15.60
N TYR D 422 10.74 -7.32 -16.80
CA TYR D 422 11.90 -8.17 -16.99
C TYR D 422 13.10 -7.35 -17.45
N THR D 423 14.28 -7.80 -17.03
CA THR D 423 15.52 -7.15 -17.40
C THR D 423 16.05 -7.75 -18.69
N ASN D 424 17.10 -7.12 -19.23
CA ASN D 424 17.72 -7.66 -20.43
C ASN D 424 18.42 -8.99 -20.17
N ASP D 425 18.76 -9.28 -18.91
CA ASP D 425 19.29 -10.61 -18.59
C ASP D 425 18.20 -11.67 -18.64
N HIS D 426 16.95 -11.30 -18.33
CA HIS D 426 15.83 -12.18 -18.61
C HIS D 426 15.68 -12.40 -20.11
N MET D 427 15.86 -11.34 -20.91
CA MET D 427 15.79 -11.48 -22.36
C MET D 427 16.88 -12.42 -22.89
N ASP D 428 18.09 -12.34 -22.33
CA ASP D 428 19.14 -13.28 -22.71
C ASP D 428 18.74 -14.72 -22.41
N TYR D 429 18.11 -14.94 -21.25
CA TYR D 429 17.65 -16.28 -20.91
C TYR D 429 16.64 -16.80 -21.92
N ILE D 430 15.71 -15.93 -22.35
CA ILE D 430 14.74 -16.31 -23.37
C ILE D 430 15.44 -16.65 -24.68
N ALA D 431 16.33 -15.75 -25.13
CA ALA D 431 16.99 -15.95 -26.41
C ALA D 431 17.84 -17.22 -26.41
N ASP D 432 18.68 -17.39 -25.38
CA ASP D 432 19.52 -18.59 -25.33
C ASP D 432 18.69 -19.86 -25.30
N ALA D 433 17.56 -19.82 -24.60
CA ALA D 433 16.70 -21.00 -24.52
C ALA D 433 16.15 -21.37 -25.90
N LEU D 434 15.71 -20.38 -26.68
CA LEU D 434 15.16 -20.68 -28.00
C LEU D 434 16.27 -21.03 -28.98
N ILE D 435 17.36 -20.26 -28.98
CA ILE D 435 18.53 -20.60 -29.79
C ILE D 435 18.98 -22.03 -29.51
N GLY D 436 18.91 -22.45 -28.24
CA GLY D 436 19.34 -23.78 -27.87
C GLY D 436 18.48 -24.90 -28.42
N LEU D 437 17.36 -24.58 -29.05
CA LEU D 437 16.47 -25.58 -29.62
C LEU D 437 16.61 -25.72 -31.13
N LYS D 438 17.67 -25.15 -31.72
CA LYS D 438 17.78 -25.13 -33.17
C LYS D 438 17.91 -26.53 -33.75
N GLU D 439 18.57 -27.45 -33.05
CA GLU D 439 18.73 -28.81 -33.54
C GLU D 439 17.52 -29.69 -33.26
N LYS D 440 16.65 -29.29 -32.34
CA LYS D 440 15.44 -30.06 -32.05
C LYS D 440 14.26 -29.65 -32.93
N PHE D 441 14.37 -28.56 -33.68
CA PHE D 441 13.24 -28.06 -34.44
C PHE D 441 12.77 -29.06 -35.51
N ALA D 442 13.72 -29.66 -36.23
CA ALA D 442 13.37 -30.60 -37.30
C ALA D 442 12.65 -31.84 -36.78
N THR D 443 12.84 -32.18 -35.50
CA THR D 443 12.27 -33.39 -34.93
C THR D 443 10.91 -33.15 -34.28
N LEU D 444 10.43 -31.91 -34.24
CA LEU D 444 9.18 -31.61 -33.57
C LEU D 444 7.98 -32.19 -34.33
N LYS D 445 6.97 -32.59 -33.58
CA LYS D 445 5.76 -33.19 -34.13
C LYS D 445 4.58 -32.25 -33.98
N GLY D 446 3.55 -32.49 -34.80
CA GLY D 446 2.37 -31.66 -34.79
C GLY D 446 1.52 -31.89 -33.55
N LEU D 447 0.32 -31.30 -33.59
CA LEU D 447 -0.61 -31.35 -32.48
C LEU D 447 -2.03 -31.52 -33.00
N GLU D 448 -2.86 -32.23 -32.24
CA GLU D 448 -4.22 -32.51 -32.62
C GLU D 448 -5.17 -32.18 -31.48
N PHE D 449 -6.38 -31.75 -31.84
CA PHE D 449 -7.38 -31.38 -30.84
C PHE D 449 -7.83 -32.59 -30.04
N GLU D 450 -8.09 -32.37 -28.75
CA GLU D 450 -8.87 -33.28 -27.93
C GLU D 450 -10.21 -32.70 -27.51
N TYR D 451 -10.26 -31.38 -27.28
CA TYR D 451 -11.51 -30.66 -27.00
C TYR D 451 -11.40 -29.30 -27.65
N GLU D 452 -12.36 -28.97 -28.53
CA GLU D 452 -12.31 -27.73 -29.27
C GLU D 452 -13.54 -26.88 -29.01
N PRO D 453 -13.39 -25.68 -28.43
CA PRO D 453 -14.54 -24.78 -28.31
C PRO D 453 -14.96 -24.24 -29.66
N PRO D 454 -16.21 -23.80 -29.80
CA PRO D 454 -16.65 -23.27 -31.10
C PRO D 454 -16.10 -21.88 -31.38
N VAL D 455 -15.82 -21.08 -30.36
CA VAL D 455 -15.38 -19.70 -30.53
C VAL D 455 -14.21 -19.43 -29.59
N LEU D 456 -13.15 -18.80 -30.11
CA LEU D 456 -11.92 -18.54 -29.38
C LEU D 456 -11.40 -19.83 -28.74
N ARG D 457 -10.97 -20.73 -29.63
CA ARG D 457 -10.63 -22.08 -29.21
C ARG D 457 -9.28 -22.14 -28.52
N HIS D 458 -8.34 -21.28 -28.92
CA HIS D 458 -6.97 -21.35 -28.40
C HIS D 458 -6.90 -21.12 -26.90
N PHE D 459 -7.96 -20.57 -26.30
CA PHE D 459 -7.92 -20.22 -24.89
C PHE D 459 -8.09 -21.43 -23.98
N THR D 460 -9.10 -22.27 -24.26
CA THR D 460 -9.45 -23.36 -23.35
C THR D 460 -9.33 -24.75 -23.97
N ALA D 461 -8.84 -24.85 -25.19
CA ALA D 461 -8.76 -26.14 -25.87
C ALA D 461 -7.64 -27.01 -25.30
N ARG D 462 -7.88 -28.32 -25.29
CA ARG D 462 -6.88 -29.30 -24.88
C ARG D 462 -6.36 -30.03 -26.12
N LEU D 463 -5.05 -30.19 -26.19
CA LEU D 463 -4.38 -30.76 -27.35
C LEU D 463 -3.61 -32.01 -26.95
N LYS D 464 -3.17 -32.75 -27.97
CA LYS D 464 -2.36 -33.94 -27.78
C LYS D 464 -1.38 -34.02 -28.96
N PRO D 465 -0.15 -34.45 -28.71
CA PRO D 465 0.83 -34.57 -29.80
C PRO D 465 0.38 -35.59 -30.83
N ILE D 466 0.80 -35.37 -32.08
CA ILE D 466 0.40 -36.24 -33.17
C ILE D 466 1.36 -37.42 -33.36
N GLU D 467 2.63 -37.25 -32.99
CA GLU D 467 3.71 -38.23 -33.12
C GLU D 467 3.33 -39.67 -33.50
K K E . 4.26 2.48 16.71
N1 F0G F . 8.12 14.54 25.41
C2 F0G F . 6.84 14.36 25.79
C2A F0G F . 6.06 15.51 26.34
C3 F0G F . 6.24 13.11 25.67
O3 F0G F . 4.95 12.93 26.04
C4 F0G F . 6.99 12.06 25.16
C4A F0G F . 6.44 10.84 25.02
C5 F0G F . 8.31 12.27 24.77
C6 F0G F . 8.86 13.54 24.91
C5A F0G F . 9.13 11.14 24.21
O4P F0G F . 8.85 10.99 22.85
O1P F0G F . 10.47 9.09 22.34
O2P F0G F . 8.68 9.55 20.79
O3P F0G F . 8.21 8.54 22.94
N F0G F . 5.30 10.54 25.59
CA F0G F . 4.70 9.17 25.41
C F0G F . 3.57 8.93 26.40
CB F0G F . 5.80 8.11 25.56
OXT F0G F . 2.98 9.89 26.94
O F0G F . 3.21 7.76 26.66
P10 F0G F . 9.06 9.51 22.22
K K G . 16.44 4.77 3.80
S DMS H . 38.25 -13.38 -11.83
O DMS H . 39.17 -13.93 -10.79
C1 DMS H . 36.99 -14.61 -12.22
C2 DMS H . 37.24 -12.12 -11.00
OP2 PLI I . 24.06 2.91 9.35
P PLI I . 23.53 2.14 10.54
OP1 PLI I . 23.55 2.84 11.88
OP3 PLI I . 22.34 1.21 10.29
OP4 PLI I . 24.83 0.96 10.75
C5A PLI I . 26.08 1.38 11.09
C5 PLI I . 27.04 0.31 10.61
C6 PLI I . 27.50 -0.57 11.52
N1 PLI I . 28.39 -1.58 11.17
C2 PLI I . 28.81 -1.70 9.84
C2A PLI I . 29.75 -2.80 9.50
C3 PLI I . 28.37 -0.85 8.88
O3A PLI I . 28.77 -0.95 7.60
C4 PLI I . 27.44 0.25 9.22
C4A PLI I . 26.93 1.16 8.34
N PLI I . 27.52 1.27 7.06
CA PLI I . 27.07 2.11 6.21
CB PLI I . 26.58 3.40 6.69
C PLI I . 27.92 2.18 5.00
O PLI I . 28.83 1.32 4.93
OXT PLI I . 27.69 3.03 4.11
K K J . -3.61 -8.57 -14.38
K K K . -15.89 1.19 -5.79
S DMS L . -37.69 -3.01 17.81
O DMS L . -37.08 -2.20 16.71
C1 DMS L . -36.50 -3.15 19.18
C2 DMS L . -37.78 -4.75 17.30
OP2 PLI M . -23.49 -3.81 -8.80
P PLI M . -22.92 -5.13 -9.27
OP1 PLI M . -22.97 -5.40 -10.76
OP3 PLI M . -21.70 -5.65 -8.55
OP4 PLI M . -24.19 -6.23 -8.70
C5A PLI M . -25.44 -6.14 -9.25
C5 PLI M . -26.42 -6.65 -8.23
C6 PLI M . -26.88 -7.91 -8.39
N1 PLI M . -27.79 -8.47 -7.49
C2 PLI M . -28.24 -7.72 -6.39
C2A PLI M . -29.20 -8.33 -5.46
C3 PLI M . -27.80 -6.44 -6.19
O3A PLI M . -28.24 -5.72 -5.14
C4 PLI M . -26.85 -5.81 -7.10
C4A PLI M . -26.37 -4.54 -6.98
N PLI M . -27.03 -3.62 -6.09
CA PLI M . -26.53 -2.49 -5.82
CB PLI M . -25.81 -1.78 -6.87
C PLI M . -27.43 -1.63 -5.00
O PLI M . -27.12 -0.39 -4.96
OXT PLI M . -28.40 -2.12 -4.40
N1 F0G N . -7.62 -4.95 -28.79
C2 F0G N . -6.33 -5.31 -28.93
C2A F0G N . -5.54 -4.79 -30.10
C3 F0G N . -5.73 -6.16 -28.02
O3 F0G N . -4.43 -6.52 -28.18
C4 F0G N . -6.49 -6.65 -26.95
C4A F0G N . -5.91 -7.47 -26.06
C5 F0G N . -7.82 -6.25 -26.82
C6 F0G N . -8.37 -5.39 -27.76
C5A F0G N . -8.65 -6.73 -25.67
O4P F0G N . -8.32 -5.98 -24.55
O1P F0G N . -8.15 -5.69 -22.06
O2P F0G N . -7.66 -7.87 -23.04
O3P F0G N . -9.95 -7.02 -22.93
N F0G N . -4.81 -8.10 -26.35
CA F0G N . -4.14 -9.01 -25.35
C F0G N . -2.98 -9.76 -25.96
CB F0G N . -5.15 -9.97 -24.73
OXT F0G N . -2.42 -10.66 -25.30
O F0G N . -2.59 -9.49 -27.12
P10 F0G N . -8.52 -6.67 -23.11
#